data_6ESB
#
_entry.id   6ESB
#
loop_
_entity.id
_entity.type
_entity.pdbx_description
1 polymer 'Capsid protein VP1'
2 polymer 'Minor capsid protein VP2'
3 branched 'N-acetyl-alpha-neuraminic acid-(2-8)-N-acetyl-alpha-neuraminic acid'
4 non-polymer 'CALCIUM ION'
#
loop_
_entity_poly.entity_id
_entity_poly.type
_entity_poly.pdbx_seq_one_letter_code
_entity_poly.pdbx_strand_id
1 'polypeptide(L)'
;APTKRKGECPGAAPKKPKEPVQVPKLLIKGGVEVLEVKTGVDAITEVECFLNPEMGDPDENLRGFSLKLSAENDFSSDSP
ERKMLPCYSTARIPLPNLNEDLTCGNLLMWEAVTVQTEVIGITSMLNLHAGSQKVHEHGGGKPIQGSNFHFFAVGGDPLE
MQGVLMNYRTKYPDGTITPKNPTAQSQVMNTDHKAYLDKNNAYPVECWVPDPSRNENTRYFGTFTGGENVPPVLHVTNTA
TTVLLDEQGVGPLCKADSLYVSAADICGLFTNSSGTQQWRGLARYFKIRLRKRSVKNPYPISFLLSDLINRRTQRVDGQP
MYGMESQVEEVRVFDGTERLPGDPDMIRYIDKQGQLQTKML
;
1,2,3,4,5,6
2 'polypeptide(L)'
;GAALALLGDLVASVSEAAAATGFSVAEIAAGEAAAAIEVQIASLATVEGITSTSEAIAAIGLTPQTYAVIAGAPGAIAGF
AALIQTVSGISSLAQVGYRFFSDWDHKVSTVGLYQQSGMALELFNPDEYYDILFPGVNTFVNNIQYLDPRHWGPSLFATI
SQALWHVIRDDIPSITSQELQRRTERFFRDSLARFLEETTWTIVNAPINFYNYIQQYYSDLSPIRPSMVRQVAEREGTRV
HFGHTYSIDDADSIEEVTQRMDLRNQQSVHSGEFIEKTIAPGGANQRTAPQWMLPLLLGLYGTVTPALEAYEDGPNQKKR
RVSRGSSQKAKGTRASAKTTNKRRSRSSRS
;
7
#
loop_
_chem_comp.id
_chem_comp.type
_chem_comp.name
_chem_comp.formula
CA non-polymer 'CALCIUM ION' 'Ca 2'
SIA D-saccharide, alpha linking 'N-acetyl-alpha-neuraminic acid' 'C11 H19 N O9'
#
# COMPACT_ATOMS: atom_id res chain seq x y z
N PRO A 14 1.40 42.19 4.02
CA PRO A 14 1.86 40.93 4.62
C PRO A 14 2.65 40.07 3.64
N LYS A 15 2.26 38.82 3.50
CA LYS A 15 2.85 37.89 2.54
C LYS A 15 1.83 37.59 1.45
N LYS A 16 2.26 37.71 0.19
CA LYS A 16 1.28 37.40 -0.85
C LYS A 16 1.55 36.03 -1.44
N PRO A 17 0.50 35.27 -1.76
CA PRO A 17 0.71 33.97 -2.40
C PRO A 17 1.22 34.11 -3.82
N LYS A 18 1.84 33.04 -4.30
CA LYS A 18 2.51 33.06 -5.59
C LYS A 18 1.50 32.97 -6.73
N GLU A 19 2.00 32.99 -7.94
CA GLU A 19 1.16 32.75 -9.10
C GLU A 19 0.82 31.27 -9.17
N PRO A 20 -0.31 30.91 -9.79
CA PRO A 20 -0.62 29.49 -9.97
C PRO A 20 0.35 28.81 -10.92
N VAL A 21 0.40 27.50 -10.79
CA VAL A 21 1.33 26.67 -11.55
C VAL A 21 0.77 26.44 -12.95
N GLN A 22 1.64 26.48 -13.95
CA GLN A 22 1.23 26.26 -15.33
C GLN A 22 0.91 24.77 -15.53
N VAL A 23 -0.35 24.48 -15.81
CA VAL A 23 -0.81 23.11 -16.08
C VAL A 23 -1.20 23.06 -17.55
N PRO A 24 -1.29 21.89 -18.20
CA PRO A 24 -1.72 21.87 -19.60
C PRO A 24 -3.18 22.26 -19.75
N LYS A 25 -3.45 23.08 -20.76
CA LYS A 25 -4.77 23.67 -20.95
C LYS A 25 -5.72 22.66 -21.56
N LEU A 26 -6.81 22.37 -20.85
CA LEU A 26 -7.88 21.58 -21.44
C LEU A 26 -8.57 22.41 -22.52
N LEU A 27 -8.86 21.78 -23.65
CA LEU A 27 -9.53 22.45 -24.75
C LEU A 27 -10.96 22.01 -24.94
N ILE A 28 -11.21 20.72 -25.05
CA ILE A 28 -12.54 20.21 -25.35
C ILE A 28 -12.70 18.86 -24.66
N LYS A 29 -13.88 18.65 -24.08
CA LYS A 29 -14.18 17.40 -23.41
C LYS A 29 -15.53 16.88 -23.89
N GLY A 30 -15.58 15.61 -24.27
CA GLY A 30 -16.83 15.00 -24.66
C GLY A 30 -16.68 13.52 -24.97
N GLY A 31 -17.57 12.98 -25.78
CA GLY A 31 -17.56 11.57 -26.07
C GLY A 31 -16.76 11.21 -27.31
N VAL A 32 -17.35 10.38 -28.17
CA VAL A 32 -16.66 9.93 -29.38
C VAL A 32 -16.50 11.06 -30.38
N GLU A 33 -17.35 12.08 -30.33
CA GLU A 33 -17.37 13.15 -31.32
C GLU A 33 -16.17 14.08 -31.23
N VAL A 34 -15.39 14.01 -30.15
CA VAL A 34 -14.17 14.79 -30.05
C VAL A 34 -13.06 14.16 -30.91
N LEU A 35 -13.19 12.88 -31.23
CA LEU A 35 -12.27 12.19 -32.12
C LEU A 35 -12.51 12.48 -33.60
N GLU A 36 -13.27 13.54 -33.91
CA GLU A 36 -13.37 14.09 -35.25
C GLU A 36 -12.75 15.48 -35.36
N VAL A 37 -12.62 16.19 -34.23
CA VAL A 37 -12.19 17.58 -34.23
C VAL A 37 -10.71 17.68 -34.60
N LYS A 38 -10.40 18.56 -35.54
CA LYS A 38 -9.01 18.85 -35.86
C LYS A 38 -8.37 19.65 -34.74
N THR A 39 -7.22 19.19 -34.26
CA THR A 39 -6.50 19.81 -33.18
C THR A 39 -5.16 20.32 -33.69
N GLY A 40 -4.38 20.90 -32.78
CA GLY A 40 -3.06 21.41 -33.12
C GLY A 40 -2.04 20.30 -33.23
N VAL A 41 -0.80 20.71 -33.48
CA VAL A 41 0.29 19.75 -33.61
C VAL A 41 0.64 19.18 -32.24
N ASP A 42 0.83 20.04 -31.25
CA ASP A 42 1.22 19.62 -29.91
C ASP A 42 0.00 19.38 -29.03
N ALA A 43 -0.95 18.60 -29.52
CA ALA A 43 -2.18 18.31 -28.79
C ALA A 43 -2.10 16.91 -28.21
N ILE A 44 -2.47 16.78 -26.94
CA ILE A 44 -2.33 15.55 -26.20
C ILE A 44 -3.74 15.10 -25.83
N THR A 45 -4.20 14.02 -26.45
CA THR A 45 -5.54 13.53 -26.19
C THR A 45 -5.51 12.36 -25.22
N GLU A 46 -6.61 12.16 -24.51
CA GLU A 46 -6.76 11.06 -23.56
C GLU A 46 -8.08 10.37 -23.85
N VAL A 47 -8.00 9.19 -24.43
CA VAL A 47 -9.18 8.41 -24.81
C VAL A 47 -9.50 7.47 -23.67
N GLU A 48 -10.69 7.58 -23.11
CA GLU A 48 -11.13 6.74 -22.00
C GLU A 48 -12.25 5.84 -22.50
N CYS A 49 -12.10 4.54 -22.32
CA CYS A 49 -13.04 3.59 -22.89
C CYS A 49 -13.09 2.34 -22.03
N PHE A 50 -13.83 1.33 -22.48
CA PHE A 50 -13.93 0.06 -21.78
C PHE A 50 -14.19 -1.04 -22.79
N LEU A 51 -14.04 -2.29 -22.34
CA LEU A 51 -14.36 -3.47 -23.13
C LEU A 51 -15.17 -4.41 -22.27
N ASN A 52 -16.37 -4.77 -22.72
CA ASN A 52 -17.19 -5.72 -21.99
C ASN A 52 -16.61 -7.13 -22.12
N PRO A 53 -16.76 -7.97 -21.10
CA PRO A 53 -16.28 -9.34 -21.19
C PRO A 53 -17.23 -10.20 -22.02
N GLU A 54 -16.65 -11.20 -22.68
CA GLU A 54 -17.39 -12.08 -23.58
C GLU A 54 -17.13 -13.50 -23.09
N MET A 55 -17.96 -13.95 -22.14
CA MET A 55 -17.74 -15.19 -21.43
C MET A 55 -18.62 -16.31 -21.94
N GLY A 56 -19.29 -16.10 -23.07
CA GLY A 56 -20.13 -17.13 -23.66
C GLY A 56 -21.59 -16.73 -23.72
N ASP A 57 -22.12 -16.17 -22.62
CA ASP A 57 -23.48 -15.66 -22.47
C ASP A 57 -24.54 -16.70 -22.83
N PRO A 58 -24.79 -17.69 -21.97
CA PRO A 58 -25.64 -18.83 -22.38
C PRO A 58 -27.10 -18.48 -22.62
N ASP A 59 -27.58 -17.36 -22.09
CA ASP A 59 -28.89 -16.83 -22.47
C ASP A 59 -28.87 -15.32 -22.27
N GLU A 60 -29.91 -14.67 -22.78
CA GLU A 60 -29.96 -13.21 -22.79
C GLU A 60 -30.23 -12.62 -21.42
N ASN A 61 -30.76 -13.41 -20.48
CA ASN A 61 -31.10 -12.94 -19.15
C ASN A 61 -29.96 -13.09 -18.16
N LEU A 62 -28.76 -13.41 -18.65
CA LEU A 62 -27.64 -13.73 -17.77
C LEU A 62 -26.34 -13.44 -18.56
N ARG A 63 -25.78 -12.28 -18.32
CA ARG A 63 -24.68 -11.73 -19.09
C ARG A 63 -23.41 -11.73 -18.27
N GLY A 64 -22.37 -12.35 -18.79
CA GLY A 64 -21.09 -12.38 -18.10
C GLY A 64 -20.71 -13.71 -17.50
N PHE A 65 -21.61 -14.69 -17.49
CA PHE A 65 -21.27 -16.04 -17.10
C PHE A 65 -20.97 -16.87 -18.34
N SER A 66 -20.70 -18.14 -18.13
CA SER A 66 -20.64 -19.14 -19.18
C SER A 66 -21.76 -20.15 -18.94
N LEU A 67 -21.77 -21.21 -19.75
CA LEU A 67 -22.69 -22.30 -19.50
C LEU A 67 -22.01 -23.26 -18.52
N LYS A 68 -22.79 -24.24 -18.03
CA LYS A 68 -22.27 -25.35 -17.25
C LYS A 68 -21.10 -26.03 -17.93
N LEU A 69 -19.99 -26.15 -17.21
CA LEU A 69 -18.80 -26.79 -17.74
C LEU A 69 -18.97 -28.30 -17.73
N SER A 70 -18.72 -28.92 -18.88
CA SER A 70 -18.60 -30.37 -18.91
C SER A 70 -17.29 -30.79 -18.27
N ALA A 71 -17.31 -31.95 -17.62
CA ALA A 71 -16.24 -32.32 -16.70
C ALA A 71 -15.23 -33.30 -17.30
N GLU A 72 -15.70 -34.46 -17.72
CA GLU A 72 -14.82 -35.60 -17.99
C GLU A 72 -15.05 -36.17 -19.39
N ASN A 73 -15.04 -35.29 -20.39
CA ASN A 73 -15.06 -35.76 -21.76
C ASN A 73 -13.74 -36.44 -22.10
N ASP A 74 -13.82 -37.43 -22.98
CA ASP A 74 -12.63 -38.13 -23.44
C ASP A 74 -11.78 -37.20 -24.31
N PHE A 75 -10.51 -37.55 -24.46
CA PHE A 75 -9.63 -36.73 -25.27
C PHE A 75 -10.00 -36.81 -26.75
N SER A 76 -10.51 -37.96 -27.19
CA SER A 76 -10.89 -38.06 -28.59
C SER A 76 -12.29 -37.52 -28.83
N SER A 77 -13.24 -37.92 -27.99
CA SER A 77 -14.63 -37.49 -28.15
C SER A 77 -14.91 -36.28 -27.26
N ASP A 78 -14.27 -35.17 -27.61
CA ASP A 78 -14.40 -33.92 -26.88
C ASP A 78 -15.04 -32.89 -27.80
N SER A 79 -16.14 -32.29 -27.35
CA SER A 79 -16.85 -31.29 -28.14
C SER A 79 -17.59 -30.35 -27.21
N PRO A 80 -17.02 -29.18 -26.92
CA PRO A 80 -17.74 -28.15 -26.19
C PRO A 80 -18.62 -27.35 -27.16
N GLU A 81 -19.28 -26.34 -26.62
CA GLU A 81 -20.07 -25.40 -27.41
C GLU A 81 -19.62 -23.98 -27.13
N ARG A 82 -20.24 -23.02 -27.82
CA ARG A 82 -19.81 -21.63 -27.72
C ARG A 82 -20.13 -21.02 -26.36
N LYS A 83 -21.19 -21.49 -25.72
CA LYS A 83 -21.67 -20.83 -24.52
C LYS A 83 -20.88 -21.19 -23.27
N MET A 84 -19.91 -22.10 -23.37
CA MET A 84 -19.05 -22.43 -22.24
C MET A 84 -17.58 -22.08 -22.50
N LEU A 85 -17.28 -21.41 -23.59
CA LEU A 85 -15.90 -21.05 -23.90
C LEU A 85 -15.73 -19.54 -23.83
N PRO A 86 -15.01 -19.01 -22.84
CA PRO A 86 -14.71 -17.58 -22.85
C PRO A 86 -13.78 -17.20 -23.99
N CYS A 87 -14.02 -16.03 -24.56
CA CYS A 87 -13.30 -15.58 -25.74
C CYS A 87 -12.66 -14.23 -25.47
N TYR A 88 -11.67 -13.90 -26.29
CA TYR A 88 -11.00 -12.61 -26.19
C TYR A 88 -11.93 -11.48 -26.61
N SER A 89 -11.74 -10.33 -26.00
CA SER A 89 -12.43 -9.10 -26.35
C SER A 89 -11.46 -8.18 -27.06
N THR A 90 -11.94 -7.48 -28.08
CA THR A 90 -11.11 -6.56 -28.84
C THR A 90 -11.99 -5.49 -29.44
N ALA A 91 -11.36 -4.38 -29.83
CA ALA A 91 -12.03 -3.24 -30.46
C ALA A 91 -10.96 -2.32 -31.04
N ARG A 92 -11.35 -1.52 -32.02
CA ARG A 92 -10.49 -0.49 -32.55
C ARG A 92 -11.12 0.88 -32.31
N ILE A 93 -10.27 1.88 -32.12
CA ILE A 93 -10.70 3.24 -31.80
C ILE A 93 -10.38 4.12 -33.00
N PRO A 94 -11.36 4.60 -33.74
CA PRO A 94 -11.08 5.37 -34.95
C PRO A 94 -10.56 6.77 -34.64
N LEU A 95 -9.29 6.96 -34.85
CA LEU A 95 -8.62 8.23 -34.66
C LEU A 95 -8.76 9.10 -35.89
N PRO A 96 -8.57 10.41 -35.78
CA PRO A 96 -8.58 11.26 -36.97
C PRO A 96 -7.43 10.95 -37.92
N ASN A 97 -7.68 11.20 -39.20
CA ASN A 97 -6.63 11.12 -40.21
C ASN A 97 -5.80 12.38 -40.09
N LEU A 98 -4.60 12.26 -39.52
CA LEU A 98 -3.73 13.40 -39.35
C LEU A 98 -3.03 13.80 -40.64
N ASN A 99 -3.16 13.00 -41.69
CA ASN A 99 -2.45 13.21 -42.95
C ASN A 99 -3.47 13.56 -44.02
N GLU A 100 -3.79 14.84 -44.08
CA GLU A 100 -4.70 15.37 -45.09
C GLU A 100 -4.03 16.43 -45.96
N ASP A 101 -2.81 16.84 -45.64
CA ASP A 101 -2.08 17.87 -46.37
C ASP A 101 -0.71 17.29 -46.68
N LEU A 102 -0.61 16.55 -47.78
CA LEU A 102 0.66 15.96 -48.16
C LEU A 102 1.44 16.86 -49.11
N THR A 103 1.59 18.13 -48.71
CA THR A 103 2.39 19.10 -49.42
C THR A 103 3.74 19.31 -48.76
N CYS A 104 3.77 19.37 -47.43
CA CYS A 104 4.99 19.58 -46.67
C CYS A 104 5.86 18.34 -46.57
N GLY A 105 5.39 17.18 -47.04
CA GLY A 105 6.28 16.05 -47.22
C GLY A 105 6.25 14.98 -46.16
N ASN A 106 6.18 15.36 -44.89
CA ASN A 106 6.31 14.41 -43.79
C ASN A 106 5.00 13.65 -43.56
N LEU A 107 4.90 12.97 -42.43
CA LEU A 107 3.76 12.11 -42.15
C LEU A 107 3.49 12.19 -40.66
N LEU A 108 2.36 12.79 -40.27
CA LEU A 108 1.97 12.80 -38.88
C LEU A 108 1.27 11.49 -38.53
N MET A 109 1.46 11.04 -37.29
CA MET A 109 0.94 9.75 -36.90
C MET A 109 0.76 9.70 -35.38
N TRP A 110 -0.34 9.08 -34.94
CA TRP A 110 -0.64 8.99 -33.53
C TRP A 110 0.31 8.04 -32.82
N GLU A 111 0.48 8.26 -31.52
CA GLU A 111 1.34 7.41 -30.69
C GLU A 111 0.67 7.19 -29.35
N ALA A 112 0.41 5.94 -29.00
CA ALA A 112 -0.03 5.61 -27.64
C ALA A 112 1.16 5.71 -26.70
N VAL A 113 1.04 6.54 -25.67
CA VAL A 113 2.15 6.87 -24.80
C VAL A 113 2.00 6.23 -23.43
N THR A 114 0.77 6.19 -22.91
CA THR A 114 0.53 5.83 -21.52
C THR A 114 -0.84 5.21 -21.39
N VAL A 115 -0.91 4.00 -20.88
CA VAL A 115 -2.19 3.37 -20.60
C VAL A 115 -2.39 3.38 -19.08
N GLN A 116 -3.65 3.46 -18.67
CA GLN A 116 -4.03 3.47 -17.26
C GLN A 116 -5.29 2.63 -17.16
N THR A 117 -5.13 1.35 -16.88
CA THR A 117 -6.20 0.37 -16.98
C THR A 117 -6.66 -0.09 -15.60
N GLU A 118 -7.85 -0.68 -15.58
CA GLU A 118 -8.58 -0.96 -14.35
C GLU A 118 -9.78 -1.83 -14.67
N VAL A 119 -10.10 -2.76 -13.77
CA VAL A 119 -11.20 -3.70 -13.95
C VAL A 119 -12.43 -3.17 -13.23
N ILE A 120 -13.54 -3.04 -13.95
CA ILE A 120 -14.77 -2.51 -13.36
C ILE A 120 -15.57 -3.66 -12.79
N GLY A 121 -15.95 -3.53 -11.52
CA GLY A 121 -16.90 -4.42 -10.93
C GLY A 121 -16.34 -5.47 -9.99
N ILE A 122 -15.25 -5.18 -9.28
CA ILE A 122 -14.60 -6.22 -8.51
C ILE A 122 -15.34 -6.54 -7.22
N THR A 123 -16.16 -5.63 -6.71
CA THR A 123 -16.87 -5.86 -5.47
C THR A 123 -18.22 -6.50 -5.72
N SER A 124 -18.58 -6.76 -6.98
CA SER A 124 -19.74 -7.55 -7.31
C SER A 124 -19.63 -8.99 -6.85
N MET A 125 -18.41 -9.46 -6.57
CA MET A 125 -18.13 -10.80 -6.07
C MET A 125 -18.49 -10.96 -4.60
N LEU A 126 -18.88 -9.88 -3.92
CA LEU A 126 -19.37 -9.96 -2.55
C LEU A 126 -20.83 -10.34 -2.47
N ASN A 127 -21.49 -10.58 -3.60
CA ASN A 127 -22.86 -11.07 -3.64
C ASN A 127 -22.81 -12.56 -3.31
N LEU A 128 -22.93 -12.88 -2.03
CA LEU A 128 -22.93 -14.26 -1.57
C LEU A 128 -24.32 -14.80 -1.30
N HIS A 129 -25.34 -13.94 -1.35
CA HIS A 129 -26.72 -14.35 -1.18
C HIS A 129 -27.39 -14.72 -2.49
N ALA A 130 -26.65 -14.72 -3.59
CA ALA A 130 -27.16 -15.12 -4.89
C ALA A 130 -27.17 -16.64 -5.01
N GLY A 131 -27.32 -17.15 -6.24
CA GLY A 131 -27.42 -18.59 -6.45
C GLY A 131 -26.17 -19.43 -6.25
N SER A 132 -25.18 -18.92 -5.53
CA SER A 132 -23.96 -19.66 -5.26
C SER A 132 -24.22 -20.76 -4.24
N GLN A 133 -23.27 -21.69 -4.15
CA GLN A 133 -23.45 -22.87 -3.33
C GLN A 133 -23.28 -22.53 -1.85
N LYS A 134 -24.09 -23.18 -1.01
CA LYS A 134 -23.97 -23.07 0.43
C LYS A 134 -22.63 -23.68 0.86
N VAL A 135 -21.81 -22.90 1.56
CA VAL A 135 -20.42 -23.29 1.76
C VAL A 135 -20.28 -24.39 2.83
N HIS A 136 -21.13 -24.38 3.85
CA HIS A 136 -21.20 -25.45 4.84
C HIS A 136 -22.65 -25.53 5.30
N GLU A 137 -22.89 -26.09 6.48
CA GLU A 137 -24.24 -26.51 6.89
C GLU A 137 -25.23 -25.35 6.96
N HIS A 138 -24.86 -24.26 7.64
CA HIS A 138 -25.75 -23.11 7.72
C HIS A 138 -25.10 -21.82 7.23
N GLY A 139 -23.95 -21.91 6.57
CA GLY A 139 -23.19 -20.73 6.21
C GLY A 139 -23.77 -20.00 5.01
N GLY A 140 -22.98 -19.03 4.53
CA GLY A 140 -23.37 -18.23 3.39
C GLY A 140 -23.08 -18.90 2.08
N GLY A 141 -22.82 -18.08 1.06
CA GLY A 141 -22.55 -18.59 -0.27
C GLY A 141 -21.07 -18.77 -0.53
N LYS A 142 -20.76 -19.76 -1.34
CA LYS A 142 -19.38 -20.01 -1.75
C LYS A 142 -18.99 -18.97 -2.80
N PRO A 143 -17.94 -18.19 -2.55
CA PRO A 143 -17.62 -17.10 -3.49
C PRO A 143 -16.99 -17.55 -4.79
N ILE A 144 -16.69 -16.61 -5.66
CA ILE A 144 -16.09 -16.89 -6.96
C ILE A 144 -14.59 -17.05 -6.77
N GLN A 145 -14.08 -18.23 -7.09
CA GLN A 145 -12.67 -18.55 -6.93
C GLN A 145 -12.31 -19.67 -7.88
N GLY A 146 -11.04 -19.72 -8.24
CA GLY A 146 -10.55 -20.72 -9.15
C GLY A 146 -9.54 -20.12 -10.10
N SER A 147 -9.41 -20.76 -11.26
CA SER A 147 -8.48 -20.29 -12.28
C SER A 147 -8.96 -18.96 -12.84
N ASN A 148 -8.02 -18.06 -13.10
CA ASN A 148 -8.37 -16.74 -13.59
C ASN A 148 -7.26 -16.21 -14.48
N PHE A 149 -7.62 -15.26 -15.33
CA PHE A 149 -6.70 -14.73 -16.33
C PHE A 149 -7.09 -13.30 -16.63
N HIS A 150 -6.20 -12.37 -16.33
CA HIS A 150 -6.44 -10.94 -16.53
C HIS A 150 -5.42 -10.43 -17.54
N PHE A 151 -5.91 -9.91 -18.66
CA PHE A 151 -5.07 -9.58 -19.81
C PHE A 151 -5.55 -8.29 -20.44
N PHE A 152 -4.61 -7.50 -20.96
CA PHE A 152 -4.96 -6.37 -21.81
C PHE A 152 -3.82 -6.11 -22.77
N ALA A 153 -4.13 -5.38 -23.84
CA ALA A 153 -3.17 -5.07 -24.88
C ALA A 153 -3.59 -3.79 -25.57
N VAL A 154 -2.62 -2.92 -25.83
CA VAL A 154 -2.85 -1.64 -26.49
C VAL A 154 -1.85 -1.52 -27.63
N GLY A 155 -2.34 -1.42 -28.86
CA GLY A 155 -1.41 -1.32 -29.97
C GLY A 155 -2.03 -0.68 -31.19
N GLY A 156 -1.17 -0.33 -32.13
CA GLY A 156 -1.60 0.19 -33.42
C GLY A 156 -1.95 -0.87 -34.44
N ASP A 157 -1.71 -2.13 -34.13
CA ASP A 157 -2.07 -3.28 -34.94
C ASP A 157 -2.96 -4.20 -34.11
N PRO A 158 -3.70 -5.11 -34.74
CA PRO A 158 -4.43 -6.12 -33.97
C PRO A 158 -3.48 -7.05 -33.24
N LEU A 159 -4.03 -7.76 -32.25
CA LEU A 159 -3.22 -8.61 -31.39
C LEU A 159 -2.80 -9.84 -32.18
N GLU A 160 -1.57 -9.79 -32.68
CA GLU A 160 -1.00 -10.91 -33.42
C GLU A 160 -0.70 -12.04 -32.45
N MET A 161 -1.47 -13.12 -32.55
CA MET A 161 -1.45 -14.16 -31.53
C MET A 161 -0.98 -15.51 -32.05
N GLN A 162 -1.08 -16.53 -31.19
CA GLN A 162 -0.45 -17.83 -31.40
C GLN A 162 -1.40 -18.93 -30.95
N GLY A 163 -1.57 -19.94 -31.80
CA GLY A 163 -2.46 -21.03 -31.45
C GLY A 163 -1.77 -22.20 -30.80
N VAL A 164 -1.84 -22.29 -29.48
CA VAL A 164 -1.31 -23.40 -28.71
C VAL A 164 -2.41 -23.89 -27.79
N LEU A 165 -2.78 -25.16 -27.92
CA LEU A 165 -4.00 -25.61 -27.29
C LEU A 165 -3.84 -27.00 -26.72
N MET A 166 -4.54 -27.24 -25.62
CA MET A 166 -4.72 -28.56 -25.06
C MET A 166 -5.60 -29.40 -25.98
N ASN A 167 -5.24 -30.67 -26.16
CA ASN A 167 -6.11 -31.71 -26.74
C ASN A 167 -6.55 -31.35 -28.17
N TYR A 168 -5.61 -31.47 -29.10
CA TYR A 168 -5.85 -31.13 -30.51
C TYR A 168 -6.98 -31.93 -31.15
N ARG A 169 -7.36 -33.07 -30.59
CA ARG A 169 -8.43 -33.89 -31.13
C ARG A 169 -9.82 -33.42 -30.71
N THR A 170 -9.96 -32.25 -30.09
CA THR A 170 -11.29 -31.82 -29.72
C THR A 170 -11.99 -31.16 -30.90
N LYS A 171 -13.31 -31.10 -30.82
CA LYS A 171 -14.15 -30.55 -31.89
C LYS A 171 -14.74 -29.24 -31.41
N TYR A 172 -14.38 -28.19 -32.06
CA TYR A 172 -14.84 -26.88 -31.64
C TYR A 172 -16.17 -26.52 -32.30
N PRO A 173 -16.99 -25.68 -31.65
CA PRO A 173 -18.25 -25.26 -32.27
C PRO A 173 -18.07 -24.31 -33.45
N ASP A 174 -19.18 -23.84 -34.00
CA ASP A 174 -19.18 -23.19 -35.31
C ASP A 174 -18.68 -21.75 -35.22
N GLY A 175 -19.25 -20.95 -34.32
CA GLY A 175 -18.95 -19.53 -34.28
C GLY A 175 -17.56 -19.20 -33.76
N THR A 176 -17.00 -20.05 -32.90
CA THR A 176 -15.67 -19.81 -32.36
C THR A 176 -14.64 -20.20 -33.41
N ILE A 177 -13.81 -19.25 -33.82
CA ILE A 177 -12.74 -19.55 -34.76
C ILE A 177 -11.51 -20.00 -33.99
N THR A 178 -10.92 -21.10 -34.45
CA THR A 178 -9.89 -21.90 -33.82
C THR A 178 -8.87 -22.26 -34.89
N PRO A 179 -7.60 -22.54 -34.53
CA PRO A 179 -6.56 -22.57 -35.56
C PRO A 179 -6.65 -23.81 -36.44
N LYS A 180 -6.35 -23.61 -37.72
CA LYS A 180 -6.68 -24.58 -38.76
C LYS A 180 -5.71 -25.76 -38.73
N ASN A 181 -6.26 -26.96 -38.93
CA ASN A 181 -5.58 -28.24 -39.06
C ASN A 181 -4.70 -28.56 -37.85
N PRO A 182 -5.27 -28.90 -36.70
CA PRO A 182 -4.44 -29.23 -35.54
C PRO A 182 -3.78 -30.59 -35.72
N THR A 183 -2.50 -30.64 -35.37
CA THR A 183 -1.70 -31.85 -35.46
C THR A 183 -1.27 -32.26 -34.07
N ALA A 184 -0.39 -33.27 -34.00
CA ALA A 184 0.13 -33.72 -32.72
C ALA A 184 1.05 -32.68 -32.08
N GLN A 185 1.74 -31.90 -32.89
CA GLN A 185 2.58 -30.83 -32.38
C GLN A 185 1.83 -29.51 -32.23
N SER A 186 0.53 -29.49 -32.55
CA SER A 186 -0.33 -28.37 -32.17
C SER A 186 -0.67 -28.39 -30.70
N GLN A 187 -0.49 -29.56 -30.07
CA GLN A 187 -0.60 -29.72 -28.62
C GLN A 187 0.40 -28.84 -27.89
N VAL A 188 1.51 -28.53 -28.54
CA VAL A 188 2.58 -27.71 -28.00
C VAL A 188 2.78 -26.60 -29.05
N MET A 189 3.82 -25.78 -28.91
CA MET A 189 4.16 -24.72 -29.87
C MET A 189 4.29 -25.19 -31.31
N ASN A 190 3.39 -24.72 -32.16
CA ASN A 190 3.38 -25.01 -33.59
C ASN A 190 3.32 -23.68 -34.33
N THR A 191 4.23 -23.49 -35.28
CA THR A 191 4.37 -22.20 -35.93
C THR A 191 3.25 -21.95 -36.95
N ASP A 192 2.52 -22.99 -37.34
CA ASP A 192 1.50 -22.88 -38.37
C ASP A 192 0.19 -22.26 -37.87
N HIS A 193 0.08 -21.95 -36.58
CA HIS A 193 -1.18 -21.51 -35.99
C HIS A 193 -1.16 -20.04 -35.60
N LYS A 194 -0.60 -19.19 -36.46
CA LYS A 194 -0.67 -17.76 -36.26
C LYS A 194 -2.03 -17.23 -36.67
N ALA A 195 -2.42 -16.09 -36.08
CA ALA A 195 -3.62 -15.38 -36.49
C ALA A 195 -3.52 -13.92 -36.07
N TYR A 196 -4.60 -13.19 -36.33
CA TYR A 196 -4.82 -11.86 -35.81
C TYR A 196 -6.09 -11.88 -34.97
N LEU A 197 -6.17 -10.98 -34.00
CA LEU A 197 -7.38 -10.84 -33.19
C LEU A 197 -8.25 -9.80 -33.89
N ASP A 198 -9.16 -10.26 -34.73
CA ASP A 198 -9.95 -9.39 -35.57
C ASP A 198 -11.46 -9.60 -35.46
N LYS A 199 -11.91 -10.46 -34.55
CA LYS A 199 -13.34 -10.66 -34.37
C LYS A 199 -13.57 -11.12 -32.94
N ASN A 200 -14.15 -10.25 -32.11
CA ASN A 200 -14.38 -10.64 -30.72
C ASN A 200 -15.52 -11.64 -30.61
N ASN A 201 -15.54 -12.35 -29.48
CA ASN A 201 -16.43 -13.48 -29.21
C ASN A 201 -16.27 -14.58 -30.26
N ALA A 202 -15.06 -14.72 -30.80
CA ALA A 202 -14.74 -15.77 -31.77
C ALA A 202 -13.43 -16.49 -31.49
N TYR A 203 -12.49 -15.88 -30.78
CA TYR A 203 -11.21 -16.51 -30.47
C TYR A 203 -11.22 -16.93 -29.01
N PRO A 204 -11.41 -18.21 -28.71
CA PRO A 204 -11.49 -18.63 -27.31
C PRO A 204 -10.15 -18.54 -26.62
N VAL A 205 -10.20 -18.38 -25.29
CA VAL A 205 -8.96 -18.21 -24.55
C VAL A 205 -8.21 -19.52 -24.37
N GLU A 206 -8.89 -20.66 -24.42
CA GLU A 206 -8.21 -21.93 -24.18
C GLU A 206 -7.36 -22.38 -25.37
N CYS A 207 -7.28 -21.59 -26.43
CA CYS A 207 -6.55 -21.94 -27.63
C CYS A 207 -5.49 -20.92 -28.01
N TRP A 208 -5.59 -19.68 -27.56
CA TRP A 208 -4.85 -18.58 -28.15
C TRP A 208 -4.11 -17.79 -27.09
N VAL A 209 -2.80 -17.66 -27.28
CA VAL A 209 -1.99 -16.77 -26.46
C VAL A 209 -1.42 -15.73 -27.40
N PRO A 210 -1.10 -14.52 -26.95
CA PRO A 210 -0.44 -13.56 -27.83
C PRO A 210 0.96 -14.01 -28.20
N ASP A 211 1.32 -13.75 -29.44
CA ASP A 211 2.56 -14.26 -29.99
C ASP A 211 3.70 -13.33 -29.61
N PRO A 212 4.69 -13.79 -28.84
CA PRO A 212 5.78 -12.89 -28.43
C PRO A 212 6.74 -12.53 -29.54
N SER A 213 6.77 -13.28 -30.63
CA SER A 213 7.66 -12.95 -31.74
C SER A 213 7.06 -11.93 -32.69
N ARG A 214 5.83 -11.48 -32.46
CA ARG A 214 5.15 -10.69 -33.49
C ARG A 214 4.61 -9.36 -32.98
N ASN A 215 4.12 -9.31 -31.74
CA ASN A 215 3.41 -8.13 -31.25
C ASN A 215 4.41 -7.01 -31.00
N GLU A 216 4.80 -6.34 -32.08
CA GLU A 216 5.88 -5.37 -32.08
C GLU A 216 5.39 -3.94 -32.07
N ASN A 217 4.21 -3.67 -32.63
CA ASN A 217 3.55 -2.39 -32.49
C ASN A 217 2.47 -2.43 -31.42
N THR A 218 2.62 -3.33 -30.45
CA THR A 218 1.58 -3.64 -29.48
C THR A 218 2.25 -3.96 -28.15
N ARG A 219 1.71 -3.44 -27.06
CA ARG A 219 2.20 -3.71 -25.72
C ARG A 219 1.12 -4.51 -25.00
N TYR A 220 1.42 -5.75 -24.64
CA TYR A 220 0.45 -6.56 -23.94
C TYR A 220 0.95 -6.95 -22.56
N PHE A 221 0.01 -7.13 -21.64
CA PHE A 221 0.29 -7.47 -20.26
C PHE A 221 -0.76 -8.46 -19.81
N GLY A 222 -0.33 -9.55 -19.19
CA GLY A 222 -1.27 -10.57 -18.75
C GLY A 222 -0.71 -11.40 -17.64
N THR A 223 -1.59 -11.81 -16.71
CA THR A 223 -1.23 -12.69 -15.62
C THR A 223 -2.19 -13.87 -15.61
N PHE A 224 -1.65 -15.06 -15.36
CA PHE A 224 -2.46 -16.26 -15.23
C PHE A 224 -2.22 -16.87 -13.86
N THR A 225 -3.28 -17.39 -13.25
CA THR A 225 -3.18 -18.06 -11.96
C THR A 225 -4.15 -19.24 -11.99
N GLY A 226 -3.63 -20.40 -12.40
CA GLY A 226 -4.45 -21.59 -12.41
C GLY A 226 -4.49 -22.25 -11.05
N GLY A 227 -5.56 -22.97 -10.80
CA GLY A 227 -5.72 -23.59 -9.51
C GLY A 227 -7.15 -23.95 -9.25
N GLU A 228 -7.33 -24.88 -8.32
CA GLU A 228 -8.68 -25.37 -8.01
C GLU A 228 -9.49 -24.31 -7.27
N ASN A 229 -8.94 -23.77 -6.19
CA ASN A 229 -9.66 -22.82 -5.35
C ASN A 229 -8.76 -21.69 -4.88
N VAL A 230 -7.98 -21.12 -5.80
CA VAL A 230 -7.14 -19.98 -5.45
C VAL A 230 -8.01 -18.72 -5.44
N PRO A 231 -7.68 -17.69 -4.68
CA PRO A 231 -8.48 -16.48 -4.68
C PRO A 231 -7.99 -15.50 -5.72
N PRO A 232 -8.89 -14.69 -6.30
CA PRO A 232 -8.45 -13.56 -7.11
C PRO A 232 -8.12 -12.35 -6.26
N VAL A 233 -7.03 -11.69 -6.63
CA VAL A 233 -6.50 -10.54 -5.91
C VAL A 233 -6.57 -9.35 -6.86
N LEU A 234 -7.49 -8.43 -6.59
CA LEU A 234 -7.80 -7.33 -7.51
C LEU A 234 -7.56 -6.00 -6.81
N HIS A 235 -6.56 -5.26 -7.27
CA HIS A 235 -6.22 -3.96 -6.73
C HIS A 235 -6.83 -2.88 -7.61
N VAL A 236 -7.53 -1.93 -6.99
CA VAL A 236 -8.24 -0.87 -7.69
C VAL A 236 -7.69 0.48 -7.24
N THR A 237 -7.30 1.31 -8.20
CA THR A 237 -6.47 2.50 -7.96
C THR A 237 -6.48 3.40 -9.19
N ASN A 238 -6.66 4.71 -9.03
CA ASN A 238 -6.59 5.61 -10.17
C ASN A 238 -5.25 6.35 -10.31
N THR A 239 -4.27 6.06 -9.47
CA THR A 239 -2.96 6.66 -9.61
C THR A 239 -1.95 5.73 -10.26
N ALA A 240 -2.27 4.45 -10.42
CA ALA A 240 -1.37 3.51 -11.07
C ALA A 240 -1.36 3.76 -12.57
N THR A 241 -0.18 3.75 -13.17
CA THR A 241 0.03 4.27 -14.51
C THR A 241 1.12 3.47 -15.21
N THR A 242 0.82 2.97 -16.41
CA THR A 242 1.74 2.16 -17.18
C THR A 242 2.25 2.97 -18.36
N VAL A 243 3.57 2.95 -18.57
CA VAL A 243 4.18 3.65 -19.70
C VAL A 243 4.33 2.67 -20.85
N LEU A 244 3.83 3.05 -22.03
CA LEU A 244 3.87 2.20 -23.20
C LEU A 244 5.10 2.44 -24.07
N LEU A 245 6.01 3.31 -23.65
CA LEU A 245 7.21 3.56 -24.42
C LEU A 245 8.18 2.39 -24.33
N ASP A 246 8.93 2.19 -25.41
CA ASP A 246 9.93 1.13 -25.46
C ASP A 246 11.28 1.69 -25.01
N GLU A 247 12.35 0.94 -25.25
CA GLU A 247 13.69 1.39 -24.89
C GLU A 247 14.15 2.54 -25.78
N GLN A 248 13.68 2.59 -27.02
CA GLN A 248 14.03 3.65 -27.93
C GLN A 248 13.20 4.91 -27.74
N GLY A 249 12.13 4.83 -26.97
CA GLY A 249 11.32 5.99 -26.67
C GLY A 249 10.10 6.20 -27.52
N VAL A 250 9.58 5.15 -28.16
CA VAL A 250 8.39 5.26 -28.99
C VAL A 250 7.33 4.28 -28.49
N GLY A 251 6.08 4.70 -28.57
CA GLY A 251 4.98 3.87 -28.16
C GLY A 251 4.40 3.12 -29.33
N PRO A 252 3.25 2.50 -29.15
CA PRO A 252 2.55 1.92 -30.30
C PRO A 252 2.04 2.97 -31.27
N LEU A 253 2.68 3.07 -32.43
CA LEU A 253 2.23 3.99 -33.45
C LEU A 253 0.99 3.46 -34.14
N CYS A 254 0.07 4.35 -34.47
CA CYS A 254 -1.19 3.98 -35.09
C CYS A 254 -1.00 4.08 -36.59
N LYS A 255 -0.65 2.96 -37.21
CA LYS A 255 -0.28 2.95 -38.62
C LYS A 255 -1.50 3.14 -39.51
N ALA A 256 -2.58 2.43 -39.21
CA ALA A 256 -3.86 2.78 -39.79
C ALA A 256 -4.47 3.92 -38.98
N ASP A 257 -5.70 4.29 -39.30
CA ASP A 257 -6.41 5.27 -38.47
C ASP A 257 -7.24 4.56 -37.41
N SER A 258 -6.55 3.77 -36.60
CA SER A 258 -7.20 2.98 -35.56
C SER A 258 -6.20 2.75 -34.43
N LEU A 259 -6.75 2.48 -33.25
CA LEU A 259 -5.99 2.12 -32.06
C LEU A 259 -6.63 0.87 -31.50
N TYR A 260 -5.94 -0.26 -31.65
CA TYR A 260 -6.53 -1.57 -31.36
C TYR A 260 -6.33 -1.88 -29.89
N VAL A 261 -7.44 -1.93 -29.15
CA VAL A 261 -7.43 -2.16 -27.71
C VAL A 261 -8.14 -3.47 -27.43
N SER A 262 -7.42 -4.43 -26.85
CA SER A 262 -7.95 -5.76 -26.63
C SER A 262 -7.63 -6.24 -25.23
N ALA A 263 -8.49 -7.09 -24.70
CA ALA A 263 -8.41 -7.50 -23.30
C ALA A 263 -9.15 -8.81 -23.12
N ALA A 264 -8.90 -9.46 -21.98
CA ALA A 264 -9.58 -10.69 -21.61
C ALA A 264 -9.53 -10.81 -20.10
N ASP A 265 -10.70 -10.93 -19.45
CA ASP A 265 -10.79 -11.00 -18.01
C ASP A 265 -11.60 -12.22 -17.62
N ILE A 266 -10.95 -13.21 -17.03
CA ILE A 266 -11.62 -14.31 -16.36
C ILE A 266 -11.35 -14.12 -14.87
N CYS A 267 -12.40 -14.22 -14.05
CA CYS A 267 -12.23 -13.97 -12.63
C CYS A 267 -12.39 -15.21 -11.76
N GLY A 268 -12.95 -16.29 -12.28
CA GLY A 268 -13.05 -17.52 -11.52
C GLY A 268 -14.29 -18.29 -11.90
N LEU A 269 -14.62 -19.26 -11.05
CA LEU A 269 -15.70 -20.20 -11.29
C LEU A 269 -16.83 -19.94 -10.31
N PHE A 270 -17.98 -19.53 -10.84
CA PHE A 270 -19.18 -19.33 -10.03
C PHE A 270 -19.86 -20.69 -9.85
N THR A 271 -19.80 -21.23 -8.65
CA THR A 271 -20.38 -22.54 -8.38
C THR A 271 -21.83 -22.37 -7.95
N ASN A 272 -22.76 -22.92 -8.73
CA ASN A 272 -24.18 -22.81 -8.46
C ASN A 272 -24.57 -23.68 -7.27
N SER A 273 -25.86 -23.63 -6.92
CA SER A 273 -26.35 -24.36 -5.76
C SER A 273 -26.39 -25.86 -5.98
N SER A 274 -26.47 -26.29 -7.24
CA SER A 274 -26.50 -27.70 -7.58
C SER A 274 -25.11 -28.26 -7.89
N GLY A 275 -24.05 -27.56 -7.48
CA GLY A 275 -22.71 -27.96 -7.81
C GLY A 275 -22.25 -27.57 -9.19
N THR A 276 -23.10 -26.91 -9.97
CA THR A 276 -22.78 -26.51 -11.34
C THR A 276 -21.83 -25.32 -11.34
N GLN A 277 -20.74 -25.44 -12.09
CA GLN A 277 -19.77 -24.35 -12.20
C GLN A 277 -19.88 -23.68 -13.57
N GLN A 278 -19.50 -22.40 -13.59
CA GLN A 278 -19.53 -21.58 -14.79
C GLN A 278 -18.65 -20.36 -14.54
N TRP A 279 -18.11 -19.81 -15.62
CA TRP A 279 -17.10 -18.76 -15.52
C TRP A 279 -17.74 -17.43 -15.14
N ARG A 280 -16.89 -16.42 -14.92
CA ARG A 280 -17.35 -15.05 -14.73
C ARG A 280 -16.25 -14.06 -15.12
N GLY A 281 -16.60 -13.11 -15.98
CA GLY A 281 -15.69 -12.05 -16.36
C GLY A 281 -16.22 -10.67 -16.02
N LEU A 282 -15.33 -9.69 -16.14
CA LEU A 282 -15.64 -8.30 -15.82
C LEU A 282 -15.10 -7.41 -16.93
N ALA A 283 -15.60 -6.18 -16.97
CA ALA A 283 -15.13 -5.24 -17.96
C ALA A 283 -13.77 -4.69 -17.57
N ARG A 284 -13.17 -3.93 -18.47
CA ARG A 284 -11.84 -3.40 -18.23
C ARG A 284 -11.73 -2.00 -18.79
N TYR A 285 -11.42 -1.05 -17.92
CA TYR A 285 -11.28 0.36 -18.27
C TYR A 285 -9.94 0.58 -18.97
N PHE A 286 -9.92 1.54 -19.88
CA PHE A 286 -8.70 1.93 -20.56
C PHE A 286 -8.62 3.44 -20.60
N LYS A 287 -7.41 3.98 -20.49
CA LYS A 287 -7.20 5.43 -20.60
C LYS A 287 -5.86 5.64 -21.28
N ILE A 288 -5.91 5.86 -22.59
CA ILE A 288 -4.71 5.91 -23.42
C ILE A 288 -4.38 7.36 -23.71
N ARG A 289 -3.24 7.82 -23.22
CA ARG A 289 -2.72 9.12 -23.59
C ARG A 289 -2.07 9.02 -24.96
N LEU A 290 -2.41 9.96 -25.84
CA LEU A 290 -1.94 9.94 -27.21
C LEU A 290 -1.07 11.15 -27.50
N ARG A 291 -0.25 11.03 -28.55
CA ARG A 291 0.65 12.09 -28.96
C ARG A 291 0.83 11.99 -30.47
N LYS A 292 1.13 13.12 -31.11
CA LYS A 292 1.31 13.20 -32.55
C LYS A 292 2.80 13.15 -32.87
N ARG A 293 3.20 12.18 -33.68
CA ARG A 293 4.58 12.04 -34.09
C ARG A 293 4.76 12.36 -35.56
N SER A 294 5.86 13.04 -35.88
CA SER A 294 6.22 13.33 -37.26
C SER A 294 7.20 12.27 -37.72
N VAL A 295 6.74 11.34 -38.55
CA VAL A 295 7.57 10.23 -38.99
C VAL A 295 7.85 10.39 -40.48
N LYS A 296 8.67 9.49 -41.04
CA LYS A 296 8.97 9.54 -42.47
C LYS A 296 7.85 8.91 -43.27
N ASN A 297 7.99 8.90 -44.58
CA ASN A 297 6.93 8.36 -45.43
C ASN A 297 7.40 7.02 -45.97
N PRO A 298 6.71 5.92 -45.63
CA PRO A 298 7.15 4.60 -46.11
C PRO A 298 6.77 4.30 -47.54
N TYR A 299 5.76 4.97 -48.08
CA TYR A 299 5.27 4.75 -49.43
C TYR A 299 6.23 5.03 -50.60
N PRO A 300 7.19 5.97 -50.55
CA PRO A 300 8.15 6.05 -51.67
C PRO A 300 8.98 4.80 -51.87
N ILE A 301 9.47 4.17 -50.82
CA ILE A 301 10.10 2.87 -50.96
C ILE A 301 9.21 1.79 -50.35
N SER A 302 8.31 1.27 -51.17
CA SER A 302 7.42 0.18 -50.79
C SER A 302 7.68 -1.03 -51.67
N PHE A 303 8.97 -1.31 -51.89
CA PHE A 303 9.39 -2.39 -52.77
C PHE A 303 9.59 -3.65 -51.93
N LEU A 304 8.46 -4.17 -51.47
CA LEU A 304 8.39 -5.29 -50.54
C LEU A 304 7.53 -6.38 -51.13
N LEU A 305 7.83 -7.62 -50.76
CA LEU A 305 7.15 -8.78 -51.33
C LEU A 305 5.89 -9.12 -50.54
N SER A 306 4.87 -9.56 -51.25
CA SER A 306 3.59 -9.92 -50.66
C SER A 306 3.75 -11.24 -49.91
N ASP A 307 3.97 -11.17 -48.61
CA ASP A 307 4.21 -12.34 -47.77
C ASP A 307 2.94 -12.77 -47.05
N LEU A 308 2.88 -14.07 -46.73
CA LEU A 308 1.61 -14.67 -46.32
C LEU A 308 1.46 -14.66 -44.79
N ILE A 309 2.38 -15.31 -44.07
CA ILE A 309 2.46 -15.17 -42.61
C ILE A 309 3.87 -14.67 -42.33
N ASN A 310 4.33 -13.75 -43.19
CA ASN A 310 5.58 -12.98 -43.19
C ASN A 310 6.85 -13.75 -42.85
N ARG A 311 6.87 -15.05 -43.14
CA ARG A 311 8.12 -15.82 -43.14
C ARG A 311 8.23 -16.54 -44.46
N ARG A 312 7.10 -16.91 -45.03
CA ARG A 312 7.04 -17.43 -46.39
C ARG A 312 6.78 -16.29 -47.36
N THR A 313 7.30 -16.44 -48.57
CA THR A 313 7.33 -15.38 -49.56
C THR A 313 6.38 -15.65 -50.72
N GLN A 314 5.21 -16.21 -50.40
CA GLN A 314 4.21 -16.70 -51.37
C GLN A 314 4.86 -17.71 -52.32
N ARG A 315 5.26 -18.84 -51.74
CA ARG A 315 6.06 -19.81 -52.47
C ARG A 315 5.24 -20.51 -53.54
N VAL A 316 5.86 -20.65 -54.72
CA VAL A 316 5.28 -21.38 -55.84
C VAL A 316 5.99 -22.73 -55.91
N ASP A 317 5.22 -23.82 -56.00
CA ASP A 317 5.84 -25.10 -56.30
C ASP A 317 6.33 -25.13 -57.74
N GLY A 318 5.49 -24.73 -58.69
CA GLY A 318 5.80 -24.57 -60.08
C GLY A 318 6.31 -25.80 -60.81
N GLN A 319 6.66 -25.58 -62.08
CA GLN A 319 7.53 -26.52 -62.76
C GLN A 319 8.90 -26.53 -62.08
N PRO A 320 9.54 -27.69 -61.97
CA PRO A 320 10.77 -27.78 -61.16
C PRO A 320 11.99 -27.14 -61.80
N MET A 321 12.24 -25.88 -61.51
CA MET A 321 13.31 -25.13 -62.18
C MET A 321 14.70 -25.35 -61.58
N TYR A 322 14.91 -26.40 -60.79
CA TYR A 322 16.24 -26.74 -60.31
C TYR A 322 16.31 -28.24 -60.08
N GLY A 323 17.54 -28.74 -59.95
CA GLY A 323 17.74 -30.16 -59.73
C GLY A 323 18.10 -30.89 -61.00
N MET A 324 17.83 -32.20 -61.02
CA MET A 324 18.14 -32.97 -62.22
C MET A 324 17.00 -32.93 -63.22
N GLU A 325 15.78 -32.67 -62.76
CA GLU A 325 14.62 -32.52 -63.63
C GLU A 325 14.37 -31.07 -64.03
N SER A 326 15.42 -30.25 -64.00
CA SER A 326 15.31 -28.80 -64.14
C SER A 326 14.93 -28.41 -65.57
N GLN A 327 14.43 -27.19 -65.70
CA GLN A 327 13.95 -26.69 -66.98
C GLN A 327 14.67 -25.45 -67.48
N VAL A 328 15.41 -24.75 -66.63
CA VAL A 328 16.39 -23.77 -67.13
C VAL A 328 17.50 -24.54 -67.83
N GLU A 329 17.63 -24.32 -69.14
CA GLU A 329 18.48 -25.17 -69.95
C GLU A 329 19.73 -24.49 -70.47
N GLU A 330 19.84 -23.16 -70.37
CA GLU A 330 21.07 -22.47 -70.75
C GLU A 330 21.12 -21.14 -70.04
N VAL A 331 22.25 -20.85 -69.41
CA VAL A 331 22.49 -19.58 -68.72
C VAL A 331 23.81 -19.03 -69.20
N ARG A 332 23.79 -17.79 -69.71
CA ARG A 332 24.98 -17.13 -70.22
C ARG A 332 25.24 -15.88 -69.40
N VAL A 333 26.47 -15.70 -68.95
CA VAL A 333 26.85 -14.55 -68.13
C VAL A 333 27.83 -13.70 -68.92
N PHE A 334 27.47 -12.42 -69.12
CA PHE A 334 28.28 -11.49 -69.91
C PHE A 334 28.82 -10.41 -68.98
N ASP A 335 30.12 -10.15 -69.07
CA ASP A 335 30.73 -9.13 -68.24
C ASP A 335 31.96 -8.60 -68.95
N GLY A 336 32.00 -7.29 -69.17
CA GLY A 336 33.10 -6.67 -69.89
C GLY A 336 32.97 -6.85 -71.39
N THR A 337 33.89 -6.21 -72.11
CA THR A 337 33.89 -6.22 -73.56
C THR A 337 35.19 -6.82 -74.09
N GLU A 338 35.06 -7.80 -74.98
CA GLU A 338 36.17 -8.33 -75.76
C GLU A 338 35.92 -8.01 -77.22
N ARG A 339 36.94 -8.15 -78.05
CA ARG A 339 36.68 -8.01 -79.47
C ARG A 339 36.04 -9.29 -80.00
N LEU A 340 35.49 -9.21 -81.21
CA LEU A 340 34.53 -10.20 -81.72
C LEU A 340 35.17 -11.57 -81.93
N PRO A 341 34.75 -12.60 -81.19
CA PRO A 341 35.36 -13.91 -81.36
C PRO A 341 34.87 -14.59 -82.62
N GLY A 342 35.74 -15.41 -83.19
CA GLY A 342 35.41 -16.09 -84.43
C GLY A 342 34.48 -17.28 -84.28
N ASP A 343 34.15 -17.66 -83.06
CA ASP A 343 33.29 -18.81 -82.80
C ASP A 343 32.09 -18.35 -81.98
N PRO A 344 30.89 -18.37 -82.55
CA PRO A 344 29.69 -18.08 -81.75
C PRO A 344 29.19 -19.28 -80.96
N ASP A 345 29.58 -20.49 -81.34
CA ASP A 345 29.34 -21.67 -80.53
C ASP A 345 30.48 -21.97 -79.57
N MET A 346 31.26 -20.95 -79.23
CA MET A 346 32.29 -21.05 -78.20
C MET A 346 31.67 -21.32 -76.84
N ILE A 347 32.26 -22.24 -76.10
CA ILE A 347 31.85 -22.54 -74.74
C ILE A 347 32.93 -22.05 -73.79
N ARG A 348 32.56 -21.16 -72.89
CA ARG A 348 33.42 -20.69 -71.82
C ARG A 348 32.83 -21.07 -70.47
N TYR A 349 33.69 -21.12 -69.48
CA TYR A 349 33.31 -21.44 -68.10
C TYR A 349 34.42 -20.97 -67.18
N ILE A 350 34.23 -21.18 -65.88
CA ILE A 350 35.20 -20.88 -64.85
C ILE A 350 35.43 -22.20 -64.14
N ASP A 351 36.58 -22.85 -64.37
CA ASP A 351 36.78 -24.20 -63.87
C ASP A 351 36.83 -24.30 -62.35
N LYS A 352 37.90 -23.83 -61.71
CA LYS A 352 37.98 -23.72 -60.27
C LYS A 352 38.42 -22.32 -59.91
N GLN A 353 39.37 -21.76 -60.68
CA GLN A 353 39.81 -20.39 -60.44
C GLN A 353 40.01 -19.53 -61.68
N GLY A 354 40.26 -20.10 -62.85
CA GLY A 354 40.54 -19.33 -64.04
C GLY A 354 39.43 -19.42 -65.06
N GLN A 355 39.65 -18.79 -66.22
CA GLN A 355 38.67 -18.76 -67.29
C GLN A 355 39.12 -19.68 -68.41
N LEU A 356 38.59 -20.89 -68.42
CA LEU A 356 38.90 -21.83 -69.49
C LEU A 356 37.87 -21.72 -70.60
N GLN A 357 38.14 -22.44 -71.68
CA GLN A 357 37.43 -22.25 -72.94
C GLN A 357 37.66 -23.47 -73.81
N THR A 358 36.59 -24.19 -74.11
CA THR A 358 36.64 -25.38 -74.95
C THR A 358 35.98 -25.07 -76.30
N LYS A 359 35.85 -26.10 -77.12
CA LYS A 359 35.37 -25.94 -78.49
C LYS A 359 34.01 -26.58 -78.73
N MET A 360 33.82 -27.82 -78.29
CA MET A 360 32.61 -28.59 -78.56
C MET A 360 31.37 -28.00 -77.89
N PRO B 14 29.06 28.41 29.65
CA PRO B 14 29.89 27.32 29.12
C PRO B 14 29.70 27.11 27.62
N LYS B 15 29.93 25.88 27.17
CA LYS B 15 29.80 25.57 25.75
C LYS B 15 28.33 25.45 25.38
N LYS B 16 27.86 26.33 24.51
CA LYS B 16 26.48 26.26 24.07
C LYS B 16 26.31 25.09 23.10
N PRO B 17 25.16 24.42 23.13
CA PRO B 17 24.91 23.35 22.17
C PRO B 17 24.69 23.90 20.77
N LYS B 18 24.67 22.98 19.81
CA LYS B 18 24.38 23.31 18.42
C LYS B 18 22.93 23.78 18.31
N GLU B 19 22.68 24.68 17.36
CA GLU B 19 21.35 25.25 17.21
C GLU B 19 20.37 24.20 16.70
N PRO B 20 19.19 24.09 17.30
CA PRO B 20 18.22 23.07 16.86
C PRO B 20 17.67 23.38 15.48
N VAL B 21 17.30 22.32 14.77
CA VAL B 21 16.85 22.45 13.39
C VAL B 21 15.46 23.05 13.37
N GLN B 22 15.25 24.02 12.47
CA GLN B 22 13.98 24.71 12.36
C GLN B 22 12.90 23.76 11.85
N VAL B 23 11.98 23.38 12.74
CA VAL B 23 10.84 22.56 12.39
C VAL B 23 9.66 23.50 12.21
N PRO B 24 8.55 23.08 11.57
CA PRO B 24 7.39 23.97 11.50
C PRO B 24 6.75 24.21 12.87
N LYS B 25 6.26 25.44 13.05
CA LYS B 25 5.81 25.93 14.34
C LYS B 25 4.34 25.61 14.55
N LEU B 26 4.05 24.76 15.53
CA LEU B 26 2.66 24.45 15.85
C LEU B 26 1.98 25.66 16.44
N LEU B 27 0.85 26.04 15.87
CA LEU B 27 0.13 27.22 16.32
C LEU B 27 -0.93 26.83 17.35
N ILE B 28 -1.85 25.96 16.98
CA ILE B 28 -2.82 25.41 17.93
C ILE B 28 -3.18 23.99 17.52
N LYS B 29 -3.10 23.08 18.48
CA LYS B 29 -3.64 21.74 18.38
C LYS B 29 -5.03 21.72 18.99
N GLY B 30 -5.92 20.92 18.42
CA GLY B 30 -7.21 20.74 19.04
C GLY B 30 -8.18 20.05 18.08
N GLY B 31 -9.46 20.28 18.32
CA GLY B 31 -10.50 19.65 17.55
C GLY B 31 -10.82 20.39 16.27
N VAL B 32 -12.08 20.26 15.83
CA VAL B 32 -12.48 20.83 14.55
C VAL B 32 -12.66 22.34 14.63
N GLU B 33 -12.82 22.91 15.84
CA GLU B 33 -12.95 24.34 16.03
C GLU B 33 -11.64 25.10 15.81
N VAL B 34 -10.53 24.38 15.68
CA VAL B 34 -9.21 24.97 15.52
C VAL B 34 -8.98 25.46 14.08
N LEU B 35 -9.75 24.94 13.13
CA LEU B 35 -9.56 25.28 11.71
C LEU B 35 -9.82 26.75 11.39
N GLU B 36 -10.57 27.45 12.24
CA GLU B 36 -11.03 28.81 12.04
C GLU B 36 -9.92 29.88 12.22
N VAL B 37 -8.69 29.49 12.59
CA VAL B 37 -7.63 30.46 12.90
C VAL B 37 -7.23 31.21 11.63
N LYS B 38 -7.20 32.53 11.71
CA LYS B 38 -6.63 33.35 10.64
C LYS B 38 -5.11 33.20 10.67
N THR B 39 -4.58 32.40 9.75
CA THR B 39 -3.16 32.18 9.60
C THR B 39 -2.66 32.86 8.32
N GLY B 40 -1.39 32.65 8.01
CA GLY B 40 -0.79 33.24 6.84
C GLY B 40 -1.05 32.44 5.59
N VAL B 41 -0.21 32.68 4.58
CA VAL B 41 -0.34 32.00 3.30
C VAL B 41 0.25 30.60 3.38
N ASP B 42 1.41 30.45 4.03
CA ASP B 42 2.15 29.20 4.05
C ASP B 42 1.75 28.29 5.21
N ALA B 43 0.52 28.39 5.67
CA ALA B 43 0.06 27.52 6.74
C ALA B 43 -0.30 26.16 6.19
N ILE B 44 -0.12 25.15 7.04
CA ILE B 44 -0.49 23.77 6.72
C ILE B 44 -1.23 23.17 7.91
N THR B 45 -2.32 22.48 7.64
CA THR B 45 -3.08 21.81 8.67
C THR B 45 -3.02 20.31 8.46
N GLU B 46 -3.33 19.57 9.53
CA GLU B 46 -3.34 18.11 9.49
C GLU B 46 -4.59 17.61 10.21
N VAL B 47 -5.58 17.19 9.45
CA VAL B 47 -6.84 16.73 10.00
C VAL B 47 -6.75 15.23 10.25
N GLU B 48 -6.98 14.81 11.50
CA GLU B 48 -6.95 13.41 11.88
C GLU B 48 -8.36 13.00 12.25
N CYS B 49 -8.88 11.96 11.60
CA CYS B 49 -10.27 11.59 11.78
C CYS B 49 -10.41 10.09 11.62
N PHE B 50 -11.65 9.62 11.60
CA PHE B 50 -11.91 8.20 11.39
C PHE B 50 -13.30 8.04 10.77
N LEU B 51 -13.56 6.83 10.27
CA LEU B 51 -14.87 6.46 9.75
C LEU B 51 -15.27 5.12 10.34
N ASN B 52 -16.53 5.01 10.72
CA ASN B 52 -16.98 3.71 11.19
C ASN B 52 -17.53 2.90 10.02
N PRO B 53 -17.33 1.60 10.00
CA PRO B 53 -17.91 0.78 8.94
C PRO B 53 -19.40 0.63 9.14
N GLU B 54 -20.12 0.58 8.03
CA GLU B 54 -21.55 0.42 8.04
C GLU B 54 -21.83 -0.97 7.47
N MET B 55 -21.77 -1.97 8.36
CA MET B 55 -21.85 -3.36 7.95
C MET B 55 -23.25 -3.92 8.00
N GLY B 56 -24.21 -3.18 8.53
CA GLY B 56 -25.59 -3.60 8.53
C GLY B 56 -26.23 -3.49 9.90
N ASP B 57 -25.48 -3.86 10.94
CA ASP B 57 -25.81 -3.73 12.36
C ASP B 57 -27.16 -4.33 12.71
N PRO B 58 -27.28 -5.65 12.78
CA PRO B 58 -28.60 -6.29 12.78
C PRO B 58 -29.44 -6.04 14.03
N ASP B 59 -28.84 -5.71 15.17
CA ASP B 59 -29.58 -5.13 16.29
C ASP B 59 -28.64 -4.20 17.05
N GLU B 60 -29.12 -3.68 18.18
CA GLU B 60 -28.39 -2.67 18.93
C GLU B 60 -27.19 -3.24 19.69
N ASN B 61 -27.14 -4.56 19.88
CA ASN B 61 -26.06 -5.18 20.64
C ASN B 61 -24.89 -5.60 19.78
N LEU B 62 -24.98 -5.45 18.47
CA LEU B 62 -24.10 -6.16 17.56
C LEU B 62 -23.57 -5.23 16.48
N ARG B 63 -23.04 -4.08 16.90
CA ARG B 63 -22.46 -3.10 16.00
C ARG B 63 -21.20 -3.65 15.33
N GLY B 64 -21.05 -3.35 14.05
CA GLY B 64 -19.88 -3.80 13.31
C GLY B 64 -20.05 -5.12 12.59
N PHE B 65 -21.03 -5.93 12.98
CA PHE B 65 -21.35 -7.15 12.25
C PHE B 65 -22.47 -6.89 11.27
N SER B 66 -22.72 -7.86 10.41
CA SER B 66 -23.89 -7.87 9.56
C SER B 66 -24.93 -8.83 10.12
N LEU B 67 -26.07 -8.89 9.46
CA LEU B 67 -26.98 -9.98 9.74
C LEU B 67 -26.45 -11.22 9.02
N LYS B 68 -26.93 -12.39 9.46
CA LYS B 68 -26.48 -13.66 8.92
C LYS B 68 -26.83 -13.80 7.45
N LEU B 69 -26.00 -14.55 6.73
CA LEU B 69 -26.10 -14.59 5.28
C LEU B 69 -27.17 -15.55 4.82
N SER B 70 -27.98 -15.10 3.86
CA SER B 70 -28.88 -15.99 3.16
C SER B 70 -28.06 -16.90 2.26
N ALA B 71 -28.31 -18.21 2.35
CA ALA B 71 -27.36 -19.17 1.82
C ALA B 71 -27.52 -19.37 0.32
N GLU B 72 -28.64 -19.94 -0.10
CA GLU B 72 -28.88 -20.28 -1.50
C GLU B 72 -30.24 -19.74 -1.90
N ASN B 73 -30.27 -18.48 -2.31
CA ASN B 73 -31.46 -17.97 -2.96
C ASN B 73 -31.42 -18.34 -4.42
N ASP B 74 -32.61 -18.40 -5.03
CA ASP B 74 -32.69 -18.63 -6.46
C ASP B 74 -32.16 -17.41 -7.19
N PHE B 75 -31.65 -17.61 -8.39
CA PHE B 75 -31.12 -16.48 -9.12
C PHE B 75 -32.21 -15.53 -9.58
N SER B 76 -33.42 -16.05 -9.82
CA SER B 76 -34.49 -15.17 -10.25
C SER B 76 -35.22 -14.52 -9.09
N SER B 77 -35.48 -15.28 -8.01
CA SER B 77 -36.24 -14.78 -6.88
C SER B 77 -35.35 -14.38 -5.70
N ASP B 78 -34.18 -13.81 -5.98
CA ASP B 78 -33.29 -13.36 -4.93
C ASP B 78 -33.82 -12.04 -4.36
N SER B 79 -33.96 -11.99 -3.04
CA SER B 79 -34.39 -10.78 -2.35
C SER B 79 -33.67 -10.70 -1.01
N PRO B 80 -32.57 -9.98 -0.93
CA PRO B 80 -31.86 -9.82 0.35
C PRO B 80 -32.59 -8.80 1.23
N GLU B 81 -32.10 -8.68 2.46
CA GLU B 81 -32.61 -7.70 3.40
C GLU B 81 -31.51 -6.69 3.71
N ARG B 82 -31.93 -5.57 4.29
CA ARG B 82 -31.08 -4.40 4.44
C ARG B 82 -29.99 -4.58 5.48
N LYS B 83 -30.17 -5.47 6.45
CA LYS B 83 -29.26 -5.58 7.56
C LYS B 83 -28.06 -6.46 7.26
N MET B 84 -28.05 -7.15 6.12
CA MET B 84 -26.95 -8.03 5.77
C MET B 84 -26.12 -7.51 4.60
N LEU B 85 -26.31 -6.25 4.20
CA LEU B 85 -25.53 -5.68 3.11
C LEU B 85 -24.56 -4.66 3.67
N PRO B 86 -23.25 -4.91 3.59
CA PRO B 86 -22.29 -3.86 3.95
C PRO B 86 -22.34 -2.71 2.95
N CYS B 87 -22.23 -1.50 3.47
CA CYS B 87 -22.36 -0.30 2.67
C CYS B 87 -21.06 0.51 2.75
N TYR B 88 -20.96 1.50 1.88
CA TYR B 88 -19.83 2.42 1.94
C TYR B 88 -20.02 3.43 3.06
N SER B 89 -18.90 3.81 3.67
CA SER B 89 -18.86 4.91 4.62
C SER B 89 -18.37 6.14 3.89
N THR B 90 -18.94 7.29 4.24
CA THR B 90 -18.55 8.55 3.62
C THR B 90 -18.76 9.68 4.62
N ALA B 91 -18.04 10.78 4.41
CA ALA B 91 -18.11 11.92 5.32
C ALA B 91 -17.55 13.15 4.62
N ARG B 92 -18.08 14.31 5.00
CA ARG B 92 -17.61 15.59 4.52
C ARG B 92 -17.04 16.38 5.68
N ILE B 93 -15.83 16.89 5.51
CA ILE B 93 -15.17 17.69 6.53
C ILE B 93 -15.27 19.15 6.11
N PRO B 94 -16.07 19.98 6.78
CA PRO B 94 -16.18 21.39 6.39
C PRO B 94 -14.90 22.14 6.71
N LEU B 95 -14.35 22.79 5.71
CA LEU B 95 -13.17 23.61 5.89
C LEU B 95 -13.54 25.08 5.84
N PRO B 96 -12.83 25.95 6.54
CA PRO B 96 -13.12 27.39 6.44
C PRO B 96 -12.62 27.95 5.13
N ASN B 97 -13.14 29.13 4.79
CA ASN B 97 -12.75 29.75 3.54
C ASN B 97 -11.46 30.54 3.73
N LEU B 98 -10.67 30.58 2.66
CA LEU B 98 -9.41 31.32 2.63
C LEU B 98 -9.73 32.72 2.13
N ASN B 99 -10.23 33.55 3.04
CA ASN B 99 -10.74 34.88 2.72
C ASN B 99 -9.57 35.82 2.45
N GLU B 100 -9.21 35.98 1.18
CA GLU B 100 -8.07 36.82 0.84
C GLU B 100 -8.44 37.88 -0.19
N ASP B 101 -7.44 38.64 -0.64
CA ASP B 101 -7.62 39.80 -1.51
C ASP B 101 -6.75 39.68 -2.75
N LEU B 102 -6.84 38.53 -3.42
CA LEU B 102 -6.00 38.28 -4.58
C LEU B 102 -6.43 39.11 -5.78
N THR B 103 -5.50 39.31 -6.69
CA THR B 103 -5.72 40.09 -7.90
C THR B 103 -5.76 39.17 -9.10
N CYS B 104 -6.15 39.78 -10.24
CA CYS B 104 -6.31 39.19 -11.58
C CYS B 104 -6.99 37.82 -11.59
N GLY B 105 -7.99 37.64 -10.74
CA GLY B 105 -8.78 36.43 -10.76
C GLY B 105 -8.11 35.23 -10.12
N ASN B 106 -7.28 35.43 -9.11
CA ASN B 106 -6.70 34.32 -8.37
C ASN B 106 -7.49 34.06 -7.10
N LEU B 107 -7.34 32.84 -6.58
CA LEU B 107 -8.04 32.40 -5.39
C LEU B 107 -7.04 31.72 -4.47
N LEU B 108 -7.55 31.13 -3.40
CA LEU B 108 -6.84 30.14 -2.62
C LEU B 108 -7.82 29.04 -2.25
N MET B 109 -7.41 27.79 -2.42
CA MET B 109 -8.20 26.66 -1.99
C MET B 109 -7.31 25.69 -1.21
N TRP B 110 -7.96 24.77 -0.51
CA TRP B 110 -7.24 23.75 0.22
C TRP B 110 -6.82 22.63 -0.73
N GLU B 111 -5.72 21.97 -0.38
CA GLU B 111 -5.20 20.90 -1.22
C GLU B 111 -4.87 19.72 -0.33
N ALA B 112 -5.47 18.56 -0.61
CA ALA B 112 -5.10 17.36 0.11
C ALA B 112 -3.74 16.86 -0.38
N VAL B 113 -2.68 17.19 0.34
CA VAL B 113 -1.34 16.85 -0.11
C VAL B 113 -1.01 15.39 0.15
N THR B 114 -1.33 14.91 1.36
CA THR B 114 -0.79 13.64 1.84
C THR B 114 -1.77 13.00 2.80
N VAL B 115 -2.18 11.78 2.50
CA VAL B 115 -3.02 11.01 3.40
C VAL B 115 -2.15 9.97 4.09
N GLN B 116 -2.55 9.56 5.30
CA GLN B 116 -1.85 8.56 6.09
C GLN B 116 -2.93 7.77 6.83
N THR B 117 -3.33 6.66 6.24
CA THR B 117 -4.45 5.87 6.72
C THR B 117 -3.99 4.60 7.41
N GLU B 118 -4.92 3.95 8.11
CA GLU B 118 -4.66 2.82 8.99
C GLU B 118 -5.98 2.24 9.45
N VAL B 119 -6.08 0.93 9.54
CA VAL B 119 -7.29 0.27 10.00
C VAL B 119 -7.23 0.15 11.52
N ILE B 120 -8.25 0.64 12.19
CA ILE B 120 -8.28 0.66 13.66
C ILE B 120 -8.97 -0.61 14.15
N GLY B 121 -8.21 -1.42 14.87
CA GLY B 121 -8.81 -2.52 15.61
C GLY B 121 -8.48 -3.89 15.07
N ILE B 122 -7.29 -4.05 14.50
CA ILE B 122 -6.99 -5.27 13.76
C ILE B 122 -6.70 -6.45 14.68
N THR B 123 -6.25 -6.21 15.90
CA THR B 123 -5.92 -7.30 16.81
C THR B 123 -7.13 -7.81 17.56
N SER B 124 -8.30 -7.21 17.33
CA SER B 124 -9.54 -7.70 17.91
C SER B 124 -9.96 -9.03 17.31
N MET B 125 -9.39 -9.40 16.16
CA MET B 125 -9.70 -10.66 15.50
C MET B 125 -9.04 -11.85 16.17
N LEU B 126 -8.20 -11.62 17.19
CA LEU B 126 -7.64 -12.69 17.99
C LEU B 126 -8.58 -13.19 19.07
N ASN B 127 -9.76 -12.59 19.21
CA ASN B 127 -10.78 -13.08 20.13
C ASN B 127 -11.39 -14.33 19.55
N LEU B 128 -11.01 -15.49 20.08
CA LEU B 128 -11.48 -16.77 19.57
C LEU B 128 -12.46 -17.46 20.49
N HIS B 129 -12.60 -17.01 21.73
CA HIS B 129 -13.56 -17.57 22.68
C HIS B 129 -14.88 -16.81 22.69
N ALA B 130 -15.44 -16.51 21.52
CA ALA B 130 -16.53 -15.55 21.41
C ALA B 130 -17.63 -16.07 20.51
N GLY B 131 -18.10 -17.29 20.75
CA GLY B 131 -19.16 -17.86 19.96
C GLY B 131 -18.77 -18.25 18.56
N SER B 132 -17.47 -18.27 18.25
CA SER B 132 -17.01 -18.71 16.95
C SER B 132 -17.15 -20.23 16.84
N GLN B 133 -17.09 -20.72 15.61
CA GLN B 133 -17.23 -22.17 15.40
C GLN B 133 -15.99 -22.88 15.92
N LYS B 134 -16.22 -24.04 16.54
CA LYS B 134 -15.12 -24.81 17.10
C LYS B 134 -14.30 -25.42 15.97
N VAL B 135 -13.00 -25.12 15.96
CA VAL B 135 -12.16 -25.36 14.78
C VAL B 135 -11.94 -26.86 14.53
N HIS B 136 -11.84 -27.66 15.59
CA HIS B 136 -11.85 -29.11 15.50
C HIS B 136 -12.49 -29.62 16.78
N GLU B 137 -12.23 -30.88 17.12
CA GLU B 137 -13.00 -31.59 18.15
C GLU B 137 -12.86 -30.95 19.53
N HIS B 138 -11.63 -30.66 19.95
CA HIS B 138 -11.39 -29.99 21.22
C HIS B 138 -10.65 -28.68 21.03
N GLY B 139 -10.84 -28.04 19.88
CA GLY B 139 -10.09 -26.85 19.54
C GLY B 139 -10.66 -25.59 20.12
N GLY B 140 -10.13 -24.46 19.66
CA GLY B 140 -10.61 -23.17 20.09
C GLY B 140 -11.75 -22.66 19.24
N GLY B 141 -11.61 -21.46 18.69
CA GLY B 141 -12.62 -20.88 17.83
C GLY B 141 -12.06 -20.60 16.45
N LYS B 142 -12.92 -20.70 15.46
CA LYS B 142 -12.51 -20.43 14.09
C LYS B 142 -12.34 -18.93 13.88
N PRO B 143 -11.19 -18.47 13.42
CA PRO B 143 -10.96 -17.03 13.27
C PRO B 143 -11.68 -16.47 12.05
N ILE B 144 -11.72 -15.14 11.99
CA ILE B 144 -12.42 -14.44 10.92
C ILE B 144 -11.59 -14.49 9.65
N GLN B 145 -12.17 -15.05 8.60
CA GLN B 145 -11.49 -15.21 7.32
C GLN B 145 -12.53 -15.37 6.24
N GLY B 146 -12.18 -15.00 5.03
CA GLY B 146 -13.08 -15.00 3.91
C GLY B 146 -12.82 -13.80 3.03
N SER B 147 -13.79 -13.48 2.18
CA SER B 147 -13.64 -12.38 1.23
C SER B 147 -13.55 -11.05 1.96
N ASN B 148 -12.50 -10.29 1.66
CA ASN B 148 -12.27 -9.01 2.31
C ASN B 148 -12.04 -7.93 1.28
N PHE B 149 -12.35 -6.70 1.66
CA PHE B 149 -12.24 -5.55 0.77
C PHE B 149 -11.91 -4.33 1.59
N HIS B 150 -10.78 -3.68 1.28
CA HIS B 150 -10.30 -2.54 2.04
C HIS B 150 -10.14 -1.35 1.11
N PHE B 151 -10.95 -0.32 1.30
CA PHE B 151 -11.05 0.80 0.38
C PHE B 151 -10.98 2.10 1.15
N PHE B 152 -10.36 3.10 0.54
CA PHE B 152 -10.44 4.47 1.05
C PHE B 152 -10.25 5.44 -0.09
N ALA B 153 -10.95 6.58 0.00
CA ALA B 153 -10.94 7.58 -1.05
C ALA B 153 -10.93 8.96 -0.42
N VAL B 154 -10.00 9.81 -0.85
CA VAL B 154 -9.82 11.15 -0.31
C VAL B 154 -9.84 12.13 -1.47
N GLY B 155 -10.77 13.08 -1.43
CA GLY B 155 -10.84 14.06 -2.49
C GLY B 155 -11.68 15.25 -2.11
N GLY B 156 -11.63 16.27 -2.96
CA GLY B 156 -12.36 17.50 -2.77
C GLY B 156 -13.76 17.50 -3.30
N ASP B 157 -14.18 16.42 -3.92
CA ASP B 157 -15.52 16.21 -4.46
C ASP B 157 -16.02 14.88 -3.91
N PRO B 158 -17.34 14.64 -3.93
CA PRO B 158 -17.83 13.33 -3.52
C PRO B 158 -17.35 12.21 -4.44
N LEU B 159 -17.32 11.00 -3.91
CA LEU B 159 -16.81 9.86 -4.65
C LEU B 159 -17.80 9.49 -5.74
N GLU B 160 -17.42 9.74 -6.98
CA GLU B 160 -18.26 9.42 -8.12
C GLU B 160 -18.03 7.96 -8.47
N MET B 161 -19.10 7.18 -8.48
CA MET B 161 -18.97 5.74 -8.58
C MET B 161 -19.82 5.20 -9.73
N GLN B 162 -19.80 3.88 -9.86
CA GLN B 162 -20.34 3.16 -11.01
C GLN B 162 -21.14 1.97 -10.52
N GLY B 163 -22.34 1.82 -11.03
CA GLY B 163 -23.18 0.70 -10.64
C GLY B 163 -22.93 -0.52 -11.49
N VAL B 164 -22.15 -1.45 -10.98
CA VAL B 164 -21.93 -2.74 -11.64
C VAL B 164 -22.18 -3.83 -10.62
N LEU B 165 -23.17 -4.66 -10.88
CA LEU B 165 -23.52 -5.71 -9.95
C LEU B 165 -23.56 -7.06 -10.65
N MET B 166 -24.06 -8.08 -9.96
CA MET B 166 -24.45 -9.33 -10.59
C MET B 166 -25.86 -9.65 -10.11
N ASN B 167 -26.58 -10.43 -10.93
CA ASN B 167 -27.98 -10.77 -10.70
C ASN B 167 -28.85 -9.50 -10.61
N TYR B 168 -29.06 -8.90 -11.78
CA TYR B 168 -29.91 -7.70 -11.88
C TYR B 168 -31.35 -7.94 -11.39
N ARG B 169 -31.81 -9.18 -11.34
CA ARG B 169 -33.13 -9.50 -10.83
C ARG B 169 -33.18 -9.62 -9.30
N THR B 170 -32.18 -9.12 -8.58
CA THR B 170 -32.28 -9.07 -7.12
C THR B 170 -33.21 -7.96 -6.70
N LYS B 171 -34.07 -8.26 -5.73
CA LYS B 171 -35.03 -7.30 -5.20
C LYS B 171 -34.43 -6.71 -3.93
N TYR B 172 -33.82 -5.53 -4.06
CA TYR B 172 -33.22 -4.89 -2.91
C TYR B 172 -34.28 -4.24 -2.04
N PRO B 173 -34.01 -4.09 -0.74
CA PRO B 173 -34.94 -3.38 0.13
C PRO B 173 -34.91 -1.87 -0.07
N ASP B 174 -35.70 -1.15 0.72
CA ASP B 174 -35.95 0.26 0.48
C ASP B 174 -34.83 1.17 0.98
N GLY B 175 -34.11 0.75 2.02
CA GLY B 175 -33.10 1.62 2.61
C GLY B 175 -31.87 1.80 1.75
N THR B 176 -31.48 0.75 1.02
CA THR B 176 -30.29 0.79 0.20
C THR B 176 -30.60 1.42 -1.15
N ILE B 177 -29.77 2.37 -1.56
CA ILE B 177 -29.93 2.99 -2.87
C ILE B 177 -29.10 2.22 -3.90
N THR B 178 -29.73 1.92 -5.04
CA THR B 178 -29.28 0.88 -5.97
C THR B 178 -29.18 1.44 -7.38
N PRO B 179 -28.59 0.73 -8.34
CA PRO B 179 -28.68 1.16 -9.74
C PRO B 179 -30.11 1.15 -10.25
N LYS B 180 -30.48 2.24 -10.93
CA LYS B 180 -31.86 2.42 -11.38
C LYS B 180 -32.12 1.62 -12.64
N ASN B 181 -33.14 0.77 -12.57
CA ASN B 181 -33.64 -0.11 -13.64
C ASN B 181 -32.53 -0.95 -14.27
N PRO B 182 -32.02 -1.96 -13.57
CA PRO B 182 -30.93 -2.75 -14.14
C PRO B 182 -31.41 -3.69 -15.22
N THR B 183 -30.55 -3.91 -16.20
CA THR B 183 -30.80 -4.83 -17.29
C THR B 183 -29.77 -5.96 -17.21
N ALA B 184 -29.75 -6.80 -18.25
CA ALA B 184 -28.68 -7.80 -18.35
C ALA B 184 -27.34 -7.13 -18.57
N GLN B 185 -27.33 -5.97 -19.23
CA GLN B 185 -26.12 -5.16 -19.40
C GLN B 185 -25.56 -4.67 -18.07
N SER B 186 -26.39 -4.57 -17.03
CA SER B 186 -25.91 -4.11 -15.73
C SER B 186 -25.07 -5.16 -15.00
N GLN B 187 -25.09 -6.43 -15.45
CA GLN B 187 -24.19 -7.42 -14.88
C GLN B 187 -22.76 -7.27 -15.37
N VAL B 188 -22.54 -6.41 -16.37
CA VAL B 188 -21.22 -5.96 -16.80
C VAL B 188 -21.30 -4.44 -16.78
N MET B 189 -20.29 -3.77 -17.34
CA MET B 189 -20.28 -2.31 -17.42
C MET B 189 -21.50 -1.75 -18.13
N ASN B 190 -22.16 -0.79 -17.48
CA ASN B 190 -23.31 -0.10 -18.02
C ASN B 190 -23.17 1.37 -17.69
N THR B 191 -23.21 2.21 -18.71
CA THR B 191 -22.92 3.63 -18.54
C THR B 191 -24.08 4.37 -17.87
N ASP B 192 -25.28 3.77 -17.85
CA ASP B 192 -26.44 4.44 -17.27
C ASP B 192 -26.42 4.51 -15.76
N HIS B 193 -25.56 3.74 -15.07
CA HIS B 193 -25.62 3.63 -13.62
C HIS B 193 -24.60 4.51 -12.92
N LYS B 194 -24.34 5.71 -13.42
CA LYS B 194 -23.48 6.65 -12.71
C LYS B 194 -24.23 7.20 -11.50
N ALA B 195 -23.52 7.36 -10.39
CA ALA B 195 -24.06 8.02 -9.21
C ALA B 195 -22.90 8.58 -8.39
N TYR B 196 -23.25 9.37 -7.39
CA TYR B 196 -22.30 9.87 -6.41
C TYR B 196 -22.33 8.98 -5.18
N LEU B 197 -21.50 9.31 -4.21
CA LEU B 197 -21.57 8.72 -2.88
C LEU B 197 -22.00 9.87 -1.97
N ASP B 198 -23.31 10.08 -1.87
CA ASP B 198 -23.87 11.25 -1.21
C ASP B 198 -24.69 10.89 0.02
N LYS B 199 -24.49 9.70 0.57
CA LYS B 199 -25.29 9.23 1.69
C LYS B 199 -24.52 8.12 2.38
N ASN B 200 -24.36 8.24 3.69
CA ASN B 200 -23.76 7.17 4.47
C ASN B 200 -24.74 6.01 4.60
N ASN B 201 -24.19 4.79 4.60
CA ASN B 201 -24.90 3.55 4.94
C ASN B 201 -26.05 3.28 3.98
N ALA B 202 -25.93 3.72 2.74
CA ALA B 202 -26.97 3.47 1.75
C ALA B 202 -26.46 2.66 0.57
N TYR B 203 -25.37 3.08 -0.04
CA TYR B 203 -24.78 2.47 -1.21
C TYR B 203 -24.08 1.18 -0.82
N PRO B 204 -24.59 0.00 -1.17
CA PRO B 204 -23.93 -1.24 -0.77
C PRO B 204 -22.66 -1.46 -1.57
N VAL B 205 -21.76 -2.27 -1.01
CA VAL B 205 -20.50 -2.50 -1.70
C VAL B 205 -20.69 -3.45 -2.87
N GLU B 206 -21.66 -4.35 -2.80
CA GLU B 206 -21.82 -5.37 -3.83
C GLU B 206 -22.41 -4.83 -5.12
N CYS B 207 -22.87 -3.58 -5.13
CA CYS B 207 -23.48 -2.98 -6.31
C CYS B 207 -22.66 -1.84 -6.90
N TRP B 208 -21.75 -1.26 -6.14
CA TRP B 208 -21.17 0.02 -6.48
C TRP B 208 -19.65 -0.06 -6.39
N VAL B 209 -18.99 0.12 -7.53
CA VAL B 209 -17.54 0.26 -7.54
C VAL B 209 -17.26 1.71 -7.89
N PRO B 210 -16.14 2.29 -7.44
CA PRO B 210 -15.83 3.66 -7.82
C PRO B 210 -15.53 3.78 -9.30
N ASP B 211 -15.96 4.90 -9.88
CA ASP B 211 -15.98 5.07 -11.32
C ASP B 211 -14.58 5.39 -11.80
N PRO B 212 -13.96 4.56 -12.66
CA PRO B 212 -12.61 4.85 -13.12
C PRO B 212 -12.54 5.98 -14.12
N SER B 213 -13.67 6.43 -14.66
CA SER B 213 -13.66 7.47 -15.68
C SER B 213 -13.93 8.86 -15.13
N ARG B 214 -14.41 9.00 -13.89
CA ARG B 214 -14.92 10.29 -13.45
C ARG B 214 -14.36 10.82 -12.14
N ASN B 215 -13.45 10.11 -11.47
CA ASN B 215 -12.91 10.63 -10.22
C ASN B 215 -11.65 11.44 -10.51
N GLU B 216 -11.86 12.58 -11.19
CA GLU B 216 -10.74 13.44 -11.55
C GLU B 216 -10.19 14.21 -10.37
N ASN B 217 -10.93 14.32 -9.27
CA ASN B 217 -10.50 15.12 -8.14
C ASN B 217 -10.21 14.28 -6.90
N THR B 218 -10.63 13.04 -6.85
CA THR B 218 -10.34 12.20 -5.69
C THR B 218 -9.21 11.24 -6.03
N ARG B 219 -8.69 10.60 -4.99
CA ARG B 219 -7.63 9.60 -5.10
C ARG B 219 -8.13 8.38 -4.34
N TYR B 220 -8.61 7.37 -5.04
CA TYR B 220 -9.19 6.21 -4.38
C TYR B 220 -8.27 5.01 -4.53
N PHE B 221 -8.13 4.25 -3.45
CA PHE B 221 -7.20 3.13 -3.33
C PHE B 221 -7.98 1.97 -2.74
N GLY B 222 -7.81 0.78 -3.30
CA GLY B 222 -8.54 -0.36 -2.79
C GLY B 222 -7.95 -1.65 -3.29
N THR B 223 -8.18 -2.70 -2.51
CA THR B 223 -7.78 -4.04 -2.90
C THR B 223 -8.86 -5.03 -2.45
N PHE B 224 -8.95 -6.14 -3.17
CA PHE B 224 -9.99 -7.12 -2.95
C PHE B 224 -9.38 -8.51 -3.04
N THR B 225 -9.79 -9.39 -2.14
CA THR B 225 -9.33 -10.77 -2.18
C THR B 225 -10.53 -11.64 -1.81
N GLY B 226 -10.96 -12.48 -2.75
CA GLY B 226 -12.16 -13.26 -2.54
C GLY B 226 -11.93 -14.75 -2.51
N GLY B 227 -12.15 -15.37 -1.36
CA GLY B 227 -11.99 -16.80 -1.27
C GLY B 227 -12.84 -17.36 -0.16
N GLU B 228 -12.94 -18.69 -0.17
CA GLU B 228 -13.65 -19.40 0.89
C GLU B 228 -12.94 -19.20 2.23
N ASN B 229 -11.61 -19.30 2.24
CA ASN B 229 -10.83 -19.07 3.46
C ASN B 229 -9.46 -18.51 3.06
N VAL B 230 -9.35 -17.19 3.08
CA VAL B 230 -8.07 -16.53 2.80
C VAL B 230 -7.62 -15.82 4.07
N PRO B 231 -6.33 -15.58 4.28
CA PRO B 231 -5.89 -14.86 5.46
C PRO B 231 -6.11 -13.36 5.31
N PRO B 232 -6.74 -12.72 6.27
CA PRO B 232 -6.71 -11.25 6.29
C PRO B 232 -5.37 -10.72 6.81
N VAL B 233 -4.55 -10.22 5.89
CA VAL B 233 -3.22 -9.69 6.24
C VAL B 233 -3.35 -8.19 6.41
N LEU B 234 -3.06 -7.71 7.62
CA LEU B 234 -3.23 -6.31 7.97
C LEU B 234 -1.95 -5.79 8.61
N HIS B 235 -1.45 -4.67 8.09
CA HIS B 235 -0.24 -4.05 8.59
C HIS B 235 -0.61 -2.78 9.36
N VAL B 236 0.11 -2.50 10.44
CA VAL B 236 -0.19 -1.38 11.32
C VAL B 236 1.11 -0.63 11.62
N THR B 237 1.15 0.66 11.28
CA THR B 237 2.39 1.43 11.18
C THR B 237 2.07 2.92 11.12
N ASN B 238 2.82 3.75 11.85
CA ASN B 238 2.63 5.20 11.77
C ASN B 238 3.72 5.92 10.98
N THR B 239 4.51 5.20 10.19
CA THR B 239 5.52 5.85 9.35
C THR B 239 5.20 5.76 7.86
N ALA B 240 4.23 4.94 7.46
CA ALA B 240 3.83 4.88 6.06
C ALA B 240 3.08 6.16 5.70
N THR B 241 3.17 6.54 4.43
CA THR B 241 2.75 7.87 3.99
C THR B 241 2.41 7.82 2.51
N THR B 242 1.19 8.21 2.17
CA THR B 242 0.72 8.18 0.79
C THR B 242 0.63 9.59 0.24
N VAL B 243 1.28 9.83 -0.89
CA VAL B 243 1.28 11.13 -1.53
C VAL B 243 0.11 11.20 -2.51
N LEU B 244 -0.71 12.25 -2.37
CA LEU B 244 -1.94 12.39 -3.14
C LEU B 244 -1.76 13.28 -4.36
N LEU B 245 -0.53 13.57 -4.77
CA LEU B 245 -0.29 14.47 -5.88
C LEU B 245 -0.37 13.72 -7.21
N ASP B 246 -0.77 14.42 -8.25
CA ASP B 246 -0.90 13.85 -9.58
C ASP B 246 0.40 14.06 -10.37
N GLU B 247 0.35 13.89 -11.68
CA GLU B 247 1.52 14.12 -12.54
C GLU B 247 1.94 15.59 -12.57
N GLN B 248 1.01 16.51 -12.32
CA GLN B 248 1.31 17.94 -12.36
C GLN B 248 1.74 18.48 -11.01
N GLY B 249 1.69 17.67 -9.97
CA GLY B 249 2.08 18.14 -8.65
C GLY B 249 0.97 18.79 -7.86
N VAL B 250 -0.28 18.61 -8.23
CA VAL B 250 -1.40 19.12 -7.47
C VAL B 250 -2.16 17.94 -6.87
N GLY B 251 -2.78 18.18 -5.72
CA GLY B 251 -3.54 17.15 -5.06
C GLY B 251 -5.02 17.32 -5.31
N PRO B 252 -5.84 16.65 -4.52
CA PRO B 252 -7.27 16.98 -4.51
C PRO B 252 -7.55 18.38 -4.03
N LEU B 253 -8.04 19.23 -4.94
CA LEU B 253 -8.45 20.58 -4.58
C LEU B 253 -9.87 20.56 -4.04
N CYS B 254 -10.10 21.36 -3.01
CA CYS B 254 -11.40 21.43 -2.37
C CYS B 254 -12.16 22.61 -2.97
N LYS B 255 -13.01 22.32 -3.97
CA LYS B 255 -13.74 23.32 -4.73
C LYS B 255 -14.68 24.14 -3.86
N ALA B 256 -15.74 23.50 -3.39
CA ALA B 256 -16.40 23.96 -2.19
C ALA B 256 -15.49 23.63 -1.03
N ASP B 257 -15.52 24.47 0.00
CA ASP B 257 -14.60 24.32 1.12
C ASP B 257 -15.04 23.12 1.94
N SER B 258 -14.65 21.94 1.46
CA SER B 258 -15.12 20.66 1.98
C SER B 258 -14.12 19.60 1.60
N LEU B 259 -13.88 18.67 2.50
CA LEU B 259 -12.98 17.55 2.28
C LEU B 259 -13.78 16.28 2.41
N TYR B 260 -13.78 15.46 1.36
CA TYR B 260 -14.65 14.30 1.29
C TYR B 260 -13.81 13.05 1.52
N VAL B 261 -14.22 12.25 2.49
CA VAL B 261 -13.47 11.09 2.95
C VAL B 261 -14.39 9.89 2.91
N SER B 262 -14.01 8.86 2.16
CA SER B 262 -14.82 7.67 2.00
C SER B 262 -13.98 6.44 2.34
N ALA B 263 -14.67 5.35 2.71
CA ALA B 263 -13.99 4.12 3.08
C ALA B 263 -14.97 2.95 3.01
N ALA B 264 -14.40 1.75 2.98
CA ALA B 264 -15.13 0.49 3.08
C ALA B 264 -14.14 -0.58 3.49
N ASP B 265 -14.33 -1.17 4.67
CA ASP B 265 -13.40 -2.17 5.19
C ASP B 265 -14.15 -3.42 5.62
N ILE B 266 -14.39 -4.33 4.69
CA ILE B 266 -14.82 -5.68 5.01
C ILE B 266 -13.57 -6.48 5.34
N CYS B 267 -13.57 -7.13 6.51
CA CYS B 267 -12.40 -7.90 6.93
C CYS B 267 -12.57 -9.41 6.76
N GLY B 268 -13.79 -9.92 6.83
CA GLY B 268 -14.00 -11.34 6.61
C GLY B 268 -15.35 -11.77 7.14
N LEU B 269 -15.53 -13.08 7.17
CA LEU B 269 -16.76 -13.68 7.66
C LEU B 269 -16.55 -14.26 9.05
N PHE B 270 -17.46 -13.94 9.96
CA PHE B 270 -17.45 -14.45 11.32
C PHE B 270 -18.40 -15.63 11.37
N THR B 271 -17.86 -16.83 11.57
CA THR B 271 -18.69 -18.02 11.62
C THR B 271 -19.14 -18.28 13.05
N ASN B 272 -20.46 -18.36 13.25
CA ASN B 272 -21.00 -18.56 14.58
C ASN B 272 -20.85 -20.01 15.02
N SER B 273 -21.33 -20.31 16.24
CA SER B 273 -21.21 -21.65 16.78
C SER B 273 -22.14 -22.62 16.07
N SER B 274 -23.28 -22.14 15.58
CA SER B 274 -24.19 -22.97 14.81
C SER B 274 -23.77 -23.12 13.35
N GLY B 275 -22.68 -22.50 12.95
CA GLY B 275 -22.22 -22.58 11.58
C GLY B 275 -22.80 -21.53 10.66
N THR B 276 -23.24 -20.41 11.21
CA THR B 276 -23.94 -19.39 10.43
C THR B 276 -23.06 -18.15 10.34
N GLN B 277 -22.76 -17.74 9.13
CA GLN B 277 -21.75 -16.72 8.87
C GLN B 277 -22.36 -15.33 8.79
N GLN B 278 -21.53 -14.34 9.11
CA GLN B 278 -21.90 -12.94 9.04
C GLN B 278 -20.63 -12.12 8.95
N TRP B 279 -20.75 -10.91 8.42
CA TRP B 279 -19.59 -10.12 8.06
C TRP B 279 -18.94 -9.49 9.29
N ARG B 280 -17.80 -8.84 9.07
CA ARG B 280 -17.05 -8.14 10.10
C ARG B 280 -16.33 -6.96 9.48
N GLY B 281 -16.50 -5.79 10.08
CA GLY B 281 -15.85 -4.59 9.60
C GLY B 281 -15.15 -3.86 10.73
N LEU B 282 -14.13 -3.10 10.35
CA LEU B 282 -13.35 -2.31 11.30
C LEU B 282 -13.30 -0.87 10.82
N ALA B 283 -12.93 0.02 11.73
CA ALA B 283 -12.88 1.45 11.42
C ALA B 283 -11.65 1.75 10.57
N ARG B 284 -11.51 3.01 10.17
CA ARG B 284 -10.39 3.40 9.34
C ARG B 284 -9.94 4.81 9.70
N TYR B 285 -8.72 4.91 10.20
CA TYR B 285 -8.10 6.18 10.52
C TYR B 285 -7.71 6.91 9.25
N PHE B 286 -7.79 8.23 9.30
CA PHE B 286 -7.36 9.10 8.20
C PHE B 286 -6.54 10.23 8.75
N LYS B 287 -5.51 10.64 8.02
CA LYS B 287 -4.72 11.80 8.41
C LYS B 287 -4.34 12.55 7.13
N ILE B 288 -5.10 13.58 6.80
CA ILE B 288 -4.90 14.34 5.58
C ILE B 288 -4.11 15.60 5.91
N ARG B 289 -3.04 15.82 5.16
CA ARG B 289 -2.20 17.01 5.29
C ARG B 289 -2.63 18.03 4.24
N LEU B 290 -2.96 19.24 4.67
CA LEU B 290 -3.54 20.25 3.79
C LEU B 290 -2.58 21.43 3.61
N ARG B 291 -2.80 22.19 2.54
CA ARG B 291 -2.11 23.46 2.34
C ARG B 291 -2.99 24.35 1.47
N LYS B 292 -2.50 25.56 1.22
CA LYS B 292 -3.25 26.59 0.51
C LYS B 292 -2.66 26.76 -0.88
N ARG B 293 -3.48 26.55 -1.92
CA ARG B 293 -3.01 26.63 -3.29
C ARG B 293 -3.56 27.85 -3.99
N SER B 294 -2.68 28.64 -4.58
CA SER B 294 -3.10 29.70 -5.47
C SER B 294 -3.56 29.11 -6.78
N VAL B 295 -4.84 29.30 -7.11
CA VAL B 295 -5.40 28.84 -8.37
C VAL B 295 -5.91 30.07 -9.11
N LYS B 296 -6.49 29.88 -10.29
CA LYS B 296 -7.15 30.98 -10.97
C LYS B 296 -8.65 30.75 -10.95
N ASN B 297 -9.40 31.81 -11.24
CA ASN B 297 -10.83 31.72 -11.47
C ASN B 297 -11.04 31.28 -12.91
N PRO B 298 -11.53 30.06 -13.14
CA PRO B 298 -11.70 29.60 -14.51
C PRO B 298 -12.92 30.18 -15.21
N TYR B 299 -13.81 30.81 -14.47
CA TYR B 299 -15.13 31.23 -14.86
C TYR B 299 -15.20 32.75 -14.94
N PRO B 300 -15.94 33.29 -15.90
CA PRO B 300 -16.05 34.74 -16.01
C PRO B 300 -16.98 35.30 -14.93
N ILE B 301 -17.02 36.64 -14.88
CA ILE B 301 -17.90 37.33 -13.94
C ILE B 301 -19.36 37.16 -14.33
N SER B 302 -19.63 36.86 -15.59
CA SER B 302 -20.97 36.64 -16.10
C SER B 302 -21.62 35.34 -15.63
N PHE B 303 -20.98 34.57 -14.74
CA PHE B 303 -21.67 33.48 -14.05
C PHE B 303 -22.15 33.91 -12.67
N LEU B 304 -21.44 34.84 -12.04
CA LEU B 304 -21.96 35.44 -10.80
C LEU B 304 -23.20 36.26 -11.07
N LEU B 305 -23.16 37.13 -12.08
CA LEU B 305 -24.27 38.01 -12.38
C LEU B 305 -25.44 37.29 -13.02
N SER B 306 -25.20 36.20 -13.75
CA SER B 306 -26.32 35.46 -14.32
C SER B 306 -27.09 34.72 -13.25
N ASP B 307 -26.44 34.36 -12.15
CA ASP B 307 -27.14 33.71 -11.05
C ASP B 307 -27.85 34.72 -10.16
N LEU B 308 -27.34 35.95 -10.08
CA LEU B 308 -28.03 36.99 -9.32
C LEU B 308 -29.31 37.42 -10.02
N ILE B 309 -29.25 37.59 -11.35
CA ILE B 309 -30.40 38.01 -12.13
C ILE B 309 -31.47 36.94 -12.14
N ASN B 310 -31.08 35.68 -12.28
CA ASN B 310 -32.03 34.58 -12.38
C ASN B 310 -32.70 34.23 -11.05
N ARG B 311 -32.42 34.94 -9.96
CA ARG B 311 -33.15 34.76 -8.71
C ARG B 311 -33.74 36.06 -8.19
N ARG B 312 -33.66 37.13 -8.98
CA ARG B 312 -34.36 38.38 -8.66
C ARG B 312 -35.32 38.84 -9.75
N THR B 313 -35.10 38.47 -11.01
CA THR B 313 -36.04 38.78 -12.07
C THR B 313 -37.18 37.77 -12.05
N GLN B 314 -38.38 38.20 -12.42
CA GLN B 314 -39.55 37.33 -12.37
C GLN B 314 -39.51 36.30 -13.49
N ARG B 315 -40.03 35.11 -13.19
CA ARG B 315 -40.11 34.05 -14.19
C ARG B 315 -41.31 34.33 -15.09
N VAL B 316 -41.06 34.52 -16.38
CA VAL B 316 -42.09 34.86 -17.35
C VAL B 316 -42.42 33.62 -18.18
N ASP B 317 -43.68 33.23 -18.18
CA ASP B 317 -44.15 32.09 -18.98
C ASP B 317 -44.57 32.54 -20.37
N GLY B 318 -43.62 33.04 -21.12
CA GLY B 318 -43.90 33.59 -22.42
C GLY B 318 -44.10 32.53 -23.49
N GLN B 319 -44.19 32.99 -24.72
CA GLN B 319 -44.19 32.10 -25.87
C GLN B 319 -42.76 31.62 -26.11
N PRO B 320 -42.58 30.41 -26.66
CA PRO B 320 -41.23 29.84 -26.76
C PRO B 320 -40.35 30.58 -27.76
N MET B 321 -39.29 31.20 -27.24
CA MET B 321 -38.31 31.89 -28.07
C MET B 321 -36.97 31.18 -28.11
N TYR B 322 -36.91 29.92 -27.67
CA TYR B 322 -35.71 29.11 -27.82
C TYR B 322 -36.11 27.64 -27.81
N GLY B 323 -35.36 26.84 -28.57
CA GLY B 323 -35.60 25.41 -28.65
C GLY B 323 -36.00 24.99 -30.06
N MET B 324 -36.69 23.86 -30.15
CA MET B 324 -37.16 23.37 -31.44
C MET B 324 -38.46 24.01 -31.88
N GLU B 325 -39.21 24.59 -30.95
CA GLU B 325 -40.43 25.33 -31.26
C GLU B 325 -40.24 26.82 -31.02
N SER B 326 -39.04 27.32 -31.28
CA SER B 326 -38.72 28.73 -31.10
C SER B 326 -39.48 29.59 -32.09
N GLN B 327 -39.66 30.86 -31.72
CA GLN B 327 -40.36 31.80 -32.57
C GLN B 327 -39.46 32.94 -33.04
N VAL B 328 -38.17 32.88 -32.74
CA VAL B 328 -37.22 33.81 -33.32
C VAL B 328 -36.79 33.25 -34.67
N GLU B 329 -37.02 34.03 -35.72
CA GLU B 329 -36.86 33.52 -37.09
C GLU B 329 -35.50 33.85 -37.67
N GLU B 330 -35.09 35.11 -37.65
CA GLU B 330 -33.79 35.49 -38.16
C GLU B 330 -33.08 36.36 -37.15
N VAL B 331 -31.79 36.12 -36.95
CA VAL B 331 -30.92 37.00 -36.19
C VAL B 331 -29.75 37.35 -37.09
N ARG B 332 -29.48 38.63 -37.27
CA ARG B 332 -28.37 39.09 -38.08
C ARG B 332 -27.46 39.98 -37.23
N VAL B 333 -26.16 39.76 -37.35
CA VAL B 333 -25.16 40.52 -36.61
C VAL B 333 -24.37 41.35 -37.59
N PHE B 334 -24.33 42.66 -37.38
CA PHE B 334 -23.66 43.61 -38.25
C PHE B 334 -22.51 44.25 -37.49
N ASP B 335 -21.28 44.03 -37.94
CA ASP B 335 -20.12 44.64 -37.32
C ASP B 335 -19.12 45.06 -38.38
N GLY B 336 -18.74 46.33 -38.36
CA GLY B 336 -17.79 46.86 -39.32
C GLY B 336 -18.44 47.16 -40.66
N THR B 337 -17.70 47.86 -41.50
CA THR B 337 -18.16 48.27 -42.81
C THR B 337 -17.49 47.47 -43.89
N GLU B 338 -18.24 47.20 -44.97
CA GLU B 338 -17.72 46.54 -46.16
C GLU B 338 -18.27 47.25 -47.38
N ARG B 339 -17.70 46.92 -48.55
CA ARG B 339 -18.24 47.40 -49.81
C ARG B 339 -19.59 46.74 -50.06
N LEU B 340 -20.41 47.36 -50.91
CA LEU B 340 -21.78 46.90 -51.10
C LEU B 340 -21.81 45.57 -51.83
N PRO B 341 -22.37 44.51 -51.26
CA PRO B 341 -22.42 43.23 -51.96
C PRO B 341 -23.60 43.15 -52.91
N GLY B 342 -23.41 42.40 -53.98
CA GLY B 342 -24.43 42.26 -55.00
C GLY B 342 -25.55 41.31 -54.67
N ASP B 343 -25.42 40.54 -53.59
CA ASP B 343 -26.45 39.58 -53.19
C ASP B 343 -26.99 40.01 -51.84
N PRO B 344 -28.18 40.61 -51.79
CA PRO B 344 -28.79 40.92 -50.48
C PRO B 344 -29.33 39.69 -49.77
N ASP B 345 -29.73 38.66 -50.50
CA ASP B 345 -30.22 37.43 -49.90
C ASP B 345 -29.12 36.41 -49.64
N MET B 346 -27.89 36.87 -49.45
CA MET B 346 -26.77 36.00 -49.16
C MET B 346 -26.87 35.42 -47.75
N ILE B 347 -26.15 34.33 -47.53
CA ILE B 347 -26.08 33.66 -46.24
C ILE B 347 -24.62 33.62 -45.83
N ARG B 348 -24.34 34.04 -44.60
CA ARG B 348 -22.98 34.16 -44.13
C ARG B 348 -22.90 33.67 -42.69
N TYR B 349 -21.80 32.98 -42.33
CA TYR B 349 -21.59 32.47 -40.99
C TYR B 349 -20.11 32.17 -40.79
N ILE B 350 -19.80 31.49 -39.69
CA ILE B 350 -18.44 31.03 -39.38
C ILE B 350 -18.53 29.55 -39.05
N ASP B 351 -17.78 28.73 -39.78
CA ASP B 351 -17.99 27.28 -39.67
C ASP B 351 -17.27 26.67 -38.46
N LYS B 352 -15.93 26.65 -38.48
CA LYS B 352 -15.13 26.02 -37.44
C LYS B 352 -14.16 27.02 -36.86
N GLN B 353 -13.54 27.82 -37.73
CA GLN B 353 -12.74 28.96 -37.29
C GLN B 353 -12.89 30.21 -38.14
N GLY B 354 -13.31 30.11 -39.39
CA GLY B 354 -13.22 31.21 -40.32
C GLY B 354 -14.55 31.56 -40.94
N GLN B 355 -14.63 32.78 -41.45
CA GLN B 355 -15.88 33.35 -41.93
C GLN B 355 -16.23 32.78 -43.31
N LEU B 356 -17.36 32.09 -43.37
CA LEU B 356 -17.77 31.38 -44.58
C LEU B 356 -19.06 32.00 -45.11
N GLN B 357 -19.36 31.71 -46.37
CA GLN B 357 -20.31 32.53 -47.12
C GLN B 357 -21.02 31.65 -48.16
N THR B 358 -22.15 31.08 -47.77
CA THR B 358 -22.94 30.24 -48.67
C THR B 358 -23.93 31.09 -49.44
N LYS B 359 -24.86 30.43 -50.13
CA LYS B 359 -25.80 31.10 -51.03
C LYS B 359 -27.19 30.53 -50.81
N LYS C 16 52.13 -1.17 -2.38
CA LYS C 16 52.09 -0.58 -1.05
C LYS C 16 50.65 -0.36 -0.61
N PRO C 17 50.28 -0.96 0.53
CA PRO C 17 48.90 -0.81 1.03
C PRO C 17 48.67 0.54 1.67
N LYS C 18 47.40 0.93 1.73
CA LYS C 18 47.02 2.24 2.22
C LYS C 18 46.89 2.22 3.75
N GLU C 19 46.60 3.39 4.31
CA GLU C 19 46.27 3.50 5.71
C GLU C 19 44.90 2.88 5.97
N PRO C 20 44.63 2.46 7.21
CA PRO C 20 43.28 2.01 7.54
C PRO C 20 42.27 3.14 7.47
N VAL C 21 41.01 2.77 7.26
CA VAL C 21 39.95 3.76 7.15
C VAL C 21 39.58 4.28 8.54
N GLN C 22 38.95 5.45 8.57
CA GLN C 22 38.48 6.02 9.82
C GLN C 22 37.17 5.39 10.20
N VAL C 23 37.16 4.69 11.33
CA VAL C 23 36.00 3.99 11.87
C VAL C 23 35.65 4.71 13.17
N PRO C 24 34.37 4.89 13.50
CA PRO C 24 34.02 5.50 14.79
C PRO C 24 34.51 4.68 15.98
N LYS C 25 35.24 5.34 16.86
CA LYS C 25 36.00 4.69 17.92
C LYS C 25 35.09 4.21 19.03
N LEU C 26 35.13 2.91 19.30
CA LEU C 26 34.49 2.37 20.50
C LEU C 26 35.20 2.90 21.74
N LEU C 27 34.42 3.28 22.74
CA LEU C 27 34.98 3.72 24.02
C LEU C 27 34.80 2.69 25.12
N ILE C 28 33.57 2.28 25.38
CA ILE C 28 33.30 1.36 26.47
C ILE C 28 32.16 0.44 26.08
N LYS C 29 32.39 -0.85 26.24
CA LYS C 29 31.40 -1.89 26.00
C LYS C 29 31.08 -2.53 27.34
N GLY C 30 29.82 -2.91 27.54
CA GLY C 30 29.46 -3.60 28.76
C GLY C 30 27.96 -3.67 28.92
N GLY C 31 27.53 -3.77 30.18
CA GLY C 31 26.13 -3.92 30.51
C GLY C 31 25.39 -2.60 30.52
N VAL C 32 24.33 -2.56 31.33
CA VAL C 32 23.47 -1.37 31.38
C VAL C 32 24.16 -0.20 32.09
N GLU C 33 25.19 -0.48 32.88
CA GLU C 33 25.87 0.57 33.65
C GLU C 33 26.76 1.45 32.79
N VAL C 34 26.93 1.14 31.51
CA VAL C 34 27.68 1.96 30.59
C VAL C 34 26.91 3.24 30.26
N LEU C 35 25.58 3.21 30.43
CA LEU C 35 24.73 4.35 30.11
C LEU C 35 25.04 5.58 30.94
N GLU C 36 25.33 5.39 32.23
CA GLU C 36 25.55 6.51 33.14
C GLU C 36 26.91 7.18 32.99
N VAL C 37 27.74 6.73 32.05
CA VAL C 37 29.03 7.37 31.79
C VAL C 37 28.78 8.69 31.06
N LYS C 38 29.34 9.77 31.58
CA LYS C 38 29.24 11.05 30.90
C LYS C 38 30.22 11.07 29.75
N THR C 39 29.71 11.25 28.53
CA THR C 39 30.49 11.16 27.32
C THR C 39 30.50 12.52 26.60
N GLY C 40 31.08 12.54 25.41
CA GLY C 40 31.08 13.74 24.61
C GLY C 40 29.72 14.03 24.00
N VAL C 41 29.61 15.20 23.39
CA VAL C 41 28.34 15.59 22.80
C VAL C 41 28.09 14.87 21.48
N ASP C 42 29.15 14.51 20.76
CA ASP C 42 29.02 13.76 19.51
C ASP C 42 29.26 12.27 19.74
N ALA C 43 28.49 11.69 20.65
CA ALA C 43 28.67 10.31 21.05
C ALA C 43 27.46 9.49 20.64
N ILE C 44 27.72 8.27 20.17
CA ILE C 44 26.70 7.36 19.67
C ILE C 44 26.61 6.19 20.63
N THR C 45 25.41 5.89 21.11
CA THR C 45 25.17 4.83 22.07
C THR C 45 24.26 3.79 21.46
N GLU C 46 24.65 2.53 21.54
CA GLU C 46 23.90 1.42 20.95
C GLU C 46 23.46 0.47 22.06
N VAL C 47 22.20 0.58 22.47
CA VAL C 47 21.66 -0.22 23.54
C VAL C 47 21.02 -1.47 22.95
N GLU C 48 21.31 -2.63 23.53
CA GLU C 48 20.79 -3.90 23.06
C GLU C 48 20.01 -4.56 24.18
N CYS C 49 18.75 -4.91 23.93
CA CYS C 49 17.90 -5.48 24.96
C CYS C 49 16.96 -6.48 24.33
N PHE C 50 16.02 -6.99 25.12
CA PHE C 50 15.02 -7.92 24.62
C PHE C 50 13.77 -7.83 25.49
N LEU C 51 12.70 -8.48 25.04
CA LEU C 51 11.44 -8.53 25.75
C LEU C 51 10.88 -9.93 25.71
N ASN C 52 10.63 -10.50 26.86
CA ASN C 52 10.03 -11.83 26.92
C ASN C 52 8.53 -11.74 26.66
N PRO C 53 7.94 -12.73 25.99
CA PRO C 53 6.51 -12.67 25.71
C PRO C 53 5.67 -12.99 26.95
N GLU C 54 4.66 -12.16 27.18
CA GLU C 54 3.72 -12.37 28.26
C GLU C 54 2.47 -13.02 27.67
N MET C 55 2.59 -14.31 27.37
CA MET C 55 1.55 -15.05 26.67
C MET C 55 0.49 -15.61 27.60
N GLY C 56 0.68 -15.50 28.91
CA GLY C 56 -0.30 -15.96 29.86
C GLY C 56 0.29 -16.85 30.92
N ASP C 57 1.21 -17.75 30.52
CA ASP C 57 1.98 -18.65 31.38
C ASP C 57 1.07 -19.49 32.30
N PRO C 58 0.41 -20.52 31.77
CA PRO C 58 -0.67 -21.19 32.53
C PRO C 58 -0.23 -21.88 33.81
N ASP C 59 1.02 -22.33 33.91
CA ASP C 59 1.59 -22.71 35.20
C ASP C 59 3.08 -22.40 35.18
N GLU C 60 3.78 -22.81 36.23
CA GLU C 60 5.17 -22.43 36.39
C GLU C 60 6.11 -23.21 35.50
N ASN C 61 5.68 -24.36 34.99
CA ASN C 61 6.53 -25.24 34.19
C ASN C 61 6.27 -25.09 32.70
N LEU C 62 5.56 -24.04 32.30
CA LEU C 62 5.15 -23.93 30.90
C LEU C 62 5.08 -22.43 30.57
N ARG C 63 6.19 -21.88 30.10
CA ARG C 63 6.32 -20.46 29.86
C ARG C 63 6.34 -20.18 28.36
N GLY C 64 5.68 -19.10 27.95
CA GLY C 64 5.54 -18.81 26.55
C GLY C 64 4.30 -19.37 25.92
N PHE C 65 3.63 -20.30 26.57
CA PHE C 65 2.34 -20.76 26.08
C PHE C 65 1.25 -19.93 26.74
N SER C 66 0.02 -20.22 26.38
CA SER C 66 -1.15 -19.72 27.07
C SER C 66 -1.91 -20.90 27.65
N LEU C 67 -3.01 -20.62 28.32
CA LEU C 67 -3.90 -21.69 28.70
C LEU C 67 -4.71 -22.11 27.48
N LYS C 68 -5.28 -23.31 27.55
CA LYS C 68 -6.05 -23.84 26.43
C LYS C 68 -7.29 -22.99 26.16
N LEU C 69 -7.68 -22.90 24.89
CA LEU C 69 -8.69 -21.95 24.48
C LEU C 69 -10.09 -22.49 24.71
N SER C 70 -10.97 -21.61 25.19
CA SER C 70 -12.40 -21.90 25.21
C SER C 70 -12.99 -21.65 23.84
N ALA C 71 -14.01 -22.43 23.48
CA ALA C 71 -14.41 -22.56 22.09
C ALA C 71 -15.63 -21.71 21.73
N GLU C 72 -16.77 -21.97 22.37
CA GLU C 72 -18.05 -21.47 21.87
C GLU C 72 -18.83 -20.75 22.96
N ASN C 73 -18.16 -19.87 23.69
CA ASN C 73 -18.86 -19.01 24.63
C ASN C 73 -19.60 -17.92 23.86
N ASP C 74 -20.92 -17.87 24.02
CA ASP C 74 -21.74 -16.93 23.27
C ASP C 74 -21.51 -15.49 23.76
N PHE C 75 -22.07 -14.54 23.01
CA PHE C 75 -21.83 -13.16 23.37
C PHE C 75 -22.44 -12.71 24.69
N SER C 76 -23.55 -13.30 25.09
CA SER C 76 -24.17 -12.86 26.34
C SER C 76 -23.32 -13.26 27.55
N SER C 77 -22.99 -14.55 27.66
CA SER C 77 -22.22 -15.08 28.77
C SER C 77 -20.86 -15.51 28.25
N ASP C 78 -19.91 -14.58 28.28
CA ASP C 78 -18.55 -14.82 27.81
C ASP C 78 -17.60 -14.32 28.89
N SER C 79 -16.87 -15.24 29.51
CA SER C 79 -15.93 -14.90 30.58
C SER C 79 -14.63 -15.65 30.36
N PRO C 80 -13.64 -15.03 29.72
CA PRO C 80 -12.33 -15.65 29.61
C PRO C 80 -11.59 -15.63 30.94
N GLU C 81 -10.51 -16.38 30.99
CA GLU C 81 -9.68 -16.50 32.17
C GLU C 81 -8.36 -15.75 31.99
N ARG C 82 -7.66 -15.57 33.10
CA ARG C 82 -6.52 -14.67 33.15
C ARG C 82 -5.33 -15.23 32.38
N LYS C 83 -5.07 -16.53 32.51
CA LYS C 83 -3.89 -17.16 31.93
C LYS C 83 -4.02 -17.40 30.43
N MET C 84 -5.18 -17.15 29.85
CA MET C 84 -5.42 -17.48 28.45
C MET C 84 -5.11 -16.32 27.51
N LEU C 85 -5.22 -15.09 27.98
CA LEU C 85 -5.14 -13.93 27.10
C LEU C 85 -3.69 -13.48 26.95
N PRO C 86 -3.16 -13.43 25.73
CA PRO C 86 -1.82 -12.87 25.53
C PRO C 86 -1.85 -11.37 25.68
N CYS C 87 -0.85 -10.84 26.38
CA CYS C 87 -0.80 -9.42 26.70
C CYS C 87 0.43 -8.78 26.10
N TYR C 88 0.42 -7.46 26.06
CA TYR C 88 1.56 -6.71 25.55
C TYR C 88 2.75 -6.77 26.48
N SER C 89 3.94 -6.77 25.90
CA SER C 89 5.17 -6.64 26.65
C SER C 89 5.67 -5.21 26.54
N THR C 90 6.16 -4.66 27.65
CA THR C 90 6.72 -3.32 27.65
C THR C 90 7.84 -3.24 28.67
N ALA C 91 8.71 -2.25 28.48
CA ALA C 91 9.80 -2.00 29.41
C ALA C 91 10.28 -0.57 29.21
N ARG C 92 11.14 -0.14 30.13
CA ARG C 92 11.63 1.23 30.16
C ARG C 92 13.14 1.19 30.42
N ILE C 93 13.91 1.88 29.58
CA ILE C 93 15.36 1.86 29.66
C ILE C 93 15.81 3.18 30.28
N PRO C 94 16.31 3.18 31.52
CA PRO C 94 16.73 4.43 32.15
C PRO C 94 17.97 5.05 31.51
N LEU C 95 17.80 6.16 30.89
CA LEU C 95 18.83 7.00 30.30
C LEU C 95 19.18 8.14 31.26
N PRO C 96 20.39 8.67 31.22
CA PRO C 96 20.76 9.74 32.14
C PRO C 96 20.20 11.09 31.70
N ASN C 97 20.40 12.10 32.55
CA ASN C 97 20.13 13.47 32.20
C ASN C 97 21.44 14.10 31.74
N LEU C 98 21.37 14.95 30.73
CA LEU C 98 22.55 15.28 29.96
C LEU C 98 23.04 16.70 30.18
N ASN C 99 22.16 17.63 30.53
CA ASN C 99 22.61 18.97 30.84
C ASN C 99 23.26 19.01 32.22
N GLU C 100 24.19 19.94 32.39
CA GLU C 100 24.84 20.15 33.68
C GLU C 100 24.49 21.50 34.27
N ASP C 101 24.77 22.58 33.55
CA ASP C 101 24.32 23.89 33.96
C ASP C 101 22.95 24.14 33.33
N LEU C 102 22.45 25.37 33.42
CA LEU C 102 21.17 25.69 32.80
C LEU C 102 21.31 25.74 31.29
N THR C 103 22.16 26.64 30.80
CA THR C 103 22.33 26.97 29.37
C THR C 103 20.97 27.24 28.73
N CYS C 104 20.35 28.33 29.20
CA CYS C 104 18.96 28.63 28.91
C CYS C 104 18.73 28.83 27.42
N GLY C 105 17.55 28.44 26.97
CA GLY C 105 17.33 28.27 25.56
C GLY C 105 17.34 26.81 25.18
N ASN C 106 18.48 26.32 24.70
CA ASN C 106 18.56 24.99 24.16
C ASN C 106 18.86 23.96 25.24
N LEU C 107 18.46 22.72 24.98
CA LEU C 107 18.70 21.61 25.88
C LEU C 107 19.43 20.57 25.05
N LEU C 108 19.58 19.34 25.54
CA LEU C 108 20.38 18.34 24.85
C LEU C 108 19.85 16.98 25.28
N MET C 109 19.02 16.37 24.43
CA MET C 109 18.32 15.12 24.74
C MET C 109 18.88 13.96 23.94
N TRP C 110 18.40 12.77 24.27
CA TRP C 110 18.69 11.59 23.46
C TRP C 110 17.76 11.55 22.25
N GLU C 111 18.04 10.63 21.34
CA GLU C 111 17.27 10.50 20.11
C GLU C 111 17.45 9.09 19.57
N ALA C 112 16.37 8.32 19.55
CA ALA C 112 16.44 6.99 18.95
C ALA C 112 16.47 7.13 17.43
N VAL C 113 17.60 6.81 16.82
CA VAL C 113 17.78 6.98 15.39
C VAL C 113 17.38 5.73 14.62
N THR C 114 17.80 4.56 15.10
CA THR C 114 17.73 3.33 14.33
C THR C 114 17.43 2.17 15.25
N VAL C 115 16.35 1.46 14.99
CA VAL C 115 16.08 0.20 15.67
C VAL C 115 16.48 -0.93 14.72
N GLN C 116 16.92 -2.04 15.30
CA GLN C 116 17.29 -3.23 14.55
C GLN C 116 16.79 -4.41 15.38
N THR C 117 15.64 -4.95 15.00
CA THR C 117 14.91 -5.92 15.81
C THR C 117 14.86 -7.28 15.14
N GLU C 118 14.46 -8.28 15.92
CA GLU C 118 14.57 -9.69 15.55
C GLU C 118 13.87 -10.53 16.60
N VAL C 119 13.21 -11.60 16.17
CA VAL C 119 12.51 -12.52 17.05
C VAL C 119 13.44 -13.66 17.41
N ILE C 120 13.66 -13.90 18.70
CA ILE C 120 14.54 -14.97 19.14
C ILE C 120 13.74 -16.25 19.29
N GLY C 121 14.22 -17.32 18.67
CA GLY C 121 13.68 -18.62 18.90
C GLY C 121 12.80 -19.17 17.80
N ILE C 122 13.02 -18.77 16.55
CA ILE C 122 12.08 -19.14 15.51
C ILE C 122 12.21 -20.60 15.10
N THR C 123 13.38 -21.21 15.29
CA THR C 123 13.58 -22.60 14.93
C THR C 123 13.16 -23.55 16.03
N SER C 124 12.73 -23.02 17.17
CA SER C 124 12.10 -23.84 18.20
C SER C 124 10.78 -24.42 17.75
N MET C 125 10.18 -23.86 16.71
CA MET C 125 8.92 -24.33 16.16
C MET C 125 9.09 -25.55 15.26
N LEU C 126 10.33 -25.98 15.02
CA LEU C 126 10.63 -27.24 14.35
C LEU C 126 10.52 -28.44 15.28
N ASN C 127 10.25 -28.23 16.56
CA ASN C 127 10.07 -29.31 17.53
C ASN C 127 8.74 -29.97 17.26
N LEU C 128 8.76 -31.06 16.49
CA LEU C 128 7.55 -31.80 16.14
C LEU C 128 7.38 -33.07 16.94
N HIS C 129 8.38 -33.46 17.73
CA HIS C 129 8.29 -34.61 18.60
C HIS C 129 7.78 -34.26 19.99
N ALA C 130 7.33 -33.03 20.19
CA ALA C 130 6.78 -32.56 21.46
C ALA C 130 5.33 -33.01 21.58
N GLY C 131 4.57 -32.36 22.46
CA GLY C 131 3.17 -32.71 22.66
C GLY C 131 2.19 -32.30 21.57
N SER C 132 2.68 -32.10 20.35
CA SER C 132 1.84 -31.76 19.22
C SER C 132 0.92 -32.93 18.87
N GLN C 133 -0.17 -32.61 18.18
CA GLN C 133 -1.08 -33.65 17.72
C GLN C 133 -0.46 -34.38 16.54
N LYS C 134 -0.68 -35.69 16.49
CA LYS C 134 -0.25 -36.50 15.35
C LYS C 134 -1.00 -36.03 14.11
N VAL C 135 -0.25 -35.73 13.04
CA VAL C 135 -0.81 -34.97 11.93
C VAL C 135 -1.70 -35.85 11.04
N HIS C 136 -1.34 -37.12 10.85
CA HIS C 136 -2.17 -38.10 10.17
C HIS C 136 -1.81 -39.46 10.77
N GLU C 137 -2.06 -40.54 10.02
CA GLU C 137 -2.11 -41.90 10.59
C GLU C 137 -0.79 -42.33 11.23
N HIS C 138 0.34 -42.08 10.57
CA HIS C 138 1.63 -42.37 11.18
C HIS C 138 2.59 -41.19 11.10
N GLY C 139 2.08 -39.98 10.84
CA GLY C 139 2.92 -38.83 10.65
C GLY C 139 3.50 -38.30 11.94
N GLY C 140 4.21 -37.18 11.81
CA GLY C 140 4.81 -36.51 12.94
C GLY C 140 3.82 -35.62 13.66
N GLY C 141 4.37 -34.65 14.39
CA GLY C 141 3.54 -33.71 15.11
C GLY C 141 3.06 -32.57 14.22
N LYS C 142 1.97 -31.96 14.64
CA LYS C 142 1.43 -30.84 13.89
C LYS C 142 2.17 -29.56 14.29
N PRO C 143 2.72 -28.81 13.34
CA PRO C 143 3.50 -27.62 13.69
C PRO C 143 2.61 -26.46 14.13
N ILE C 144 3.26 -25.45 14.67
CA ILE C 144 2.56 -24.29 15.22
C ILE C 144 2.16 -23.37 14.06
N GLN C 145 0.86 -23.21 13.88
CA GLN C 145 0.33 -22.39 12.81
C GLN C 145 -0.99 -21.80 13.27
N GLY C 146 -1.52 -20.88 12.47
CA GLY C 146 -2.76 -20.21 12.83
C GLY C 146 -2.60 -18.71 12.86
N SER C 147 -3.48 -18.02 13.58
CA SER C 147 -3.45 -16.57 13.64
C SER C 147 -2.24 -16.10 14.41
N ASN C 148 -1.48 -15.17 13.82
CA ASN C 148 -0.27 -14.66 14.44
C ASN C 148 -0.20 -13.15 14.28
N PHE C 149 0.60 -12.53 15.13
CA PHE C 149 0.67 -11.07 15.19
C PHE C 149 2.01 -10.67 15.77
N HIS C 150 2.84 -10.01 14.97
CA HIS C 150 4.16 -9.58 15.39
C HIS C 150 4.22 -8.06 15.40
N PHE C 151 4.62 -7.49 16.53
CA PHE C 151 4.50 -6.06 16.77
C PHE C 151 5.67 -5.59 17.60
N PHE C 152 6.13 -4.36 17.34
CA PHE C 152 7.06 -3.70 18.23
C PHE C 152 6.91 -2.20 18.12
N ALA C 153 7.36 -1.51 19.16
CA ALA C 153 7.25 -0.06 19.24
C ALA C 153 8.42 0.48 20.03
N VAL C 154 9.00 1.58 19.55
CA VAL C 154 10.14 2.23 20.19
C VAL C 154 9.85 3.72 20.28
N GLY C 155 9.85 4.26 21.49
CA GLY C 155 9.54 5.66 21.63
C GLY C 155 10.06 6.27 22.91
N GLY C 156 9.82 7.57 23.04
CA GLY C 156 10.23 8.31 24.22
C GLY C 156 9.07 8.52 25.18
N ASP C 157 7.93 7.93 24.85
CA ASP C 157 6.74 7.90 25.67
C ASP C 157 6.22 6.48 25.71
N PRO C 158 5.35 6.14 26.68
CA PRO C 158 4.69 4.84 26.63
C PRO C 158 3.75 4.76 25.42
N LEU C 159 3.52 3.54 24.97
CA LEU C 159 2.74 3.30 23.77
C LEU C 159 1.29 3.62 24.05
N GLU C 160 0.84 4.76 23.56
CA GLU C 160 -0.55 5.16 23.75
C GLU C 160 -1.41 4.35 22.81
N MET C 161 -2.47 3.76 23.34
CA MET C 161 -3.19 2.75 22.58
C MET C 161 -4.69 2.92 22.72
N GLN C 162 -5.41 2.38 21.74
CA GLN C 162 -6.84 2.53 21.57
C GLN C 162 -7.54 1.22 21.87
N GLY C 163 -8.62 1.29 22.65
CA GLY C 163 -9.37 0.10 22.99
C GLY C 163 -10.44 -0.27 21.99
N VAL C 164 -10.16 -1.23 21.12
CA VAL C 164 -11.13 -1.77 20.18
C VAL C 164 -11.22 -3.27 20.44
N LEU C 165 -12.43 -3.76 20.65
CA LEU C 165 -12.64 -5.18 20.84
C LEU C 165 -13.84 -5.61 20.01
N MET C 166 -14.24 -6.86 20.17
CA MET C 166 -15.57 -7.31 19.83
C MET C 166 -16.16 -7.95 21.08
N ASN C 167 -17.49 -8.10 21.07
CA ASN C 167 -18.26 -8.67 22.18
C ASN C 167 -18.02 -7.88 23.47
N TYR C 168 -18.59 -6.66 23.51
CA TYR C 168 -18.43 -5.79 24.66
C TYR C 168 -19.00 -6.37 25.95
N ARG C 169 -19.82 -7.41 25.89
CA ARG C 169 -20.30 -8.10 27.08
C ARG C 169 -19.34 -9.17 27.59
N THR C 170 -18.09 -9.19 27.12
CA THR C 170 -17.11 -10.10 27.71
C THR C 170 -16.70 -9.64 29.09
N LYS C 171 -16.68 -10.58 30.03
CA LYS C 171 -16.31 -10.30 31.41
C LYS C 171 -14.85 -10.69 31.58
N TYR C 172 -14.01 -9.72 31.69
CA TYR C 172 -12.58 -9.99 31.78
C TYR C 172 -12.17 -10.23 33.23
N PRO C 173 -11.06 -10.95 33.46
CA PRO C 173 -10.58 -11.13 34.83
C PRO C 173 -10.00 -9.87 35.43
N ASP C 174 -9.68 -9.93 36.72
CA ASP C 174 -9.27 -8.74 37.46
C ASP C 174 -7.82 -8.35 37.18
N GLY C 175 -6.99 -9.30 36.77
CA GLY C 175 -5.59 -8.98 36.51
C GLY C 175 -5.39 -8.15 35.26
N THR C 176 -6.29 -8.28 34.29
CA THR C 176 -6.16 -7.57 33.02
C THR C 176 -6.84 -6.20 33.11
N ILE C 177 -6.15 -5.18 32.63
CA ILE C 177 -6.76 -3.86 32.49
C ILE C 177 -7.30 -3.72 31.07
N THR C 178 -8.57 -3.37 30.98
CA THR C 178 -9.38 -3.46 29.77
C THR C 178 -9.96 -2.08 29.47
N PRO C 179 -10.57 -1.84 28.29
CA PRO C 179 -11.28 -0.57 28.10
C PRO C 179 -12.50 -0.46 29.00
N LYS C 180 -12.60 0.65 29.71
CA LYS C 180 -13.56 0.81 30.78
C LYS C 180 -14.93 1.23 30.24
N ASN C 181 -15.99 0.58 30.76
CA ASN C 181 -17.39 0.75 30.42
C ASN C 181 -17.65 0.63 28.92
N PRO C 182 -17.60 -0.58 28.36
CA PRO C 182 -17.80 -0.70 26.92
C PRO C 182 -19.27 -0.68 26.53
N THR C 183 -19.53 -0.15 25.36
CA THR C 183 -20.85 -0.16 24.74
C THR C 183 -20.75 -0.93 23.42
N ALA C 184 -21.84 -0.92 22.65
CA ALA C 184 -21.77 -1.47 21.30
C ALA C 184 -20.89 -0.61 20.40
N GLN C 185 -20.77 0.68 20.72
CA GLN C 185 -19.82 1.55 20.07
C GLN C 185 -18.37 1.16 20.38
N SER C 186 -18.14 0.42 21.47
CA SER C 186 -16.81 -0.08 21.78
C SER C 186 -16.43 -1.29 20.96
N GLN C 187 -17.38 -1.93 20.28
CA GLN C 187 -17.05 -2.99 19.31
C GLN C 187 -16.47 -2.42 18.03
N VAL C 188 -16.47 -1.11 17.87
CA VAL C 188 -15.92 -0.40 16.74
C VAL C 188 -15.11 0.72 17.38
N MET C 189 -14.59 1.67 16.60
CA MET C 189 -13.87 2.81 17.15
C MET C 189 -14.71 3.66 18.10
N ASN C 190 -14.31 3.68 19.37
CA ASN C 190 -14.90 4.51 20.40
C ASN C 190 -13.78 5.35 21.01
N THR C 191 -13.96 6.67 21.01
CA THR C 191 -12.90 7.58 21.40
C THR C 191 -12.65 7.57 22.90
N ASP C 192 -13.58 7.03 23.68
CA ASP C 192 -13.50 7.06 25.13
C ASP C 192 -12.72 5.89 25.73
N HIS C 193 -11.83 5.28 24.96
CA HIS C 193 -11.03 4.16 25.45
C HIS C 193 -9.55 4.39 25.20
N LYS C 194 -9.08 5.57 25.58
CA LYS C 194 -7.66 5.89 25.47
C LYS C 194 -6.94 5.44 26.73
N ALA C 195 -5.80 4.78 26.56
CA ALA C 195 -4.95 4.42 27.69
C ALA C 195 -3.52 4.26 27.19
N TYR C 196 -2.58 4.36 28.13
CA TYR C 196 -1.17 4.20 27.78
C TYR C 196 -0.77 2.76 28.06
N LEU C 197 0.45 2.39 27.66
CA LEU C 197 0.98 1.07 27.96
C LEU C 197 2.04 1.29 29.05
N ASP C 198 1.59 1.32 30.30
CA ASP C 198 2.48 1.54 31.43
C ASP C 198 2.45 0.39 32.42
N LYS C 199 2.16 -0.82 31.95
CA LYS C 199 2.04 -1.98 32.81
C LYS C 199 2.27 -3.22 31.98
N ASN C 200 3.20 -4.07 32.39
CA ASN C 200 3.44 -5.31 31.67
C ASN C 200 2.39 -6.35 32.06
N ASN C 201 2.01 -7.17 31.07
CA ASN C 201 1.20 -8.37 31.26
C ASN C 201 -0.18 -8.05 31.84
N ALA C 202 -0.73 -6.91 31.44
CA ALA C 202 -2.07 -6.53 31.87
C ALA C 202 -2.94 -6.00 30.75
N TYR C 203 -2.37 -5.56 29.64
CA TYR C 203 -3.13 -5.06 28.49
C TYR C 203 -3.20 -6.17 27.46
N PRO C 204 -4.33 -6.89 27.35
CA PRO C 204 -4.39 -8.01 26.40
C PRO C 204 -4.40 -7.51 24.97
N VAL C 205 -3.92 -8.36 24.06
CA VAL C 205 -3.82 -7.95 22.67
C VAL C 205 -5.18 -7.97 21.98
N GLU C 206 -6.15 -8.73 22.49
CA GLU C 206 -7.44 -8.77 21.84
C GLU C 206 -8.32 -7.58 22.19
N CYS C 207 -7.81 -6.62 22.97
CA CYS C 207 -8.57 -5.47 23.39
C CYS C 207 -7.92 -4.14 23.04
N TRP C 208 -6.66 -4.14 22.63
CA TRP C 208 -5.90 -2.90 22.55
C TRP C 208 -5.06 -2.89 21.28
N VAL C 209 -5.33 -1.93 20.40
CA VAL C 209 -4.46 -1.67 19.26
C VAL C 209 -3.75 -0.36 19.55
N PRO C 210 -2.55 -0.12 19.02
CA PRO C 210 -1.90 1.17 19.26
C PRO C 210 -2.63 2.30 18.57
N ASP C 211 -2.67 3.44 19.24
CA ASP C 211 -3.53 4.54 18.85
C ASP C 211 -2.93 5.24 17.63
N PRO C 212 -3.61 5.25 16.48
CA PRO C 212 -3.01 5.82 15.27
C PRO C 212 -2.87 7.32 15.31
N SER C 213 -3.58 8.02 16.20
CA SER C 213 -3.51 9.47 16.29
C SER C 213 -2.54 9.95 17.35
N ARG C 214 -2.60 9.37 18.54
CA ARG C 214 -1.91 10.00 19.66
C ARG C 214 -0.46 9.53 19.84
N ASN C 215 0.17 8.71 19.00
CA ASN C 215 1.56 8.32 19.22
C ASN C 215 2.50 9.21 18.41
N GLU C 216 2.64 10.45 18.88
CA GLU C 216 3.50 11.40 18.19
C GLU C 216 4.97 11.26 18.54
N ASN C 217 5.33 10.38 19.47
CA ASN C 217 6.71 10.25 19.90
C ASN C 217 7.18 8.80 19.89
N THR C 218 6.38 7.87 19.40
CA THR C 218 6.84 6.50 19.22
C THR C 218 6.84 6.17 17.73
N ARG C 219 7.36 4.99 17.42
CA ARG C 219 7.37 4.47 16.04
C ARG C 219 6.99 3.01 16.15
N TYR C 220 5.70 2.70 16.01
CA TYR C 220 5.23 1.34 16.17
C TYR C 220 5.06 0.67 14.81
N PHE C 221 5.42 -0.61 14.75
CA PHE C 221 5.44 -1.41 13.54
C PHE C 221 4.80 -2.74 13.86
N GLY C 222 3.88 -3.20 13.01
CA GLY C 222 3.17 -4.43 13.30
C GLY C 222 2.49 -5.01 12.09
N THR C 223 2.46 -6.34 12.02
CA THR C 223 1.77 -7.07 10.97
C THR C 223 0.83 -8.07 11.62
N PHE C 224 -0.43 -8.07 11.21
CA PHE C 224 -1.39 -9.09 11.61
C PHE C 224 -1.65 -10.01 10.43
N THR C 225 -1.81 -11.30 10.72
CA THR C 225 -2.12 -12.28 9.68
C THR C 225 -3.09 -13.29 10.31
N GLY C 226 -4.37 -13.10 10.06
CA GLY C 226 -5.38 -14.02 10.55
C GLY C 226 -5.44 -15.28 9.72
N GLY C 227 -6.44 -16.10 10.02
CA GLY C 227 -6.60 -17.33 9.27
C GLY C 227 -6.58 -18.55 10.15
N GLU C 228 -7.22 -19.61 9.68
CA GLU C 228 -7.35 -20.83 10.47
C GLU C 228 -6.03 -21.58 10.52
N ASN C 229 -5.33 -21.67 9.39
CA ASN C 229 -4.02 -22.33 9.36
C ASN C 229 -3.15 -21.67 8.29
N VAL C 230 -2.36 -20.68 8.72
CA VAL C 230 -1.45 -19.97 7.82
C VAL C 230 -0.03 -20.16 8.35
N PRO C 231 0.99 -20.16 7.51
CA PRO C 231 2.35 -20.39 7.99
C PRO C 231 2.91 -19.16 8.67
N PRO C 232 3.66 -19.34 9.77
CA PRO C 232 4.51 -18.26 10.27
C PRO C 232 5.78 -18.16 9.44
N VAL C 233 5.99 -16.99 8.84
CA VAL C 233 7.16 -16.74 8.00
C VAL C 233 8.03 -15.74 8.74
N LEU C 234 9.17 -16.21 9.23
CA LEU C 234 10.04 -15.42 10.09
C LEU C 234 11.44 -15.37 9.50
N HIS C 235 11.88 -14.17 9.14
CA HIS C 235 13.24 -13.97 8.65
C HIS C 235 14.16 -13.69 9.82
N VAL C 236 15.42 -14.08 9.71
CA VAL C 236 16.40 -13.89 10.78
C VAL C 236 17.72 -13.41 10.17
N THR C 237 18.08 -12.16 10.43
CA THR C 237 19.16 -11.50 9.71
C THR C 237 19.72 -10.38 10.60
N ASN C 238 21.04 -10.21 10.59
CA ASN C 238 21.66 -9.10 11.31
C ASN C 238 22.12 -7.96 10.40
N THR C 239 21.65 -7.92 9.16
CA THR C 239 21.97 -6.79 8.29
C THR C 239 20.76 -5.91 8.02
N ALA C 240 19.61 -6.24 8.57
CA ALA C 240 18.44 -5.38 8.44
C ALA C 240 18.58 -4.17 9.36
N THR C 241 17.90 -3.09 8.99
CA THR C 241 18.06 -1.81 9.66
C THR C 241 16.82 -0.98 9.42
N THR C 242 16.17 -0.54 10.49
CA THR C 242 14.95 0.25 10.40
C THR C 242 15.22 1.66 10.89
N VAL C 243 14.96 2.64 10.05
CA VAL C 243 15.25 4.04 10.36
C VAL C 243 14.05 4.65 11.06
N LEU C 244 14.28 5.20 12.25
CA LEU C 244 13.22 5.75 13.07
C LEU C 244 13.05 7.25 12.89
N LEU C 245 13.55 7.82 11.80
CA LEU C 245 13.41 9.24 11.57
C LEU C 245 12.08 9.56 10.91
N ASP C 246 11.53 10.72 11.24
CA ASP C 246 10.27 11.17 10.66
C ASP C 246 10.58 12.03 9.43
N GLU C 247 9.58 12.74 8.92
CA GLU C 247 9.77 13.58 7.74
C GLU C 247 10.52 14.88 8.07
N GLN C 248 10.72 15.16 9.35
CA GLN C 248 11.53 16.29 9.77
C GLN C 248 12.97 15.90 10.06
N GLY C 249 13.27 14.62 10.16
CA GLY C 249 14.61 14.17 10.41
C GLY C 249 14.95 13.86 11.84
N VAL C 250 13.95 13.78 12.72
CA VAL C 250 14.19 13.51 14.13
C VAL C 250 13.58 12.17 14.51
N GLY C 251 14.22 11.49 15.44
CA GLY C 251 13.71 10.23 15.93
C GLY C 251 12.84 10.47 17.13
N PRO C 252 12.44 9.40 17.82
CA PRO C 252 11.76 9.57 19.11
C PRO C 252 12.65 10.22 20.15
N LEU C 253 12.32 11.46 20.50
CA LEU C 253 13.04 12.16 21.56
C LEU C 253 12.62 11.61 22.92
N CYS C 254 13.59 11.52 23.82
CA CYS C 254 13.35 11.04 25.18
C CYS C 254 13.13 12.25 26.06
N LYS C 255 11.87 12.65 26.23
CA LYS C 255 11.48 13.78 27.07
C LYS C 255 11.86 13.51 28.51
N ALA C 256 11.20 12.50 29.09
CA ALA C 256 11.69 11.89 30.31
C ALA C 256 13.02 11.23 30.02
N ASP C 257 13.81 11.05 31.08
CA ASP C 257 15.11 10.40 30.94
C ASP C 257 14.94 8.88 30.87
N SER C 258 14.32 8.44 29.77
CA SER C 258 13.87 7.07 29.63
C SER C 258 13.59 6.77 28.16
N LEU C 259 13.81 5.52 27.77
CA LEU C 259 13.48 5.01 26.45
C LEU C 259 12.53 3.85 26.62
N TYR C 260 11.41 3.89 25.90
CA TYR C 260 10.34 2.92 26.08
C TYR C 260 10.35 1.93 24.93
N VAL C 261 10.22 0.66 25.27
CA VAL C 261 10.34 -0.44 24.32
C VAL C 261 9.15 -1.36 24.52
N SER C 262 8.36 -1.55 23.48
CA SER C 262 7.16 -2.38 23.56
C SER C 262 7.20 -3.42 22.44
N ALA C 263 6.57 -4.57 22.70
CA ALA C 263 6.46 -5.62 21.71
C ALA C 263 5.32 -6.55 22.07
N ALA C 264 4.89 -7.32 21.08
CA ALA C 264 3.88 -8.37 21.29
C ALA C 264 4.06 -9.37 20.16
N ASP C 265 4.55 -10.56 20.49
CA ASP C 265 4.79 -11.60 19.50
C ASP C 265 3.88 -12.78 19.76
N ILE C 266 2.90 -12.96 18.90
CA ILE C 266 2.13 -14.20 18.81
C ILE C 266 2.59 -14.90 17.54
N CYS C 267 3.02 -16.16 17.67
CA CYS C 267 3.54 -16.88 16.53
C CYS C 267 2.61 -17.95 15.99
N GLY C 268 1.53 -18.26 16.70
CA GLY C 268 0.57 -19.22 16.21
C GLY C 268 -0.04 -19.99 17.35
N LEU C 269 -0.83 -21.00 16.99
CA LEU C 269 -1.52 -21.85 17.94
C LEU C 269 -0.84 -23.21 18.00
N PHE C 270 -0.53 -23.65 19.21
CA PHE C 270 0.07 -24.95 19.44
C PHE C 270 -1.05 -25.95 19.72
N THR C 271 -1.22 -26.92 18.82
CA THR C 271 -2.28 -27.92 18.96
C THR C 271 -1.76 -29.08 19.80
N ASN C 272 -2.38 -29.29 20.96
CA ASN C 272 -1.98 -30.37 21.85
C ASN C 272 -2.42 -31.72 21.29
N SER C 273 -1.98 -32.78 21.98
CA SER C 273 -2.35 -34.13 21.56
C SER C 273 -3.84 -34.40 21.80
N SER C 274 -4.42 -33.78 22.81
CA SER C 274 -5.86 -33.89 23.03
C SER C 274 -6.66 -33.03 22.06
N GLY C 275 -6.02 -32.07 21.41
CA GLY C 275 -6.71 -31.15 20.53
C GLY C 275 -6.91 -29.76 21.10
N THR C 276 -6.54 -29.54 22.36
CA THR C 276 -6.72 -28.24 23.01
C THR C 276 -5.64 -27.29 22.54
N GLN C 277 -6.01 -26.33 21.69
CA GLN C 277 -5.05 -25.38 21.17
C GLN C 277 -4.68 -24.35 22.23
N GLN C 278 -3.48 -23.80 22.09
CA GLN C 278 -2.98 -22.78 22.99
C GLN C 278 -1.87 -22.01 22.30
N TRP C 279 -1.69 -20.76 22.70
CA TRP C 279 -0.87 -19.83 21.93
C TRP C 279 0.61 -20.11 22.13
N ARG C 280 1.43 -19.48 21.28
CA ARG C 280 2.88 -19.60 21.38
C ARG C 280 3.48 -18.24 21.07
N GLY C 281 4.29 -17.73 21.98
CA GLY C 281 5.00 -16.50 21.75
C GLY C 281 6.50 -16.67 21.93
N LEU C 282 7.24 -15.73 21.35
CA LEU C 282 8.69 -15.74 21.40
C LEU C 282 9.17 -14.38 21.83
N ALA C 283 10.45 -14.29 22.19
CA ALA C 283 11.02 -13.03 22.61
C ALA C 283 11.32 -12.16 21.40
N ARG C 284 11.76 -10.93 21.66
CA ARG C 284 12.06 -10.01 20.57
C ARG C 284 13.27 -9.18 20.91
N TYR C 285 14.28 -9.25 20.06
CA TYR C 285 15.52 -8.52 20.24
C TYR C 285 15.33 -7.07 19.85
N PHE C 286 16.07 -6.19 20.51
CA PHE C 286 16.05 -4.77 20.18
C PHE C 286 17.48 -4.26 20.19
N LYS C 287 17.85 -3.51 19.16
CA LYS C 287 19.14 -2.84 19.12
C LYS C 287 18.91 -1.42 18.67
N ILE C 288 19.00 -0.47 19.58
CA ILE C 288 18.57 0.90 19.35
C ILE C 288 19.78 1.80 19.38
N ARG C 289 19.95 2.59 18.33
CA ARG C 289 21.00 3.59 18.30
C ARG C 289 20.49 4.91 18.86
N LEU C 290 21.28 5.51 19.74
CA LEU C 290 20.90 6.72 20.45
C LEU C 290 21.99 7.75 20.23
N ARG C 291 21.62 8.93 19.71
CA ARG C 291 22.55 10.04 19.63
C ARG C 291 22.03 11.19 20.47
N LYS C 292 22.88 12.19 20.65
CA LYS C 292 22.59 13.34 21.48
C LYS C 292 22.13 14.49 20.58
N ARG C 293 20.89 14.92 20.74
CA ARG C 293 20.31 15.95 19.91
C ARG C 293 19.96 17.16 20.75
N SER C 294 20.27 18.34 20.21
CA SER C 294 20.00 19.60 20.88
C SER C 294 18.59 20.07 20.54
N VAL C 295 17.74 20.20 21.56
CA VAL C 295 16.37 20.63 21.39
C VAL C 295 16.16 21.90 22.21
N LYS C 296 15.08 22.61 21.90
CA LYS C 296 14.65 23.72 22.74
C LYS C 296 14.14 23.15 24.05
N ASN C 297 14.50 23.80 25.16
CA ASN C 297 14.21 23.31 26.50
C ASN C 297 12.72 23.29 26.77
N PRO C 298 12.10 22.13 26.99
CA PRO C 298 10.68 22.12 27.34
C PRO C 298 10.42 22.46 28.79
N TYR C 299 11.45 22.41 29.64
CA TYR C 299 11.33 22.70 31.06
C TYR C 299 12.30 23.82 31.42
N PRO C 300 11.96 25.08 31.10
CA PRO C 300 12.85 26.19 31.49
C PRO C 300 12.64 26.59 32.95
N ILE C 301 13.24 27.70 33.36
CA ILE C 301 13.04 28.22 34.72
C ILE C 301 11.60 28.62 34.93
N SER C 302 10.94 29.14 33.88
CA SER C 302 9.55 29.57 34.01
C SER C 302 8.60 28.41 34.21
N PHE C 303 8.91 27.24 33.65
CA PHE C 303 8.10 26.07 33.96
C PHE C 303 8.32 25.62 35.38
N LEU C 304 9.56 25.74 35.87
CA LEU C 304 9.88 25.38 37.24
C LEU C 304 9.27 26.36 38.24
N LEU C 305 9.15 27.63 37.86
CA LEU C 305 8.41 28.59 38.66
C LEU C 305 6.94 28.23 38.73
N SER C 306 6.30 28.02 37.58
CA SER C 306 4.86 27.86 37.53
C SER C 306 4.41 26.52 38.08
N ASP C 307 5.28 25.52 38.06
CA ASP C 307 4.96 24.24 38.69
C ASP C 307 5.11 24.31 40.20
N LEU C 308 5.95 25.21 40.68
CA LEU C 308 6.10 25.43 42.12
C LEU C 308 4.88 26.10 42.71
N ILE C 309 4.37 27.15 42.05
CA ILE C 309 3.18 27.83 42.52
C ILE C 309 1.94 26.97 42.28
N ASN C 310 2.02 26.04 41.33
CA ASN C 310 0.96 25.07 41.09
C ASN C 310 0.71 24.22 42.33
N ARG C 311 1.75 23.62 42.88
CA ARG C 311 1.63 22.70 43.99
C ARG C 311 1.29 23.39 45.31
N ARG C 312 1.52 24.69 45.40
CA ARG C 312 1.26 25.45 46.60
C ARG C 312 -0.06 26.22 46.54
N THR C 313 -0.90 25.91 45.56
CA THR C 313 -2.18 26.56 45.37
C THR C 313 -3.29 25.62 45.82
N GLN C 314 -4.32 26.17 46.44
CA GLN C 314 -5.44 25.38 46.93
C GLN C 314 -6.23 24.76 45.78
N ARG C 315 -6.53 23.48 45.89
CA ARG C 315 -7.33 22.80 44.89
C ARG C 315 -8.79 23.21 45.02
N VAL C 316 -9.40 23.62 43.92
CA VAL C 316 -10.78 24.08 43.88
C VAL C 316 -11.60 23.09 43.07
N ASP C 317 -12.59 22.47 43.72
CA ASP C 317 -13.55 21.62 43.03
C ASP C 317 -14.79 22.45 42.72
N GLY C 318 -14.72 23.20 41.62
CA GLY C 318 -15.77 24.10 41.22
C GLY C 318 -16.53 23.60 40.02
N GLN C 319 -17.28 24.51 39.40
CA GLN C 319 -18.09 24.18 38.24
C GLN C 319 -17.20 23.94 37.03
N PRO C 320 -17.60 23.05 36.12
CA PRO C 320 -16.69 22.64 35.04
C PRO C 320 -16.47 23.75 34.02
N MET C 321 -15.20 24.07 33.80
CA MET C 321 -14.80 25.08 32.83
C MET C 321 -13.91 24.49 31.74
N TYR C 322 -13.98 23.17 31.53
CA TYR C 322 -13.30 22.51 30.42
C TYR C 322 -14.01 21.20 30.15
N GLY C 323 -13.85 20.71 28.93
CA GLY C 323 -14.38 19.41 28.58
C GLY C 323 -15.70 19.47 27.84
N MET C 324 -16.53 18.42 28.01
CA MET C 324 -17.80 18.36 27.31
C MET C 324 -18.88 19.15 28.04
N GLU C 325 -18.86 19.09 29.38
CA GLU C 325 -19.83 19.80 30.20
C GLU C 325 -19.35 21.21 30.59
N SER C 326 -18.51 21.81 29.76
CA SER C 326 -17.86 23.08 30.04
C SER C 326 -18.88 24.22 30.10
N GLN C 327 -18.48 25.30 30.77
CA GLN C 327 -19.33 26.46 30.94
C GLN C 327 -18.70 27.74 30.41
N VAL C 328 -17.50 27.67 29.85
CA VAL C 328 -16.96 28.79 29.07
C VAL C 328 -17.64 28.77 27.71
N GLU C 329 -18.30 29.87 27.35
CA GLU C 329 -19.14 29.92 26.18
C GLU C 329 -18.42 30.44 24.94
N GLU C 330 -17.54 31.42 25.11
CA GLU C 330 -16.98 32.12 23.97
C GLU C 330 -15.66 32.73 24.38
N VAL C 331 -14.63 32.52 23.58
CA VAL C 331 -13.30 33.05 23.83
C VAL C 331 -12.88 33.81 22.57
N ARG C 332 -12.67 35.11 22.71
CA ARG C 332 -12.20 35.96 21.62
C ARG C 332 -10.71 36.22 21.83
N VAL C 333 -9.87 35.51 21.11
CA VAL C 333 -8.43 35.77 21.14
C VAL C 333 -8.14 36.74 20.00
N PHE C 334 -7.65 37.92 20.33
CA PHE C 334 -7.35 38.91 19.31
C PHE C 334 -6.18 39.80 19.71
N ASP C 335 -5.25 39.95 18.77
CA ASP C 335 -3.97 40.59 19.08
C ASP C 335 -3.66 41.84 18.26
N GLY C 336 -3.77 41.79 16.93
CA GLY C 336 -3.27 42.84 16.09
C GLY C 336 -4.26 43.97 15.94
N THR C 337 -4.04 44.78 14.90
CA THR C 337 -5.01 45.78 14.48
C THR C 337 -5.50 45.44 13.08
N GLU C 338 -6.70 45.92 12.77
CA GLU C 338 -7.40 45.55 11.55
C GLU C 338 -8.22 46.74 11.09
N ARG C 339 -8.27 46.92 9.77
CA ARG C 339 -9.22 47.83 9.19
C ARG C 339 -10.64 47.34 9.50
N LEU C 340 -11.52 48.29 9.84
CA LEU C 340 -12.87 47.98 10.38
C LEU C 340 -13.69 47.14 9.43
N PRO C 341 -14.09 45.93 9.81
CA PRO C 341 -14.80 45.06 8.89
C PRO C 341 -16.24 45.50 8.67
N GLY C 342 -16.78 45.10 7.53
CA GLY C 342 -18.18 45.30 7.23
C GLY C 342 -19.07 44.21 7.75
N ASP C 343 -18.57 43.37 8.63
CA ASP C 343 -19.28 42.22 9.14
C ASP C 343 -18.68 41.90 10.51
N PRO C 344 -19.33 42.29 11.61
CA PRO C 344 -18.82 41.97 12.95
C PRO C 344 -18.77 40.49 13.22
N ASP C 345 -19.91 39.81 13.09
CA ASP C 345 -19.96 38.35 13.15
C ASP C 345 -19.68 37.82 11.75
N MET C 346 -18.40 37.91 11.35
CA MET C 346 -17.96 37.47 10.04
C MET C 346 -18.09 35.96 9.95
N ILE C 347 -18.74 35.47 8.91
CA ILE C 347 -18.89 34.03 8.76
C ILE C 347 -17.58 33.47 8.21
N ARG C 348 -17.22 32.28 8.69
CA ARG C 348 -15.98 31.64 8.31
C ARG C 348 -16.23 30.43 7.42
N TYR C 349 -17.15 29.56 7.83
CA TYR C 349 -17.58 28.48 6.97
C TYR C 349 -18.69 28.99 6.06
N ILE C 350 -18.51 28.82 4.76
CA ILE C 350 -19.56 29.19 3.80
C ILE C 350 -20.78 28.31 4.00
N ASP C 351 -20.56 27.04 4.30
CA ASP C 351 -21.66 26.10 4.58
C ASP C 351 -21.08 24.97 5.40
N LYS C 352 -21.35 24.97 6.69
CA LYS C 352 -20.88 23.86 7.51
C LYS C 352 -21.87 22.70 7.52
N GLN C 353 -23.16 22.99 7.71
CA GLN C 353 -24.13 21.92 7.90
C GLN C 353 -24.60 21.34 6.58
N GLY C 354 -24.63 22.15 5.53
CA GLY C 354 -25.05 21.68 4.23
C GLY C 354 -26.35 22.27 3.73
N GLN C 355 -26.23 23.30 2.88
CA GLN C 355 -27.29 23.87 2.07
C GLN C 355 -26.92 23.72 0.61
N LEU C 356 -26.32 22.58 0.31
CA LEU C 356 -25.83 22.18 -1.00
C LEU C 356 -27.01 21.65 -1.83
N GLN C 357 -26.74 21.14 -3.02
CA GLN C 357 -27.82 20.69 -3.90
C GLN C 357 -28.19 19.24 -3.63
N THR C 358 -29.48 18.95 -3.82
CA THR C 358 -30.11 17.63 -3.68
C THR C 358 -29.88 17.01 -2.30
N PRO D 17 37.89 -2.06 -35.58
CA PRO D 17 37.17 -2.43 -34.36
C PRO D 17 37.72 -1.73 -33.12
N LYS D 18 37.03 -1.89 -31.99
CA LYS D 18 37.46 -1.26 -30.75
C LYS D 18 38.60 -2.05 -30.11
N GLU D 19 39.17 -1.46 -29.08
CA GLU D 19 40.11 -2.18 -28.24
C GLU D 19 39.36 -2.93 -27.16
N PRO D 20 39.90 -4.06 -26.68
CA PRO D 20 39.20 -4.81 -25.64
C PRO D 20 39.17 -4.09 -24.30
N VAL D 21 38.16 -4.42 -23.51
CA VAL D 21 37.92 -3.79 -22.23
C VAL D 21 38.79 -4.46 -21.18
N GLN D 22 39.42 -3.65 -20.32
CA GLN D 22 40.26 -4.16 -19.25
C GLN D 22 39.43 -4.89 -18.21
N VAL D 23 39.81 -6.13 -17.92
CA VAL D 23 39.12 -6.99 -16.96
C VAL D 23 40.16 -7.40 -15.92
N PRO D 24 39.73 -7.93 -14.77
CA PRO D 24 40.70 -8.48 -13.80
C PRO D 24 41.47 -9.67 -14.35
N LYS D 25 42.80 -9.60 -14.22
CA LYS D 25 43.71 -10.55 -14.84
C LYS D 25 43.87 -11.78 -13.96
N LEU D 26 43.35 -12.91 -14.41
CA LEU D 26 43.42 -14.15 -13.63
C LEU D 26 44.85 -14.65 -13.53
N LEU D 27 45.29 -14.93 -12.31
CA LEU D 27 46.64 -15.43 -12.04
C LEU D 27 46.72 -16.95 -11.95
N ILE D 28 45.85 -17.57 -11.16
CA ILE D 28 45.92 -18.99 -10.91
C ILE D 28 44.53 -19.51 -10.52
N LYS D 29 44.18 -20.67 -11.07
CA LYS D 29 42.89 -21.28 -10.85
C LYS D 29 43.13 -22.74 -10.45
N GLY D 30 42.44 -23.19 -9.41
CA GLY D 30 42.56 -24.58 -9.01
C GLY D 30 41.80 -24.86 -7.74
N GLY D 31 42.25 -25.87 -7.02
CA GLY D 31 41.62 -26.31 -5.79
C GLY D 31 42.08 -25.53 -4.59
N VAL D 32 42.10 -26.20 -3.44
CA VAL D 32 42.40 -25.54 -2.18
C VAL D 32 43.88 -25.19 -2.05
N GLU D 33 44.74 -25.82 -2.86
CA GLU D 33 46.17 -25.55 -2.79
C GLU D 33 46.55 -24.17 -3.33
N VAL D 34 45.61 -23.48 -3.99
CA VAL D 34 45.86 -22.13 -4.48
C VAL D 34 45.94 -21.15 -3.32
N LEU D 35 45.26 -21.46 -2.21
CA LEU D 35 45.25 -20.61 -1.03
C LEU D 35 46.60 -20.52 -0.33
N GLU D 36 47.54 -21.41 -0.65
CA GLU D 36 48.87 -21.34 -0.07
C GLU D 36 49.78 -20.34 -0.78
N VAL D 37 49.41 -19.91 -1.97
CA VAL D 37 50.29 -19.09 -2.81
C VAL D 37 50.34 -17.67 -2.27
N LYS D 38 51.54 -17.16 -2.07
CA LYS D 38 51.72 -15.77 -1.66
C LYS D 38 51.49 -14.84 -2.84
N THR D 39 50.52 -13.95 -2.71
CA THR D 39 50.12 -13.05 -3.78
C THR D 39 50.37 -11.61 -3.38
N GLY D 40 49.99 -10.69 -4.27
CA GLY D 40 50.22 -9.29 -4.06
C GLY D 40 49.26 -8.67 -3.06
N VAL D 41 49.42 -7.36 -2.87
CA VAL D 41 48.57 -6.64 -1.93
C VAL D 41 47.17 -6.48 -2.48
N ASP D 42 47.05 -6.14 -3.77
CA ASP D 42 45.77 -5.90 -4.42
C ASP D 42 45.16 -7.16 -5.01
N ALA D 43 45.52 -8.33 -4.50
CA ALA D 43 45.08 -9.59 -5.07
C ALA D 43 43.85 -10.08 -4.34
N ILE D 44 42.75 -10.19 -5.07
CA ILE D 44 41.49 -10.64 -4.48
C ILE D 44 41.20 -12.05 -4.97
N THR D 45 40.62 -12.85 -4.08
CA THR D 45 40.38 -14.25 -4.36
C THR D 45 38.88 -14.53 -4.37
N GLU D 46 38.53 -15.72 -4.85
CA GLU D 46 37.14 -16.18 -4.89
C GLU D 46 37.13 -17.65 -4.52
N VAL D 47 36.72 -17.96 -3.30
CA VAL D 47 36.71 -19.33 -2.79
C VAL D 47 35.33 -19.92 -3.03
N GLU D 48 35.29 -21.11 -3.64
CA GLU D 48 34.03 -21.77 -3.94
C GLU D 48 34.01 -23.10 -3.21
N CYS D 49 33.06 -23.26 -2.30
CA CYS D 49 32.96 -24.47 -1.50
C CYS D 49 31.50 -24.89 -1.43
N PHE D 50 31.22 -25.89 -0.60
CA PHE D 50 29.84 -26.28 -0.33
C PHE D 50 29.76 -26.86 1.06
N LEU D 51 28.52 -27.10 1.51
CA LEU D 51 28.25 -27.72 2.79
C LEU D 51 27.19 -28.79 2.63
N ASN D 52 27.38 -29.91 3.31
CA ASN D 52 26.36 -30.95 3.23
C ASN D 52 25.44 -30.86 4.43
N PRO D 53 24.14 -31.09 4.24
CA PRO D 53 23.21 -31.07 5.38
C PRO D 53 23.39 -32.29 6.26
N GLU D 54 23.38 -32.06 7.57
CA GLU D 54 23.47 -33.13 8.54
C GLU D 54 22.08 -33.34 9.11
N MET D 55 21.27 -34.08 8.37
CA MET D 55 19.86 -34.26 8.68
C MET D 55 19.62 -35.41 9.64
N GLY D 56 20.67 -36.11 10.04
CA GLY D 56 20.55 -37.18 11.00
C GLY D 56 21.09 -38.49 10.49
N ASP D 57 20.74 -38.85 9.23
CA ASP D 57 21.24 -40.00 8.47
C ASP D 57 21.11 -41.31 9.24
N PRO D 58 19.90 -41.87 9.35
CA PRO D 58 19.70 -43.01 10.26
C PRO D 58 20.40 -44.30 9.84
N ASP D 59 20.71 -44.45 8.56
CA ASP D 59 21.58 -45.54 8.11
C ASP D 59 22.31 -45.08 6.86
N GLU D 60 23.22 -45.93 6.39
CA GLU D 60 24.13 -45.58 5.31
C GLU D 60 23.43 -45.53 3.95
N ASN D 61 22.29 -46.18 3.81
CA ASN D 61 21.59 -46.23 2.53
C ASN D 61 20.72 -45.02 2.29
N LEU D 62 20.54 -44.16 3.28
CA LEU D 62 19.45 -43.19 3.27
C LEU D 62 19.97 -41.84 3.76
N ARG D 63 21.07 -41.41 3.14
CA ARG D 63 21.68 -40.11 3.38
C ARG D 63 20.71 -38.97 3.05
N GLY D 64 20.82 -37.87 3.79
CA GLY D 64 20.05 -36.69 3.51
C GLY D 64 18.69 -36.64 4.15
N PHE D 65 18.17 -37.78 4.61
CA PHE D 65 16.91 -37.84 5.32
C PHE D 65 17.18 -37.89 6.81
N SER D 66 16.12 -37.80 7.59
CA SER D 66 16.20 -38.06 9.02
C SER D 66 15.62 -39.44 9.30
N LEU D 67 15.49 -39.77 10.57
CA LEU D 67 14.72 -40.94 10.95
C LEU D 67 13.25 -40.54 11.03
N LYS D 68 12.36 -41.53 11.09
CA LYS D 68 10.93 -41.28 11.21
C LYS D 68 10.61 -40.51 12.47
N LEU D 69 9.63 -39.62 12.39
CA LEU D 69 9.38 -38.66 13.45
C LEU D 69 8.42 -39.23 14.49
N SER D 70 8.75 -39.00 15.76
CA SER D 70 7.85 -39.32 16.84
C SER D 70 6.75 -38.25 16.92
N ALA D 71 5.56 -38.68 17.30
CA ALA D 71 4.37 -37.87 17.10
C ALA D 71 3.89 -37.15 18.36
N GLU D 72 3.56 -37.90 19.41
CA GLU D 72 2.79 -37.36 20.52
C GLU D 72 3.43 -37.71 21.86
N ASN D 73 4.73 -37.48 21.97
CA ASN D 73 5.38 -37.59 23.28
C ASN D 73 4.95 -36.44 24.16
N ASP D 74 4.66 -36.74 25.42
CA ASP D 74 4.25 -35.70 26.36
C ASP D 74 5.44 -34.80 26.71
N PHE D 75 5.13 -33.69 27.38
CA PHE D 75 6.18 -32.76 27.75
C PHE D 75 7.09 -33.32 28.83
N SER D 76 6.57 -34.21 29.68
CA SER D 76 7.41 -34.79 30.72
C SER D 76 8.20 -35.98 30.22
N SER D 77 7.71 -36.69 29.20
CA SER D 77 8.36 -37.90 28.74
C SER D 77 8.76 -37.81 27.27
N ASP D 78 9.36 -36.68 26.87
CA ASP D 78 9.82 -36.50 25.50
C ASP D 78 11.31 -36.81 25.46
N SER D 79 11.66 -37.88 24.76
CA SER D 79 13.06 -38.29 24.63
C SER D 79 13.34 -38.64 23.17
N PRO D 80 13.72 -37.65 22.37
CA PRO D 80 14.07 -37.92 20.97
C PRO D 80 15.43 -38.58 20.88
N GLU D 81 15.68 -39.18 19.73
CA GLU D 81 16.97 -39.82 19.44
C GLU D 81 17.80 -38.92 18.54
N ARG D 82 19.04 -39.35 18.30
CA ARG D 82 19.99 -38.57 17.53
C ARG D 82 19.61 -38.45 16.06
N LYS D 83 19.12 -39.52 15.45
CA LYS D 83 18.99 -39.59 14.01
C LYS D 83 17.82 -38.79 13.46
N MET D 84 16.89 -38.35 14.31
CA MET D 84 15.74 -37.59 13.86
C MET D 84 15.88 -36.10 14.08
N LEU D 85 17.04 -35.64 14.54
CA LEU D 85 17.23 -34.22 14.82
C LEU D 85 18.19 -33.64 13.81
N PRO D 86 17.73 -32.80 12.88
CA PRO D 86 18.66 -32.12 11.98
C PRO D 86 19.51 -31.11 12.73
N CYS D 87 20.71 -30.89 12.22
CA CYS D 87 21.71 -30.09 12.92
C CYS D 87 22.33 -29.07 11.99
N TYR D 88 22.97 -28.07 12.58
CA TYR D 88 23.68 -27.06 11.81
C TYR D 88 24.93 -27.64 11.18
N SER D 89 25.19 -27.27 9.93
CA SER D 89 26.43 -27.60 9.26
C SER D 89 27.38 -26.41 9.37
N THR D 90 28.67 -26.69 9.46
CA THR D 90 29.66 -25.62 9.59
C THR D 90 30.98 -26.07 9.01
N ALA D 91 31.87 -25.12 8.77
CA ALA D 91 33.17 -25.40 8.19
C ALA D 91 34.15 -24.31 8.60
N ARG D 92 35.37 -24.43 8.12
CA ARG D 92 36.46 -23.54 8.51
C ARG D 92 37.50 -23.61 7.41
N ILE D 93 37.61 -22.56 6.60
CA ILE D 93 38.47 -22.54 5.43
C ILE D 93 39.82 -21.97 5.86
N PRO D 94 40.92 -22.70 5.75
CA PRO D 94 42.23 -22.16 6.12
C PRO D 94 42.74 -21.20 5.07
N LEU D 95 42.93 -19.96 5.48
CA LEU D 95 43.50 -18.87 4.70
C LEU D 95 44.96 -18.69 5.08
N PRO D 96 45.81 -18.15 4.19
CA PRO D 96 47.24 -18.06 4.51
C PRO D 96 47.55 -16.99 5.53
N ASN D 97 48.75 -17.05 6.09
CA ASN D 97 49.22 -16.03 7.02
C ASN D 97 49.77 -14.88 6.20
N LEU D 98 49.13 -13.72 6.34
CA LEU D 98 49.53 -12.56 5.57
C LEU D 98 50.54 -11.72 6.34
N ASN D 99 51.82 -11.97 6.09
CA ASN D 99 52.92 -11.40 6.87
C ASN D 99 53.65 -10.41 5.99
N GLU D 100 53.38 -9.12 6.19
CA GLU D 100 54.12 -8.08 5.49
C GLU D 100 54.57 -7.04 6.50
N ASP D 101 55.47 -6.17 6.04
CA ASP D 101 56.04 -5.11 6.87
C ASP D 101 55.39 -3.80 6.44
N LEU D 102 54.50 -3.26 7.27
CA LEU D 102 53.82 -2.01 6.94
C LEU D 102 54.29 -0.88 7.84
N THR D 103 54.04 -1.00 9.15
CA THR D 103 54.55 -0.14 10.21
C THR D 103 54.70 -1.03 11.44
N CYS D 104 54.79 -0.42 12.62
CA CYS D 104 54.62 -1.19 13.84
C CYS D 104 53.17 -1.60 14.02
N GLY D 105 52.25 -0.63 14.02
CA GLY D 105 50.86 -0.90 14.25
C GLY D 105 49.97 -1.00 13.02
N ASN D 106 50.32 -1.83 12.06
CA ASN D 106 49.45 -2.11 10.92
C ASN D 106 49.53 -3.57 10.54
N LEU D 107 48.40 -4.13 10.13
CA LEU D 107 48.30 -5.51 9.68
C LEU D 107 47.64 -5.54 8.31
N LEU D 108 47.42 -6.75 7.82
CA LEU D 108 46.85 -6.94 6.49
C LEU D 108 45.84 -8.09 6.50
N MET D 109 44.84 -8.03 7.37
CA MET D 109 43.87 -9.12 7.46
C MET D 109 43.02 -9.27 6.20
N TRP D 110 42.39 -10.44 6.07
CA TRP D 110 41.45 -10.71 4.99
C TRP D 110 40.12 -9.99 5.25
N GLU D 111 39.23 -10.09 4.27
CA GLU D 111 37.90 -9.51 4.39
C GLU D 111 36.95 -10.23 3.45
N ALA D 112 35.91 -10.85 3.99
CA ALA D 112 34.85 -11.36 3.14
C ALA D 112 34.02 -10.19 2.63
N VAL D 113 33.91 -10.06 1.32
CA VAL D 113 33.26 -8.93 0.68
C VAL D 113 31.89 -9.32 0.14
N THR D 114 31.81 -10.43 -0.58
CA THR D 114 30.60 -10.81 -1.31
C THR D 114 30.44 -12.31 -1.25
N VAL D 115 29.32 -12.76 -0.69
CA VAL D 115 28.94 -14.16 -0.76
C VAL D 115 27.89 -14.32 -1.85
N GLN D 116 27.96 -15.41 -2.59
CA GLN D 116 27.01 -15.74 -3.64
C GLN D 116 26.62 -17.19 -3.46
N THR D 117 25.47 -17.41 -2.83
CA THR D 117 25.09 -18.73 -2.36
C THR D 117 23.86 -19.24 -3.10
N GLU D 118 23.63 -20.55 -2.96
CA GLU D 118 22.68 -21.28 -3.77
C GLU D 118 22.51 -22.68 -3.22
N VAL D 119 21.26 -23.15 -3.13
CA VAL D 119 20.96 -24.48 -2.66
C VAL D 119 21.08 -25.45 -3.82
N ILE D 120 21.88 -26.50 -3.65
CA ILE D 120 22.19 -27.44 -4.72
C ILE D 120 21.26 -28.63 -4.60
N GLY D 121 20.53 -28.93 -5.66
CA GLY D 121 19.76 -30.15 -5.70
C GLY D 121 18.26 -29.97 -5.57
N ILE D 122 17.76 -28.80 -5.98
CA ILE D 122 16.36 -28.47 -5.71
C ILE D 122 15.41 -29.23 -6.60
N THR D 123 15.87 -29.75 -7.73
CA THR D 123 14.98 -30.44 -8.66
C THR D 123 14.89 -31.93 -8.36
N SER D 124 15.61 -32.40 -7.35
CA SER D 124 15.46 -33.77 -6.87
C SER D 124 14.15 -34.00 -6.16
N MET D 125 13.41 -32.94 -5.85
CA MET D 125 12.10 -33.01 -5.23
C MET D 125 11.00 -33.32 -6.24
N LEU D 126 11.34 -33.47 -7.52
CA LEU D 126 10.41 -33.94 -8.53
C LEU D 126 10.34 -35.46 -8.61
N ASN D 127 11.15 -36.16 -7.82
CA ASN D 127 11.08 -37.61 -7.76
C ASN D 127 9.84 -38.01 -6.98
N LEU D 128 8.73 -38.18 -7.68
CA LEU D 128 7.48 -38.58 -7.06
C LEU D 128 7.22 -40.08 -7.15
N HIS D 129 8.04 -40.80 -7.91
CA HIS D 129 7.91 -42.24 -8.06
C HIS D 129 8.74 -43.02 -7.05
N ALA D 130 9.34 -42.33 -6.07
CA ALA D 130 10.07 -42.96 -4.97
C ALA D 130 9.11 -43.46 -3.90
N GLY D 131 9.60 -43.69 -2.69
CA GLY D 131 8.78 -44.20 -1.61
C GLY D 131 7.79 -43.25 -0.96
N SER D 132 7.41 -42.19 -1.68
CA SER D 132 6.44 -41.22 -1.18
C SER D 132 5.04 -41.83 -1.15
N GLN D 133 4.17 -41.21 -0.35
CA GLN D 133 2.83 -41.71 -0.17
C GLN D 133 1.99 -41.41 -1.41
N LYS D 134 1.11 -42.34 -1.75
CA LYS D 134 0.17 -42.13 -2.84
C LYS D 134 -0.83 -41.05 -2.46
N VAL D 135 -1.01 -40.05 -3.32
CA VAL D 135 -1.74 -38.86 -2.91
C VAL D 135 -3.26 -39.09 -2.96
N HIS D 136 -3.76 -39.79 -3.96
CA HIS D 136 -5.16 -40.18 -4.02
C HIS D 136 -5.24 -41.49 -4.79
N GLU D 137 -6.43 -41.87 -5.24
CA GLU D 137 -6.61 -43.16 -5.90
C GLU D 137 -5.95 -43.16 -7.27
N HIS D 138 -4.97 -44.07 -7.44
CA HIS D 138 -4.17 -44.24 -8.66
C HIS D 138 -3.39 -42.97 -9.02
N GLY D 139 -3.04 -42.15 -8.03
CA GLY D 139 -2.38 -40.89 -8.26
C GLY D 139 -0.88 -41.02 -8.28
N GLY D 140 -0.22 -39.87 -8.20
CA GLY D 140 1.23 -39.80 -8.09
C GLY D 140 1.69 -39.85 -6.65
N GLY D 141 2.94 -39.48 -6.45
CA GLY D 141 3.50 -39.44 -5.11
C GLY D 141 3.40 -38.07 -4.49
N LYS D 142 3.27 -38.04 -3.17
CA LYS D 142 3.12 -36.79 -2.45
C LYS D 142 4.48 -36.11 -2.35
N PRO D 143 4.61 -34.85 -2.78
CA PRO D 143 5.91 -34.20 -2.80
C PRO D 143 6.35 -33.75 -1.42
N ILE D 144 7.61 -33.36 -1.34
CA ILE D 144 8.22 -32.95 -0.08
C ILE D 144 7.74 -31.55 0.27
N GLN D 145 6.99 -31.43 1.35
CA GLN D 145 6.42 -30.16 1.75
C GLN D 145 6.26 -30.16 3.27
N GLY D 146 6.22 -28.97 3.83
CA GLY D 146 6.11 -28.81 5.26
C GLY D 146 7.08 -27.77 5.74
N SER D 147 7.32 -27.78 7.05
CA SER D 147 8.09 -26.74 7.73
C SER D 147 9.54 -26.77 7.28
N ASN D 148 9.94 -25.80 6.48
CA ASN D 148 11.29 -25.71 5.97
C ASN D 148 12.02 -24.54 6.62
N PHE D 149 13.34 -24.54 6.46
CA PHE D 149 14.21 -23.54 7.07
C PHE D 149 15.51 -23.50 6.31
N HIS D 150 15.84 -22.34 5.75
CA HIS D 150 17.07 -22.16 4.97
C HIS D 150 17.90 -21.08 5.62
N PHE D 151 19.13 -21.42 5.99
CA PHE D 151 20.01 -20.54 6.75
C PHE D 151 21.42 -20.64 6.21
N PHE D 152 22.14 -19.53 6.23
CA PHE D 152 23.57 -19.55 6.02
C PHE D 152 24.22 -18.40 6.75
N ALA D 153 25.53 -18.50 6.95
CA ALA D 153 26.29 -17.47 7.64
C ALA D 153 27.71 -17.50 7.13
N VAL D 154 28.31 -16.32 7.00
CA VAL D 154 29.68 -16.16 6.52
C VAL D 154 30.37 -15.16 7.44
N GLY D 155 31.46 -15.58 8.07
CA GLY D 155 32.17 -14.65 8.93
C GLY D 155 33.59 -15.09 9.21
N GLY D 156 34.31 -14.20 9.88
CA GLY D 156 35.67 -14.44 10.31
C GLY D 156 35.81 -15.05 11.67
N ASP D 157 34.71 -15.28 12.36
CA ASP D 157 34.63 -15.89 13.67
C ASP D 157 33.54 -16.95 13.61
N PRO D 158 33.53 -17.91 14.55
CA PRO D 158 32.44 -18.90 14.56
C PRO D 158 31.08 -18.28 14.81
N LEU D 159 30.04 -18.95 14.33
CA LEU D 159 28.68 -18.49 14.52
C LEU D 159 28.31 -18.61 15.98
N GLU D 160 28.09 -17.48 16.63
CA GLU D 160 27.73 -17.46 18.03
C GLU D 160 26.22 -17.51 18.11
N MET D 161 25.71 -18.38 18.96
CA MET D 161 24.30 -18.74 18.93
C MET D 161 23.68 -18.67 20.31
N GLN D 162 22.41 -19.03 20.37
CA GLN D 162 21.56 -18.79 21.53
C GLN D 162 20.59 -19.96 21.68
N GLY D 163 20.50 -20.49 22.88
CA GLY D 163 19.68 -21.66 23.10
C GLY D 163 18.27 -21.35 23.52
N VAL D 164 17.34 -21.38 22.58
CA VAL D 164 15.93 -21.20 22.86
C VAL D 164 15.20 -22.43 22.36
N LEU D 165 14.49 -23.10 23.26
CA LEU D 165 13.81 -24.33 22.89
C LEU D 165 12.52 -24.45 23.68
N MET D 166 11.46 -24.87 23.00
CA MET D 166 10.25 -25.25 23.71
C MET D 166 10.43 -26.62 24.33
N ASN D 167 9.65 -26.88 25.39
CA ASN D 167 9.66 -28.14 26.16
C ASN D 167 11.06 -28.41 26.73
N TYR D 168 11.43 -27.60 27.73
CA TYR D 168 12.74 -27.73 28.37
C TYR D 168 12.94 -29.06 29.09
N ARG D 169 11.89 -29.85 29.31
CA ARG D 169 12.01 -31.16 29.91
C ARG D 169 12.31 -32.26 28.91
N THR D 170 12.72 -31.93 27.69
CA THR D 170 13.15 -32.96 26.76
C THR D 170 14.49 -33.54 27.17
N LYS D 171 14.72 -34.80 26.78
CA LYS D 171 15.95 -35.52 27.09
C LYS D 171 16.68 -35.79 25.78
N TYR D 172 17.77 -35.09 25.58
CA TYR D 172 18.48 -35.27 24.32
C TYR D 172 19.61 -36.27 24.49
N PRO D 173 19.98 -36.99 23.42
CA PRO D 173 21.11 -37.93 23.51
C PRO D 173 22.45 -37.21 23.64
N ASP D 174 23.47 -38.01 23.96
CA ASP D 174 24.81 -37.47 24.21
C ASP D 174 25.52 -37.03 22.94
N GLY D 175 25.05 -37.48 21.77
CA GLY D 175 25.66 -37.03 20.53
C GLY D 175 25.37 -35.58 20.19
N THR D 176 24.24 -35.06 20.64
CA THR D 176 23.87 -33.67 20.45
C THR D 176 24.40 -32.84 21.61
N ILE D 177 24.93 -31.67 21.31
CA ILE D 177 25.28 -30.70 22.35
C ILE D 177 24.14 -29.69 22.42
N THR D 178 23.66 -29.46 23.64
CA THR D 178 22.37 -28.81 23.90
C THR D 178 22.57 -27.67 24.89
N PRO D 179 21.58 -26.80 25.11
CA PRO D 179 21.71 -25.80 26.18
C PRO D 179 21.82 -26.43 27.55
N LYS D 180 22.77 -25.93 28.34
CA LYS D 180 23.07 -26.50 29.64
C LYS D 180 22.03 -26.09 30.66
N ASN D 181 21.47 -27.09 31.36
CA ASN D 181 20.51 -26.97 32.45
C ASN D 181 19.30 -26.12 32.08
N PRO D 182 18.39 -26.62 31.25
CA PRO D 182 17.26 -25.79 30.82
C PRO D 182 16.24 -25.59 31.93
N THR D 183 15.89 -24.34 32.17
CA THR D 183 14.87 -23.97 33.12
C THR D 183 13.58 -23.66 32.37
N ALA D 184 12.57 -23.17 33.09
CA ALA D 184 11.36 -22.71 32.43
C ALA D 184 11.60 -21.43 31.64
N GLN D 185 12.64 -20.67 31.98
CA GLN D 185 13.00 -19.49 31.22
C GLN D 185 13.66 -19.82 29.90
N SER D 186 14.01 -21.09 29.66
CA SER D 186 14.62 -21.46 28.39
C SER D 186 13.61 -21.50 27.26
N GLN D 187 12.33 -21.61 27.57
CA GLN D 187 11.29 -21.57 26.55
C GLN D 187 11.05 -20.17 25.99
N VAL D 188 11.67 -19.16 26.59
CA VAL D 188 11.77 -17.81 26.06
C VAL D 188 13.26 -17.49 26.07
N MET D 189 13.63 -16.25 25.80
CA MET D 189 15.02 -15.81 25.88
C MET D 189 15.63 -16.01 27.25
N ASN D 190 16.62 -16.89 27.34
CA ASN D 190 17.44 -17.08 28.52
C ASN D 190 18.87 -16.77 28.13
N THR D 191 19.49 -15.85 28.85
CA THR D 191 20.81 -15.36 28.45
C THR D 191 21.91 -16.36 28.80
N ASP D 192 21.59 -17.37 29.61
CA ASP D 192 22.58 -18.36 30.04
C ASP D 192 22.66 -19.56 29.10
N HIS D 193 22.38 -19.37 27.82
CA HIS D 193 22.50 -20.45 26.84
C HIS D 193 23.25 -19.96 25.61
N LYS D 194 24.39 -19.31 25.83
CA LYS D 194 25.26 -18.92 24.75
C LYS D 194 26.13 -20.09 24.32
N ALA D 195 26.56 -20.09 23.06
CA ALA D 195 27.45 -21.12 22.54
C ALA D 195 28.19 -20.57 21.33
N TYR D 196 29.04 -21.42 20.77
CA TYR D 196 29.68 -21.20 19.48
C TYR D 196 29.38 -22.41 18.61
N LEU D 197 29.15 -22.18 17.32
CA LEU D 197 29.00 -23.30 16.40
C LEU D 197 30.39 -23.80 16.09
N ASP D 198 30.85 -24.77 16.89
CA ASP D 198 32.21 -25.26 16.83
C ASP D 198 32.29 -26.76 16.51
N LYS D 199 31.17 -27.36 16.11
CA LYS D 199 31.13 -28.79 15.85
C LYS D 199 30.04 -29.07 14.85
N ASN D 200 30.39 -29.75 13.75
CA ASN D 200 29.39 -30.20 12.80
C ASN D 200 28.52 -31.29 13.41
N ASN D 201 27.24 -31.31 13.01
CA ASN D 201 26.30 -32.39 13.26
C ASN D 201 26.04 -32.61 14.75
N ALA D 202 26.20 -31.57 15.56
CA ALA D 202 26.00 -31.69 16.99
C ALA D 202 24.93 -30.75 17.52
N TYR D 203 24.96 -29.49 17.12
CA TYR D 203 23.98 -28.49 17.52
C TYR D 203 22.70 -28.66 16.73
N PRO D 204 21.61 -29.13 17.33
CA PRO D 204 20.37 -29.32 16.56
C PRO D 204 19.73 -27.99 16.22
N VAL D 205 18.90 -28.00 15.18
CA VAL D 205 18.27 -26.76 14.75
C VAL D 205 17.13 -26.38 15.67
N GLU D 206 16.47 -27.35 16.29
CA GLU D 206 15.31 -27.04 17.12
C GLU D 206 15.67 -26.50 18.49
N CYS D 207 16.96 -26.37 18.80
CA CYS D 207 17.42 -25.85 20.07
C CYS D 207 18.20 -24.56 19.96
N TRP D 208 18.77 -24.25 18.81
CA TRP D 208 19.75 -23.18 18.70
C TRP D 208 19.34 -22.22 17.60
N VAL D 209 19.33 -20.94 17.93
CA VAL D 209 19.12 -19.86 16.96
C VAL D 209 20.38 -19.02 16.96
N PRO D 210 20.74 -18.36 15.86
CA PRO D 210 21.92 -17.50 15.88
C PRO D 210 21.71 -16.28 16.74
N ASP D 211 22.75 -15.93 17.49
CA ASP D 211 22.64 -14.92 18.54
C ASP D 211 22.66 -13.54 17.91
N PRO D 212 21.59 -12.75 18.03
CA PRO D 212 21.59 -11.43 17.40
C PRO D 212 22.42 -10.41 18.15
N SER D 213 22.76 -10.68 19.40
CA SER D 213 23.46 -9.72 20.24
C SER D 213 24.98 -9.82 20.15
N ARG D 214 25.53 -10.91 19.60
CA ARG D 214 26.96 -11.15 19.71
C ARG D 214 27.65 -11.49 18.39
N ASN D 215 26.98 -11.35 17.26
CA ASN D 215 27.60 -11.71 15.99
C ASN D 215 28.15 -10.47 15.29
N GLU D 216 29.26 -9.98 15.83
CA GLU D 216 29.83 -8.73 15.32
C GLU D 216 30.77 -8.94 14.15
N ASN D 217 31.18 -10.16 13.85
CA ASN D 217 32.13 -10.40 12.76
C ASN D 217 31.59 -11.44 11.79
N THR D 218 30.29 -11.69 11.80
CA THR D 218 29.67 -12.63 10.88
C THR D 218 28.29 -12.11 10.49
N ARG D 219 27.95 -12.28 9.22
CA ARG D 219 26.65 -11.89 8.70
C ARG D 219 25.89 -13.16 8.39
N TYR D 220 24.69 -13.30 8.96
CA TYR D 220 23.88 -14.48 8.74
C TYR D 220 22.57 -14.09 8.09
N PHE D 221 21.99 -15.04 7.36
CA PHE D 221 20.75 -14.83 6.63
C PHE D 221 19.91 -16.08 6.80
N GLY D 222 18.65 -15.92 7.15
CA GLY D 222 17.83 -17.10 7.37
C GLY D 222 16.35 -16.85 7.24
N THR D 223 15.63 -17.79 6.62
CA THR D 223 14.20 -17.70 6.45
C THR D 223 13.56 -18.95 7.03
N PHE D 224 12.60 -18.78 7.94
CA PHE D 224 11.81 -19.87 8.45
C PHE D 224 10.41 -19.78 7.87
N THR D 225 9.81 -20.94 7.59
CA THR D 225 8.42 -20.99 7.15
C THR D 225 7.81 -22.25 7.74
N GLY D 226 6.97 -22.10 8.75
CA GLY D 226 6.32 -23.23 9.39
C GLY D 226 5.14 -23.71 8.60
N GLY D 227 4.26 -24.42 9.29
CA GLY D 227 3.04 -24.87 8.66
C GLY D 227 3.10 -26.31 8.20
N GLU D 228 1.93 -26.88 7.94
CA GLU D 228 1.82 -28.29 7.59
C GLU D 228 2.05 -28.53 6.11
N ASN D 229 1.41 -27.74 5.25
CA ASN D 229 1.32 -28.01 3.83
C ASN D 229 1.81 -26.82 3.02
N VAL D 230 2.97 -26.30 3.36
CA VAL D 230 3.44 -25.10 2.65
C VAL D 230 4.34 -25.49 1.49
N PRO D 231 4.29 -24.76 0.38
CA PRO D 231 5.17 -25.05 -0.74
C PRO D 231 6.58 -24.55 -0.49
N PRO D 232 7.58 -25.38 -0.73
CA PRO D 232 8.97 -24.88 -0.77
C PRO D 232 9.23 -24.15 -2.08
N VAL D 233 9.72 -22.92 -1.97
CA VAL D 233 9.99 -22.08 -3.14
C VAL D 233 11.49 -21.84 -3.17
N LEU D 234 12.16 -22.48 -4.13
CA LEU D 234 13.62 -22.43 -4.23
C LEU D 234 14.01 -21.87 -5.59
N HIS D 235 14.71 -20.75 -5.60
CA HIS D 235 15.24 -20.17 -6.82
C HIS D 235 16.65 -20.67 -7.06
N VAL D 236 17.08 -20.61 -8.33
CA VAL D 236 18.39 -21.09 -8.74
C VAL D 236 18.90 -20.19 -9.86
N THR D 237 19.99 -19.48 -9.60
CA THR D 237 20.42 -18.34 -10.41
C THR D 237 21.87 -18.02 -10.08
N ASN D 238 22.69 -17.79 -11.10
CA ASN D 238 24.09 -17.44 -10.88
C ASN D 238 24.38 -15.95 -11.04
N THR D 239 23.36 -15.10 -10.97
CA THR D 239 23.58 -13.66 -11.01
C THR D 239 23.16 -12.96 -9.74
N ALA D 240 22.57 -13.68 -8.78
CA ALA D 240 22.29 -13.10 -7.47
C ALA D 240 23.61 -12.87 -6.73
N THR D 241 23.59 -11.92 -5.80
CA THR D 241 24.82 -11.46 -5.15
C THR D 241 24.46 -10.80 -3.82
N THR D 242 25.09 -11.25 -2.74
CA THR D 242 24.88 -10.68 -1.42
C THR D 242 26.12 -9.90 -1.01
N VAL D 243 25.94 -8.65 -0.63
CA VAL D 243 27.05 -7.81 -0.16
C VAL D 243 27.19 -7.99 1.34
N LEU D 244 28.42 -8.23 1.80
CA LEU D 244 28.71 -8.47 3.20
C LEU D 244 29.27 -7.25 3.91
N LEU D 245 29.36 -6.11 3.24
CA LEU D 245 29.86 -4.90 3.86
C LEU D 245 28.83 -4.31 4.81
N ASP D 246 29.32 -3.71 5.89
CA ASP D 246 28.45 -3.12 6.90
C ASP D 246 28.21 -1.64 6.59
N GLU D 247 27.72 -0.89 7.58
CA GLU D 247 27.49 0.54 7.42
C GLU D 247 28.78 1.31 7.25
N GLN D 248 29.88 0.80 7.80
CA GLN D 248 31.18 1.46 7.70
C GLN D 248 32.00 0.94 6.53
N GLY D 249 31.47 0.00 5.75
CA GLY D 249 32.16 -0.46 4.56
C GLY D 249 33.18 -1.55 4.77
N VAL D 250 33.10 -2.29 5.88
CA VAL D 250 34.02 -3.38 6.14
C VAL D 250 33.25 -4.69 6.29
N GLY D 251 33.78 -5.74 5.69
CA GLY D 251 33.14 -7.04 5.76
C GLY D 251 33.58 -7.79 6.99
N PRO D 252 33.33 -9.09 7.03
CA PRO D 252 33.92 -9.90 8.10
C PRO D 252 35.43 -10.00 7.98
N LEU D 253 36.14 -9.32 8.87
CA LEU D 253 37.59 -9.43 8.92
C LEU D 253 37.97 -10.80 9.48
N CYS D 254 38.94 -11.44 8.83
CA CYS D 254 39.40 -12.75 9.25
C CYS D 254 40.51 -12.55 10.27
N LYS D 255 40.11 -12.56 11.55
CA LYS D 255 40.99 -12.33 12.69
C LYS D 255 42.09 -13.38 12.78
N ALA D 256 41.70 -14.61 13.07
CA ALA D 256 42.54 -15.73 12.76
C ALA D 256 42.45 -15.96 11.26
N ASP D 257 43.49 -16.57 10.69
CA ASP D 257 43.55 -16.78 9.25
C ASP D 257 42.61 -17.92 8.86
N SER D 258 41.32 -17.59 8.86
CA SER D 258 40.25 -18.56 8.82
C SER D 258 39.03 -17.91 8.19
N LEU D 259 38.14 -18.73 7.65
CA LEU D 259 36.86 -18.25 7.16
C LEU D 259 35.80 -19.25 7.57
N TYR D 260 34.88 -18.82 8.43
CA TYR D 260 33.92 -19.71 9.05
C TYR D 260 32.63 -19.65 8.27
N VAL D 261 32.26 -20.77 7.65
CA VAL D 261 31.10 -20.87 6.78
C VAL D 261 30.16 -21.89 7.38
N SER D 262 28.93 -21.49 7.62
CA SER D 262 27.96 -22.36 8.27
C SER D 262 26.60 -22.19 7.61
N ALA D 263 25.79 -23.23 7.69
CA ALA D 263 24.50 -23.24 7.01
C ALA D 263 23.61 -24.30 7.62
N ALA D 264 22.32 -24.23 7.28
CA ALA D 264 21.34 -25.24 7.65
C ALA D 264 20.19 -25.13 6.67
N ASP D 265 19.91 -26.22 5.96
CA ASP D 265 18.88 -26.21 4.92
C ASP D 265 17.95 -27.40 5.12
N ILE D 266 16.78 -27.13 5.68
CA ILE D 266 15.69 -28.10 5.75
C ILE D 266 14.75 -27.78 4.60
N CYS D 267 14.40 -28.79 3.80
CA CYS D 267 13.57 -28.56 2.63
C CYS D 267 12.21 -29.24 2.70
N GLY D 268 11.76 -29.64 3.89
CA GLY D 268 10.40 -30.12 4.02
C GLY D 268 10.35 -31.45 4.73
N LEU D 269 9.20 -32.12 4.59
CA LEU D 269 8.95 -33.41 5.20
C LEU D 269 8.62 -34.41 4.10
N PHE D 270 9.49 -35.40 3.91
CA PHE D 270 9.23 -36.49 2.98
C PHE D 270 8.35 -37.51 3.68
N THR D 271 7.11 -37.64 3.21
CA THR D 271 6.16 -38.57 3.80
C THR D 271 6.30 -39.92 3.11
N ASN D 272 6.59 -40.96 3.89
CA ASN D 272 6.79 -42.29 3.34
C ASN D 272 5.45 -42.92 2.95
N SER D 273 5.53 -44.10 2.34
CA SER D 273 4.32 -44.77 1.88
C SER D 273 3.49 -45.30 3.03
N SER D 274 4.13 -45.69 4.12
CA SER D 274 3.41 -46.21 5.28
C SER D 274 2.78 -45.11 6.13
N GLY D 275 3.09 -43.85 5.87
CA GLY D 275 2.60 -42.74 6.65
C GLY D 275 3.64 -42.09 7.52
N THR D 276 4.81 -42.68 7.66
CA THR D 276 5.85 -42.08 8.47
C THR D 276 6.48 -40.90 7.73
N GLN D 277 6.90 -39.90 8.50
CA GLN D 277 7.48 -38.69 7.94
C GLN D 277 8.92 -38.55 8.40
N GLN D 278 9.73 -37.96 7.54
CA GLN D 278 11.13 -37.73 7.86
C GLN D 278 11.62 -36.56 7.04
N TRP D 279 12.68 -35.91 7.53
CA TRP D 279 13.10 -34.63 6.99
C TRP D 279 13.84 -34.82 5.67
N ARG D 280 14.24 -33.70 5.06
CA ARG D 280 14.96 -33.72 3.79
C ARG D 280 15.82 -32.46 3.72
N GLY D 281 17.12 -32.65 3.58
CA GLY D 281 18.02 -31.53 3.41
C GLY D 281 18.77 -31.56 2.10
N LEU D 282 19.21 -30.40 1.67
CA LEU D 282 19.99 -30.26 0.45
C LEU D 282 21.25 -29.46 0.75
N ALA D 283 22.21 -29.53 -0.16
CA ALA D 283 23.49 -28.88 0.05
C ALA D 283 23.38 -27.37 -0.18
N ARG D 284 24.50 -26.67 -0.05
CA ARG D 284 24.48 -25.22 -0.22
C ARG D 284 25.81 -24.74 -0.77
N TYR D 285 25.78 -24.17 -1.96
CA TYR D 285 26.95 -23.60 -2.59
C TYR D 285 27.33 -22.28 -1.93
N PHE D 286 28.63 -22.00 -1.89
CA PHE D 286 29.16 -20.74 -1.38
C PHE D 286 30.22 -20.23 -2.35
N LYS D 287 30.14 -18.95 -2.69
CA LYS D 287 31.16 -18.31 -3.51
C LYS D 287 31.52 -16.98 -2.86
N ILE D 288 32.72 -16.92 -2.29
CA ILE D 288 33.07 -15.86 -1.35
C ILE D 288 34.24 -15.08 -1.91
N ARG D 289 34.03 -13.79 -2.15
CA ARG D 289 35.10 -12.90 -2.58
C ARG D 289 35.85 -12.39 -1.37
N LEU D 290 37.17 -12.39 -1.45
CA LEU D 290 38.04 -12.03 -0.33
C LEU D 290 39.05 -11.00 -0.79
N ARG D 291 39.27 -9.97 0.02
CA ARG D 291 40.34 -9.03 -0.27
C ARG D 291 41.19 -8.81 0.97
N LYS D 292 42.11 -7.85 0.92
CA LYS D 292 43.08 -7.64 1.99
C LYS D 292 42.87 -6.24 2.56
N ARG D 293 42.43 -6.16 3.81
CA ARG D 293 42.25 -4.88 4.48
C ARG D 293 43.48 -4.55 5.30
N SER D 294 43.96 -3.32 5.19
CA SER D 294 44.96 -2.81 6.11
C SER D 294 44.24 -2.35 7.36
N VAL D 295 44.46 -3.06 8.46
CA VAL D 295 43.88 -2.70 9.75
C VAL D 295 45.02 -2.26 10.66
N LYS D 296 44.71 -1.84 11.87
CA LYS D 296 45.73 -1.57 12.86
C LYS D 296 45.68 -2.64 13.95
N ASN D 297 46.76 -2.70 14.73
CA ASN D 297 46.82 -3.62 15.85
C ASN D 297 46.17 -2.95 17.05
N PRO D 298 45.04 -3.46 17.55
CA PRO D 298 44.39 -2.78 18.67
C PRO D 298 45.10 -3.00 20.00
N TYR D 299 45.77 -4.12 20.18
CA TYR D 299 46.42 -4.56 21.40
C TYR D 299 47.88 -4.14 21.43
N PRO D 300 48.48 -3.97 22.60
CA PRO D 300 49.92 -3.72 22.64
C PRO D 300 50.70 -5.00 22.34
N ILE D 301 51.93 -4.78 21.85
CA ILE D 301 52.82 -5.90 21.52
C ILE D 301 53.23 -6.64 22.78
N SER D 302 53.34 -5.91 23.90
CA SER D 302 53.71 -6.48 25.17
C SER D 302 52.68 -7.46 25.69
N PHE D 303 51.39 -7.21 25.43
CA PHE D 303 50.36 -8.15 25.86
C PHE D 303 50.27 -9.35 24.94
N LEU D 304 50.45 -9.14 23.63
CA LEU D 304 50.28 -10.23 22.67
C LEU D 304 51.39 -11.25 22.81
N LEU D 305 52.62 -10.79 23.05
CA LEU D 305 53.73 -11.73 23.17
C LEU D 305 53.71 -12.46 24.50
N SER D 306 53.42 -11.75 25.59
CA SER D 306 53.49 -12.36 26.91
C SER D 306 52.35 -13.33 27.17
N ASP D 307 51.19 -13.11 26.55
CA ASP D 307 50.05 -13.99 26.76
C ASP D 307 50.05 -15.18 25.80
N LEU D 308 50.75 -15.07 24.67
CA LEU D 308 50.85 -16.20 23.75
C LEU D 308 51.76 -17.27 24.31
N ILE D 309 52.86 -16.87 24.97
CA ILE D 309 53.74 -17.81 25.65
C ILE D 309 53.01 -18.47 26.81
N ASN D 310 52.08 -17.74 27.43
CA ASN D 310 51.26 -18.28 28.51
C ASN D 310 50.34 -19.40 28.01
N ARG D 311 49.84 -19.30 26.77
CA ARG D 311 48.91 -20.31 26.27
C ARG D 311 49.64 -21.50 25.67
N ARG D 312 50.86 -21.31 25.15
CA ARG D 312 51.61 -22.44 24.61
C ARG D 312 52.11 -23.35 25.71
N THR D 313 52.65 -22.77 26.79
CA THR D 313 53.17 -23.54 27.90
C THR D 313 52.02 -24.03 28.78
N GLN D 314 52.00 -25.33 29.06
CA GLN D 314 51.11 -25.86 30.06
C GLN D 314 51.52 -25.36 31.44
N ARG D 315 50.55 -24.90 32.21
CA ARG D 315 50.82 -24.23 33.48
C ARG D 315 51.36 -25.22 34.50
N VAL D 316 52.46 -24.84 35.15
CA VAL D 316 53.07 -25.70 36.15
C VAL D 316 52.26 -25.62 37.43
N ASP D 317 52.33 -26.68 38.23
CA ASP D 317 51.66 -26.75 39.52
C ASP D 317 52.71 -27.18 40.55
N GLY D 318 53.45 -26.21 41.08
CA GLY D 318 54.54 -26.47 41.97
C GLY D 318 54.28 -26.00 43.39
N GLN D 319 55.36 -25.79 44.11
CA GLN D 319 55.29 -25.34 45.48
C GLN D 319 54.93 -23.85 45.52
N PRO D 320 54.13 -23.42 46.51
CA PRO D 320 53.56 -22.07 46.47
C PRO D 320 54.61 -21.00 46.71
N MET D 321 54.77 -20.10 45.74
CA MET D 321 55.68 -18.98 45.83
C MET D 321 54.94 -17.65 45.92
N TYR D 322 53.69 -17.66 46.39
CA TYR D 322 52.92 -16.45 46.63
C TYR D 322 51.84 -16.79 47.64
N GLY D 323 51.42 -15.78 48.40
CA GLY D 323 50.32 -15.97 49.33
C GLY D 323 50.75 -16.20 50.76
N MET D 324 49.90 -16.87 51.54
CA MET D 324 50.21 -17.07 52.95
C MET D 324 51.26 -18.15 53.16
N GLU D 325 51.33 -19.11 52.24
CA GLU D 325 52.32 -20.18 52.31
C GLU D 325 53.42 -19.94 51.28
N SER D 326 53.78 -18.68 51.10
CA SER D 326 54.78 -18.29 50.11
C SER D 326 56.15 -18.74 50.56
N GLN D 327 56.82 -19.52 49.72
CA GLN D 327 58.14 -20.03 50.02
C GLN D 327 59.25 -19.10 49.55
N VAL D 328 58.91 -17.94 48.98
CA VAL D 328 59.91 -16.90 48.78
C VAL D 328 60.21 -16.24 50.12
N GLU D 329 61.48 -16.24 50.51
CA GLU D 329 61.87 -15.80 51.84
C GLU D 329 62.28 -14.34 51.90
N GLU D 330 62.92 -13.81 50.86
CA GLU D 330 63.45 -12.45 50.94
C GLU D 330 63.76 -11.94 49.53
N VAL D 331 63.26 -10.75 49.22
CA VAL D 331 63.54 -10.08 47.96
C VAL D 331 64.19 -8.75 48.27
N ARG D 332 65.32 -8.47 47.64
CA ARG D 332 66.05 -7.22 47.85
C ARG D 332 66.38 -6.58 46.51
N VAL D 333 65.85 -5.41 46.26
CA VAL D 333 66.22 -4.70 45.04
C VAL D 333 67.37 -3.75 45.37
N PHE D 334 68.18 -3.45 44.36
CA PHE D 334 69.40 -2.67 44.56
C PHE D 334 69.41 -1.42 43.69
N VAL E 23 15.08 5.95 -33.45
CA VAL E 23 14.94 4.54 -33.79
C VAL E 23 16.24 4.00 -34.39
N PRO E 24 16.53 2.72 -34.16
CA PRO E 24 17.70 2.12 -34.81
C PRO E 24 17.36 1.64 -36.21
N LYS E 25 18.30 1.83 -37.11
CA LYS E 25 18.07 1.58 -38.54
C LYS E 25 18.11 0.08 -38.79
N LEU E 26 16.93 -0.52 -38.97
CA LEU E 26 16.81 -1.94 -39.30
C LEU E 26 17.39 -2.19 -40.69
N LEU E 27 18.51 -2.90 -40.75
CA LEU E 27 19.11 -3.21 -42.05
C LEU E 27 18.31 -4.27 -42.81
N ILE E 28 18.11 -5.44 -42.20
CA ILE E 28 17.41 -6.53 -42.84
C ILE E 28 16.78 -7.41 -41.76
N LYS E 29 15.70 -8.08 -42.11
CA LYS E 29 15.04 -9.03 -41.23
C LYS E 29 14.74 -10.30 -42.01
N GLY E 30 14.19 -11.30 -41.34
CA GLY E 30 13.86 -12.54 -42.02
C GLY E 30 13.89 -13.78 -41.17
N GLY E 31 14.65 -14.78 -41.59
CA GLY E 31 14.71 -16.04 -40.90
C GLY E 31 16.10 -16.38 -40.39
N VAL E 32 16.41 -17.67 -40.28
CA VAL E 32 17.70 -18.09 -39.74
C VAL E 32 18.84 -17.81 -40.71
N GLU E 33 18.54 -17.68 -42.00
CA GLU E 33 19.54 -17.37 -43.02
C GLU E 33 20.04 -15.93 -42.96
N VAL E 34 19.44 -15.09 -42.13
CA VAL E 34 19.91 -13.72 -41.97
C VAL E 34 21.22 -13.70 -41.19
N LEU E 35 21.45 -14.72 -40.35
CA LEU E 35 22.72 -14.85 -39.65
C LEU E 35 23.89 -15.04 -40.59
N GLU E 36 23.67 -15.72 -41.70
CA GLU E 36 24.71 -15.93 -42.70
C GLU E 36 25.06 -14.65 -43.44
N VAL E 37 24.19 -13.63 -43.41
CA VAL E 37 24.48 -12.35 -44.05
C VAL E 37 25.51 -11.60 -43.22
N LYS E 38 26.57 -11.12 -43.88
CA LYS E 38 27.61 -10.35 -43.22
C LYS E 38 27.15 -8.92 -43.00
N THR E 39 27.44 -8.38 -41.83
CA THR E 39 27.05 -7.02 -41.46
C THR E 39 28.25 -6.19 -41.00
N GLY E 40 27.98 -5.00 -40.46
CA GLY E 40 29.02 -4.13 -39.98
C GLY E 40 29.50 -4.50 -38.58
N VAL E 41 30.48 -3.73 -38.10
CA VAL E 41 31.08 -4.01 -36.80
C VAL E 41 30.16 -3.57 -35.65
N ASP E 42 29.26 -2.63 -35.89
CA ASP E 42 28.38 -2.10 -34.85
C ASP E 42 26.96 -2.63 -34.95
N ALA E 43 26.67 -3.51 -35.91
CA ALA E 43 25.32 -4.01 -36.09
C ALA E 43 24.99 -5.03 -35.01
N ILE E 44 23.89 -4.81 -34.31
CA ILE E 44 23.41 -5.74 -33.31
C ILE E 44 22.29 -6.58 -33.91
N THR E 45 22.26 -7.86 -33.55
CA THR E 45 21.27 -8.77 -34.10
C THR E 45 20.21 -9.08 -33.05
N GLU E 46 19.17 -9.79 -33.47
CA GLU E 46 18.02 -10.05 -32.61
C GLU E 46 17.50 -11.44 -32.97
N VAL E 47 18.02 -12.46 -32.28
CA VAL E 47 17.65 -13.83 -32.61
C VAL E 47 16.43 -14.22 -31.77
N GLU E 48 15.42 -14.78 -32.42
CA GLU E 48 14.17 -15.15 -31.75
C GLU E 48 13.92 -16.63 -32.04
N CYS E 49 14.04 -17.47 -31.02
CA CYS E 49 13.84 -18.91 -31.18
C CYS E 49 12.88 -19.40 -30.11
N PHE E 50 12.62 -20.71 -30.12
CA PHE E 50 11.76 -21.31 -29.12
C PHE E 50 12.23 -22.73 -28.85
N LEU E 51 11.84 -23.25 -27.68
CA LEU E 51 12.22 -24.59 -27.26
C LEU E 51 10.99 -25.36 -26.81
N ASN E 52 10.65 -26.40 -27.54
CA ASN E 52 9.58 -27.29 -27.09
C ASN E 52 10.05 -28.10 -25.90
N PRO E 53 9.16 -28.40 -24.95
CA PRO E 53 9.55 -29.25 -23.83
C PRO E 53 9.66 -30.70 -24.26
N GLU E 54 10.33 -31.48 -23.42
CA GLU E 54 10.48 -32.91 -23.63
C GLU E 54 9.99 -33.59 -22.35
N MET E 55 8.68 -33.82 -22.30
CA MET E 55 8.02 -34.29 -21.09
C MET E 55 7.87 -35.81 -21.05
N GLY E 56 8.23 -36.51 -22.11
CA GLY E 56 8.19 -37.95 -22.12
C GLY E 56 7.47 -38.51 -23.34
N ASP E 57 6.34 -37.89 -23.71
CA ASP E 57 5.56 -38.13 -24.93
C ASP E 57 5.22 -39.59 -25.14
N PRO E 58 4.30 -40.17 -24.36
CA PRO E 58 4.12 -41.63 -24.41
C PRO E 58 3.51 -42.15 -25.71
N ASP E 59 2.73 -41.34 -26.43
CA ASP E 59 2.28 -41.69 -27.76
C ASP E 59 1.99 -40.40 -28.53
N GLU E 60 1.65 -40.54 -29.81
CA GLU E 60 1.52 -39.39 -30.69
C GLU E 60 0.27 -38.57 -30.38
N ASN E 61 -0.77 -39.19 -29.82
CA ASN E 61 -1.99 -38.47 -29.51
C ASN E 61 -1.85 -37.57 -28.29
N LEU E 62 -0.81 -37.76 -27.49
CA LEU E 62 -0.72 -37.19 -26.17
C LEU E 62 0.67 -36.58 -25.96
N ARG E 63 1.06 -35.76 -26.94
CA ARG E 63 2.27 -34.97 -26.91
C ARG E 63 2.28 -34.02 -25.71
N GLY E 64 3.47 -33.68 -25.23
CA GLY E 64 3.62 -32.69 -24.20
C GLY E 64 3.34 -33.16 -22.80
N PHE E 65 2.80 -34.36 -22.63
CA PHE E 65 2.58 -34.92 -21.31
C PHE E 65 3.68 -35.90 -20.98
N SER E 66 3.59 -36.46 -19.79
CA SER E 66 4.38 -37.62 -19.42
C SER E 66 3.46 -38.84 -19.43
N LEU E 67 4.00 -40.01 -19.12
CA LEU E 67 3.17 -41.15 -18.82
C LEU E 67 2.66 -40.98 -17.40
N LYS E 68 1.60 -41.71 -17.06
CA LYS E 68 1.01 -41.59 -15.73
C LYS E 68 2.01 -42.06 -14.66
N LEU E 69 1.96 -41.41 -13.51
CA LEU E 69 3.01 -41.57 -12.51
C LEU E 69 2.77 -42.82 -11.67
N SER E 70 3.84 -43.59 -11.47
CA SER E 70 3.82 -44.64 -10.46
C SER E 70 4.04 -44.01 -9.09
N ALA E 71 3.34 -44.52 -8.09
CA ALA E 71 3.22 -43.82 -6.81
C ALA E 71 4.14 -44.38 -5.73
N GLU E 72 4.00 -45.66 -5.40
CA GLU E 72 4.60 -46.17 -4.18
C GLU E 72 5.64 -47.25 -4.44
N ASN E 73 6.54 -47.03 -5.39
CA ASN E 73 7.69 -47.89 -5.52
C ASN E 73 8.61 -47.70 -4.32
N ASP E 74 9.28 -48.77 -3.90
CA ASP E 74 10.15 -48.70 -2.74
C ASP E 74 11.45 -47.97 -3.08
N PHE E 75 12.31 -47.82 -2.09
CA PHE E 75 13.57 -47.13 -2.34
C PHE E 75 14.56 -48.02 -3.08
N SER E 76 14.61 -49.30 -2.74
CA SER E 76 15.51 -50.20 -3.45
C SER E 76 14.89 -50.76 -4.72
N SER E 77 13.57 -50.93 -4.75
CA SER E 77 12.88 -51.59 -5.85
C SER E 77 12.21 -50.58 -6.78
N ASP E 78 12.83 -49.43 -7.01
CA ASP E 78 12.25 -48.41 -7.86
C ASP E 78 12.79 -48.54 -9.27
N SER E 79 11.91 -48.37 -10.25
CA SER E 79 12.28 -48.52 -11.65
C SER E 79 11.34 -47.69 -12.51
N PRO E 80 11.63 -46.41 -12.71
CA PRO E 80 10.81 -45.60 -13.61
C PRO E 80 11.08 -45.97 -15.05
N GLU E 81 10.14 -45.63 -15.92
CA GLU E 81 10.31 -45.86 -17.33
C GLU E 81 10.71 -44.57 -18.04
N ARG E 82 11.01 -44.71 -19.33
CA ARG E 82 11.53 -43.60 -20.12
C ARG E 82 10.49 -42.50 -20.33
N LYS E 83 9.23 -42.88 -20.39
CA LYS E 83 8.17 -41.96 -20.83
C LYS E 83 7.51 -41.21 -19.68
N MET E 84 7.93 -41.40 -18.44
CA MET E 84 7.36 -40.67 -17.32
C MET E 84 8.33 -39.68 -16.70
N LEU E 85 9.47 -39.43 -17.34
CA LEU E 85 10.50 -38.58 -16.77
C LEU E 85 10.69 -37.35 -17.64
N PRO E 86 10.32 -36.16 -17.18
CA PRO E 86 10.60 -34.95 -17.95
C PRO E 86 12.09 -34.68 -18.01
N CYS E 87 12.51 -34.04 -19.11
CA CYS E 87 13.93 -33.84 -19.39
C CYS E 87 14.19 -32.39 -19.74
N TYR E 88 15.47 -32.07 -19.87
CA TYR E 88 15.88 -30.73 -20.28
C TYR E 88 15.76 -30.58 -21.79
N SER E 89 15.69 -29.33 -22.24
CA SER E 89 15.53 -28.99 -23.64
C SER E 89 16.64 -28.02 -24.01
N THR E 90 17.64 -28.49 -24.75
CA THR E 90 18.77 -27.68 -25.14
C THR E 90 18.78 -27.49 -26.66
N ALA E 91 19.56 -26.51 -27.11
CA ALA E 91 19.70 -26.25 -28.54
C ALA E 91 21.02 -25.52 -28.78
N ARG E 92 21.25 -25.18 -30.04
CA ARG E 92 22.50 -24.57 -30.46
C ARG E 92 22.22 -23.75 -31.70
N ILE E 93 22.46 -22.45 -31.61
CA ILE E 93 22.15 -21.52 -32.69
C ILE E 93 23.45 -21.24 -33.45
N PRO E 94 23.56 -21.69 -34.70
CA PRO E 94 24.85 -21.58 -35.40
C PRO E 94 25.17 -20.17 -35.87
N LEU E 95 25.79 -19.40 -34.99
CA LEU E 95 26.20 -18.04 -35.33
C LEU E 95 27.35 -18.07 -36.33
N PRO E 96 27.49 -17.03 -37.16
CA PRO E 96 28.56 -17.02 -38.16
C PRO E 96 29.92 -16.74 -37.54
N ASN E 97 30.94 -16.76 -38.38
CA ASN E 97 32.32 -16.53 -37.96
C ASN E 97 32.69 -15.10 -38.30
N LEU E 98 33.11 -14.35 -37.29
CA LEU E 98 33.50 -12.95 -37.48
C LEU E 98 34.98 -12.81 -37.76
N ASN E 99 35.80 -13.70 -37.21
CA ASN E 99 37.24 -13.60 -37.31
C ASN E 99 37.66 -14.24 -38.63
N GLU E 100 37.79 -13.42 -39.66
CA GLU E 100 38.30 -13.86 -40.95
C GLU E 100 39.59 -13.18 -41.36
N ASP E 101 40.22 -12.40 -40.49
CA ASP E 101 41.36 -11.60 -40.87
C ASP E 101 42.68 -12.27 -40.49
N LEU E 102 43.77 -11.54 -40.77
CA LEU E 102 45.13 -12.04 -40.70
C LEU E 102 45.70 -11.77 -39.31
N THR E 103 47.02 -11.65 -39.23
CA THR E 103 47.77 -11.37 -38.01
C THR E 103 47.14 -11.90 -36.72
N CYS E 104 47.67 -11.42 -35.60
CA CYS E 104 47.19 -11.79 -34.28
C CYS E 104 46.19 -10.72 -33.88
N GLY E 105 46.67 -9.49 -33.72
CA GLY E 105 45.80 -8.37 -33.38
C GLY E 105 44.90 -8.66 -32.19
N ASN E 106 43.61 -8.36 -32.37
CA ASN E 106 42.55 -8.73 -31.47
C ASN E 106 41.60 -9.68 -32.21
N LEU E 107 40.49 -10.03 -31.57
CA LEU E 107 39.49 -10.88 -32.19
C LEU E 107 38.13 -10.19 -32.09
N LEU E 108 37.09 -10.89 -32.55
CA LEU E 108 35.72 -10.44 -32.40
C LEU E 108 34.84 -11.64 -32.11
N MET E 109 33.97 -11.50 -31.11
CA MET E 109 33.07 -12.59 -30.71
C MET E 109 31.68 -12.03 -30.48
N TRP E 110 30.70 -12.92 -30.51
CA TRP E 110 29.34 -12.53 -30.17
C TRP E 110 29.20 -12.34 -28.67
N GLU E 111 28.12 -11.68 -28.27
CA GLU E 111 27.88 -11.40 -26.85
C GLU E 111 26.38 -11.38 -26.63
N ALA E 112 25.86 -12.33 -25.86
CA ALA E 112 24.46 -12.28 -25.51
C ALA E 112 24.22 -11.18 -24.49
N VAL E 113 23.86 -9.99 -24.96
CA VAL E 113 23.68 -8.86 -24.04
C VAL E 113 22.38 -9.01 -23.26
N THR E 114 21.28 -9.27 -23.95
CA THR E 114 19.97 -9.13 -23.37
C THR E 114 19.05 -10.23 -23.87
N VAL E 115 18.45 -10.97 -22.94
CA VAL E 115 17.50 -12.02 -23.27
C VAL E 115 16.12 -11.53 -22.85
N GLN E 116 15.09 -12.13 -23.46
CA GLN E 116 13.71 -11.83 -23.13
C GLN E 116 12.90 -13.10 -23.40
N THR E 117 12.56 -13.81 -22.33
CA THR E 117 11.91 -15.11 -22.45
C THR E 117 10.47 -15.05 -21.96
N GLU E 118 9.72 -16.10 -22.30
CA GLU E 118 8.28 -16.14 -22.13
C GLU E 118 7.79 -17.54 -22.43
N VAL E 119 6.81 -18.00 -21.66
CA VAL E 119 6.23 -19.32 -21.84
C VAL E 119 5.06 -19.23 -22.80
N ILE E 120 5.04 -20.07 -23.83
CA ILE E 120 3.96 -20.06 -24.81
C ILE E 120 2.90 -21.05 -24.36
N GLY E 121 1.66 -20.59 -24.33
CA GLY E 121 0.53 -21.48 -24.14
C GLY E 121 -0.01 -21.55 -22.74
N ILE E 122 0.03 -20.45 -21.98
CA ILE E 122 -0.36 -20.53 -20.58
C ILE E 122 -1.87 -20.59 -20.41
N THR E 123 -2.63 -20.09 -21.39
CA THR E 123 -4.08 -20.09 -21.31
C THR E 123 -4.68 -21.38 -21.82
N SER E 124 -3.85 -22.29 -22.33
CA SER E 124 -4.28 -23.64 -22.65
C SER E 124 -4.68 -24.43 -21.42
N MET E 125 -4.26 -23.99 -20.24
CA MET E 125 -4.58 -24.63 -18.97
C MET E 125 -6.01 -24.37 -18.53
N LEU E 126 -6.74 -23.49 -19.22
CA LEU E 126 -8.15 -23.23 -18.95
C LEU E 126 -9.07 -24.27 -19.59
N ASN E 127 -8.53 -25.23 -20.32
CA ASN E 127 -9.32 -26.31 -20.90
C ASN E 127 -9.74 -27.25 -19.78
N LEU E 128 -10.93 -27.03 -19.25
CA LEU E 128 -11.46 -27.84 -18.15
C LEU E 128 -12.52 -28.82 -18.61
N HIS E 129 -12.79 -28.89 -19.91
CA HIS E 129 -13.72 -29.86 -20.46
C HIS E 129 -13.03 -31.05 -21.10
N ALA E 130 -11.71 -31.16 -20.93
CA ALA E 130 -10.93 -32.30 -21.41
C ALA E 130 -11.03 -33.45 -20.42
N GLY E 131 -10.11 -34.41 -20.50
CA GLY E 131 -10.14 -35.57 -19.63
C GLY E 131 -9.72 -35.37 -18.20
N SER E 132 -9.77 -34.14 -17.70
CA SER E 132 -9.44 -33.85 -16.32
C SER E 132 -10.53 -34.38 -15.39
N GLN E 133 -10.16 -34.53 -14.12
CA GLN E 133 -11.08 -35.14 -13.15
C GLN E 133 -12.17 -34.14 -12.76
N LYS E 134 -13.37 -34.67 -12.57
CA LYS E 134 -14.47 -33.86 -12.06
C LYS E 134 -14.17 -33.42 -10.63
N VAL E 135 -14.31 -32.13 -10.36
CA VAL E 135 -13.78 -31.56 -9.12
C VAL E 135 -14.68 -31.87 -7.93
N HIS E 136 -16.00 -31.87 -8.11
CA HIS E 136 -16.94 -32.27 -7.06
C HIS E 136 -18.15 -32.90 -7.76
N GLU E 137 -19.30 -32.92 -7.07
CA GLU E 137 -20.43 -33.76 -7.46
C GLU E 137 -20.97 -33.42 -8.85
N HIS E 138 -20.97 -32.14 -9.23
CA HIS E 138 -21.36 -31.76 -10.58
C HIS E 138 -20.46 -30.68 -11.15
N GLY E 139 -19.22 -30.60 -10.67
CA GLY E 139 -18.34 -29.51 -11.01
C GLY E 139 -17.74 -29.64 -12.39
N GLY E 140 -16.82 -28.74 -12.68
CA GLY E 140 -16.11 -28.74 -13.95
C GLY E 140 -14.94 -29.71 -13.92
N GLY E 141 -13.78 -29.26 -14.38
CA GLY E 141 -12.59 -30.08 -14.42
C GLY E 141 -11.57 -29.59 -13.41
N LYS E 142 -10.78 -30.52 -12.88
CA LYS E 142 -9.71 -30.15 -11.98
C LYS E 142 -8.53 -29.64 -12.79
N PRO E 143 -8.11 -28.39 -12.62
CA PRO E 143 -7.08 -27.82 -13.48
C PRO E 143 -5.70 -28.34 -13.14
N ILE E 144 -4.73 -27.94 -13.97
CA ILE E 144 -3.35 -28.35 -13.78
C ILE E 144 -2.78 -27.59 -12.59
N GLN E 145 -2.36 -28.33 -11.57
CA GLN E 145 -1.75 -27.74 -10.39
C GLN E 145 -0.83 -28.78 -9.76
N GLY E 146 0.13 -28.30 -9.00
CA GLY E 146 1.11 -29.16 -8.39
C GLY E 146 2.49 -28.59 -8.55
N SER E 147 3.48 -29.46 -8.37
CA SER E 147 4.88 -29.04 -8.41
C SER E 147 5.26 -28.57 -9.80
N ASN E 148 5.81 -27.37 -9.89
CA ASN E 148 6.21 -26.79 -11.15
C ASN E 148 7.65 -26.32 -11.08
N PHE E 149 8.28 -26.20 -12.25
CA PHE E 149 9.69 -25.84 -12.33
C PHE E 149 9.94 -25.16 -13.66
N HIS E 150 10.35 -23.89 -13.62
CA HIS E 150 10.57 -23.11 -14.83
C HIS E 150 12.02 -22.64 -14.84
N PHE E 151 12.72 -22.96 -15.92
CA PHE E 151 14.16 -22.80 -16.01
C PHE E 151 14.53 -22.34 -17.41
N PHE E 152 15.52 -21.47 -17.52
CA PHE E 152 16.15 -21.20 -18.80
C PHE E 152 17.58 -20.75 -18.56
N ALA E 153 18.42 -20.96 -19.58
CA ALA E 153 19.82 -20.60 -19.49
C ALA E 153 20.30 -20.21 -20.88
N VAL E 154 21.09 -19.14 -20.95
CA VAL E 154 21.63 -18.63 -22.20
C VAL E 154 23.12 -18.46 -22.02
N GLY E 155 23.90 -19.09 -22.89
CA GLY E 155 25.34 -18.95 -22.78
C GLY E 155 26.07 -19.27 -24.06
N GLY E 156 27.37 -19.07 -24.01
CA GLY E 156 28.28 -19.42 -25.09
C GLY E 156 28.89 -20.79 -24.96
N ASP E 157 28.50 -21.54 -23.95
CA ASP E 157 28.93 -22.90 -23.68
C ASP E 157 27.71 -23.73 -23.36
N PRO E 158 27.79 -25.05 -23.47
CA PRO E 158 26.69 -25.90 -23.00
C PRO E 158 26.49 -25.77 -21.50
N LEU E 159 25.29 -26.07 -21.05
CA LEU E 159 24.94 -25.90 -19.65
C LEU E 159 25.66 -26.96 -18.84
N GLU E 160 26.75 -26.56 -18.20
CA GLU E 160 27.52 -27.46 -17.38
C GLU E 160 26.76 -27.68 -16.08
N MET E 161 26.42 -28.92 -15.79
CA MET E 161 25.50 -29.18 -14.70
C MET E 161 26.03 -30.18 -13.66
N GLN E 162 25.15 -30.60 -12.75
CA GLN E 162 25.51 -31.31 -11.55
C GLN E 162 24.43 -32.32 -11.21
N GLY E 163 24.83 -33.55 -10.89
CA GLY E 163 23.87 -34.61 -10.60
C GLY E 163 23.59 -34.81 -9.13
N VAL E 164 22.45 -34.33 -8.66
CA VAL E 164 21.99 -34.54 -7.30
C VAL E 164 20.64 -35.23 -7.39
N LEU E 165 20.51 -36.39 -6.74
CA LEU E 165 19.28 -37.14 -6.86
C LEU E 165 19.01 -37.92 -5.58
N MET E 166 17.78 -37.85 -5.10
CA MET E 166 17.35 -38.74 -4.04
C MET E 166 17.15 -40.13 -4.62
N ASN E 167 17.24 -41.15 -3.74
CA ASN E 167 17.06 -42.56 -4.07
C ASN E 167 18.06 -43.01 -5.14
N TYR E 168 19.33 -43.09 -4.74
CA TYR E 168 20.40 -43.49 -5.66
C TYR E 168 20.26 -44.92 -6.18
N ARG E 169 19.41 -45.74 -5.59
CA ARG E 169 19.16 -47.09 -6.07
C ARG E 169 18.10 -47.17 -7.15
N THR E 170 17.63 -46.03 -7.67
CA THR E 170 16.72 -46.05 -8.79
C THR E 170 17.45 -46.45 -10.06
N LYS E 171 16.80 -47.29 -10.86
CA LYS E 171 17.36 -47.79 -12.11
C LYS E 171 16.66 -47.09 -13.26
N TYR E 172 17.38 -46.29 -13.96
CA TYR E 172 16.79 -45.52 -15.04
C TYR E 172 16.98 -46.25 -16.37
N PRO E 173 16.06 -46.05 -17.31
CA PRO E 173 16.19 -46.69 -18.61
C PRO E 173 17.34 -46.12 -19.42
N ASP E 174 17.77 -46.90 -20.40
CA ASP E 174 18.97 -46.61 -21.19
C ASP E 174 18.81 -45.42 -22.13
N GLY E 175 17.57 -44.94 -22.36
CA GLY E 175 17.39 -43.74 -23.14
C GLY E 175 17.88 -42.48 -22.47
N THR E 176 17.93 -42.47 -21.14
CA THR E 176 18.39 -41.32 -20.39
C THR E 176 19.90 -41.31 -20.29
N ILE E 177 20.44 -40.22 -19.75
CA ILE E 177 21.81 -40.16 -19.24
C ILE E 177 21.76 -39.47 -17.88
N THR E 178 21.77 -40.23 -16.88
CA THR E 178 21.78 -40.16 -15.43
C THR E 178 23.21 -40.35 -14.94
N PRO E 179 23.60 -39.76 -13.80
CA PRO E 179 25.02 -39.67 -13.49
C PRO E 179 25.62 -41.00 -13.06
N LYS E 180 26.89 -41.18 -13.41
CA LYS E 180 27.52 -42.50 -13.35
C LYS E 180 27.89 -42.87 -11.94
N ASN E 181 27.63 -44.14 -11.59
CA ASN E 181 27.93 -44.79 -10.32
C ASN E 181 27.36 -44.02 -9.14
N PRO E 182 26.05 -44.05 -8.91
CA PRO E 182 25.49 -43.34 -7.77
C PRO E 182 25.81 -44.04 -6.45
N THR E 183 26.22 -43.25 -5.48
CA THR E 183 26.50 -43.72 -4.14
C THR E 183 25.51 -43.07 -3.18
N ALA E 184 25.72 -43.28 -1.88
CA ALA E 184 24.91 -42.59 -0.88
C ALA E 184 25.18 -41.09 -0.88
N GLN E 185 26.35 -40.67 -1.34
CA GLN E 185 26.65 -39.26 -1.47
C GLN E 185 26.00 -38.63 -2.70
N SER E 186 25.34 -39.42 -3.55
CA SER E 186 24.57 -38.84 -4.65
C SER E 186 23.24 -38.26 -4.18
N GLN E 187 22.78 -38.65 -2.99
CA GLN E 187 21.62 -38.05 -2.36
C GLN E 187 21.92 -36.71 -1.71
N VAL E 188 23.18 -36.29 -1.78
CA VAL E 188 23.66 -35.03 -1.24
C VAL E 188 24.57 -34.52 -2.34
N MET E 189 25.30 -33.43 -2.13
CA MET E 189 26.30 -32.99 -3.09
C MET E 189 27.40 -34.03 -3.25
N ASN E 190 27.72 -34.36 -4.49
CA ASN E 190 28.84 -35.23 -4.84
C ASN E 190 29.52 -34.64 -6.05
N THR E 191 30.82 -34.38 -5.94
CA THR E 191 31.55 -33.69 -7.00
C THR E 191 31.78 -34.58 -8.21
N ASP E 192 31.66 -35.90 -8.04
CA ASP E 192 31.91 -36.84 -9.12
C ASP E 192 30.71 -37.05 -10.03
N HIS E 193 29.72 -36.16 -10.03
CA HIS E 193 28.57 -36.27 -10.93
C HIS E 193 28.45 -35.03 -11.81
N LYS E 194 29.56 -34.61 -12.39
CA LYS E 194 29.55 -33.50 -13.34
C LYS E 194 29.17 -34.00 -14.72
N ALA E 195 28.55 -33.11 -15.51
CA ALA E 195 28.24 -33.39 -16.90
C ALA E 195 28.08 -32.06 -17.63
N TYR E 196 27.83 -32.14 -18.93
CA TYR E 196 27.34 -31.01 -19.70
C TYR E 196 25.92 -31.34 -20.14
N LEU E 197 25.26 -30.34 -20.72
CA LEU E 197 23.94 -30.53 -21.31
C LEU E 197 24.16 -30.58 -22.82
N ASP E 198 24.37 -31.78 -23.34
CA ASP E 198 24.75 -31.97 -24.74
C ASP E 198 23.82 -32.91 -25.49
N LYS E 199 22.59 -33.08 -25.02
CA LYS E 199 21.65 -33.99 -25.66
C LYS E 199 20.25 -33.60 -25.23
N ASN E 200 19.38 -33.36 -26.21
CA ASN E 200 17.98 -33.10 -25.89
C ASN E 200 17.30 -34.38 -25.46
N ASN E 201 16.34 -34.24 -24.54
CA ASN E 201 15.37 -35.28 -24.15
C ASN E 201 16.08 -36.50 -23.53
N ALA E 202 17.24 -36.29 -22.92
CA ALA E 202 17.95 -37.38 -22.28
C ALA E 202 18.20 -37.15 -20.80
N TYR E 203 18.73 -36.00 -20.44
CA TYR E 203 19.03 -35.66 -19.07
C TYR E 203 17.74 -35.36 -18.33
N PRO E 204 17.31 -36.18 -17.37
CA PRO E 204 16.05 -35.92 -16.68
C PRO E 204 16.19 -34.74 -15.72
N VAL E 205 15.07 -34.11 -15.42
CA VAL E 205 15.12 -32.97 -14.52
C VAL E 205 15.21 -33.40 -13.06
N GLU E 206 14.77 -34.62 -12.72
CA GLU E 206 14.80 -35.04 -11.33
C GLU E 206 16.17 -35.51 -10.88
N CYS E 207 17.17 -35.49 -11.76
CA CYS E 207 18.51 -35.96 -11.44
C CYS E 207 19.57 -34.92 -11.70
N TRP E 208 19.23 -33.75 -12.23
CA TRP E 208 20.25 -32.81 -12.68
C TRP E 208 19.85 -31.40 -12.33
N VAL E 209 20.73 -30.71 -11.61
CA VAL E 209 20.61 -29.27 -11.39
C VAL E 209 21.78 -28.62 -12.10
N PRO E 210 21.67 -27.36 -12.53
CA PRO E 210 22.84 -26.70 -13.11
C PRO E 210 23.92 -26.47 -12.08
N ASP E 211 25.16 -26.50 -12.55
CA ASP E 211 26.32 -26.45 -11.65
C ASP E 211 26.60 -25.00 -11.29
N PRO E 212 26.54 -24.62 -10.01
CA PRO E 212 26.81 -23.23 -9.65
C PRO E 212 28.28 -22.88 -9.64
N SER E 213 29.18 -23.86 -9.78
CA SER E 213 30.61 -23.59 -9.75
C SER E 213 31.24 -23.53 -11.13
N ARG E 214 30.57 -24.02 -12.18
CA ARG E 214 31.22 -24.15 -13.48
C ARG E 214 30.50 -23.44 -14.61
N ASN E 215 29.46 -22.66 -14.33
CA ASN E 215 28.77 -21.95 -15.40
C ASN E 215 29.30 -20.53 -15.50
N GLU E 216 30.57 -20.44 -15.92
CA GLU E 216 31.19 -19.13 -16.08
C GLU E 216 30.71 -18.39 -17.32
N ASN E 217 30.20 -19.10 -18.31
CA ASN E 217 29.82 -18.47 -19.57
C ASN E 217 28.32 -18.58 -19.86
N THR E 218 27.55 -19.23 -19.00
CA THR E 218 26.10 -19.23 -19.15
C THR E 218 25.49 -18.46 -18.00
N ARG E 219 24.20 -18.12 -18.16
CA ARG E 219 23.44 -17.33 -17.21
C ARG E 219 22.11 -18.06 -17.02
N TYR E 220 22.02 -18.91 -16.02
CA TYR E 220 20.80 -19.69 -15.81
C TYR E 220 19.90 -19.00 -14.80
N PHE E 221 18.59 -19.02 -15.09
CA PHE E 221 17.58 -18.28 -14.33
C PHE E 221 16.43 -19.25 -14.05
N GLY E 222 16.55 -20.02 -12.98
CA GLY E 222 15.51 -21.00 -12.71
C GLY E 222 14.74 -20.74 -11.43
N THR E 223 13.55 -21.32 -11.32
CA THR E 223 12.77 -21.22 -10.11
C THR E 223 11.94 -22.50 -9.96
N PHE E 224 11.62 -22.83 -8.71
CA PHE E 224 10.98 -24.08 -8.37
C PHE E 224 9.96 -23.82 -7.28
N THR E 225 8.77 -24.41 -7.39
CA THR E 225 7.75 -24.31 -6.36
C THR E 225 7.10 -25.68 -6.23
N GLY E 226 7.67 -26.54 -5.40
CA GLY E 226 7.09 -27.84 -5.19
C GLY E 226 5.88 -27.78 -4.29
N GLY E 227 5.03 -28.77 -4.40
CA GLY E 227 3.84 -28.79 -3.58
C GLY E 227 2.76 -29.64 -4.20
N GLU E 228 1.81 -30.02 -3.34
CA GLU E 228 0.75 -30.95 -3.73
C GLU E 228 -0.26 -30.29 -4.67
N ASN E 229 -0.83 -29.18 -4.24
CA ASN E 229 -1.88 -28.48 -4.98
C ASN E 229 -1.65 -26.98 -5.00
N VAL E 230 -0.44 -26.57 -5.39
CA VAL E 230 -0.06 -25.17 -5.39
C VAL E 230 -0.42 -24.55 -6.74
N PRO E 231 -0.68 -23.24 -6.82
CA PRO E 231 -1.06 -22.65 -8.08
C PRO E 231 0.14 -22.38 -8.97
N PRO E 232 0.04 -22.69 -10.27
CA PRO E 232 1.01 -22.18 -11.24
C PRO E 232 0.69 -20.76 -11.68
N VAL E 233 1.50 -19.81 -11.23
CA VAL E 233 1.29 -18.39 -11.51
C VAL E 233 2.24 -17.99 -12.63
N LEU E 234 1.68 -17.58 -13.76
CA LEU E 234 2.45 -17.30 -14.97
C LEU E 234 2.12 -15.91 -15.48
N HIS E 235 3.14 -15.21 -15.96
CA HIS E 235 2.99 -13.90 -16.56
C HIS E 235 3.27 -13.99 -18.06
N VAL E 236 2.71 -13.03 -18.80
CA VAL E 236 2.84 -12.98 -20.25
C VAL E 236 2.92 -11.51 -20.67
N THR E 237 4.10 -11.07 -21.11
CA THR E 237 4.39 -9.64 -21.23
C THR E 237 5.57 -9.45 -22.17
N ASN E 238 5.44 -8.53 -23.14
CA ASN E 238 6.52 -8.26 -24.08
C ASN E 238 7.32 -7.00 -23.74
N THR E 239 7.26 -6.53 -22.50
CA THR E 239 8.08 -5.39 -22.09
C THR E 239 9.11 -5.76 -21.04
N ALA E 240 8.94 -6.87 -20.35
CA ALA E 240 9.89 -7.27 -19.32
C ALA E 240 11.14 -7.84 -19.99
N THR E 241 12.29 -7.33 -19.59
CA THR E 241 13.56 -7.71 -20.18
C THR E 241 14.47 -8.32 -19.11
N THR E 242 15.64 -8.80 -19.55
CA THR E 242 16.60 -9.41 -18.63
C THR E 242 18.00 -9.13 -19.17
N VAL E 243 18.81 -8.44 -18.37
CA VAL E 243 20.18 -8.14 -18.77
C VAL E 243 21.09 -9.29 -18.40
N LEU E 244 21.89 -9.75 -19.36
CA LEU E 244 22.77 -10.89 -19.16
C LEU E 244 24.20 -10.49 -18.86
N LEU E 245 24.46 -9.22 -18.61
CA LEU E 245 25.81 -8.77 -18.33
C LEU E 245 26.23 -9.19 -16.93
N ASP E 246 27.51 -9.02 -16.63
CA ASP E 246 28.08 -9.38 -15.34
C ASP E 246 28.66 -8.15 -14.66
N GLU E 247 29.42 -8.39 -13.58
CA GLU E 247 30.00 -7.32 -12.79
C GLU E 247 31.06 -6.52 -13.55
N GLN E 248 31.60 -7.06 -14.65
CA GLN E 248 32.55 -6.35 -15.47
C GLN E 248 31.93 -5.79 -16.74
N GLY E 249 30.67 -6.12 -17.03
CA GLY E 249 30.00 -5.58 -18.18
C GLY E 249 30.10 -6.39 -19.45
N VAL E 250 30.36 -7.69 -19.35
CA VAL E 250 30.40 -8.56 -20.51
C VAL E 250 29.30 -9.61 -20.37
N GLY E 251 28.77 -10.04 -21.50
CA GLY E 251 27.75 -11.06 -21.51
C GLY E 251 28.36 -12.41 -21.79
N PRO E 252 27.52 -13.41 -22.05
CA PRO E 252 28.02 -14.68 -22.53
C PRO E 252 28.67 -14.59 -23.90
N LEU E 253 29.99 -14.77 -23.96
CA LEU E 253 30.70 -14.76 -25.21
C LEU E 253 30.57 -16.10 -25.91
N CYS E 254 30.34 -16.07 -27.22
CA CYS E 254 30.22 -17.27 -28.02
C CYS E 254 31.59 -17.59 -28.61
N LYS E 255 32.29 -18.56 -28.01
CA LYS E 255 33.68 -18.82 -28.37
C LYS E 255 33.77 -19.63 -29.65
N ALA E 256 33.32 -20.88 -29.59
CA ALA E 256 32.88 -21.54 -30.79
C ALA E 256 31.58 -20.89 -31.20
N ASP E 257 31.46 -20.53 -32.47
CA ASP E 257 30.49 -19.54 -32.92
C ASP E 257 29.09 -20.17 -32.87
N SER E 258 28.54 -20.21 -31.65
CA SER E 258 27.27 -20.85 -31.37
C SER E 258 26.73 -20.29 -30.07
N LEU E 259 25.42 -20.08 -30.02
CA LEU E 259 24.73 -19.58 -28.85
C LEU E 259 23.90 -20.72 -28.28
N TYR E 260 24.31 -21.23 -27.12
CA TYR E 260 23.65 -22.37 -26.52
C TYR E 260 22.47 -21.89 -25.68
N VAL E 261 21.28 -22.34 -26.03
CA VAL E 261 20.04 -21.92 -25.41
C VAL E 261 19.36 -23.16 -24.86
N SER E 262 19.08 -23.16 -23.56
CA SER E 262 18.53 -24.33 -22.90
C SER E 262 17.45 -23.89 -21.93
N ALA E 263 16.52 -24.80 -21.67
CA ALA E 263 15.35 -24.48 -20.86
C ALA E 263 14.73 -25.77 -20.34
N ALA E 264 13.84 -25.61 -19.36
CA ALA E 264 13.08 -26.73 -18.80
C ALA E 264 11.83 -26.17 -18.16
N ASP E 265 10.68 -26.40 -18.78
CA ASP E 265 9.40 -25.97 -18.24
C ASP E 265 8.60 -27.19 -17.80
N ILE E 266 8.23 -27.22 -16.53
CA ILE E 266 7.27 -28.16 -15.99
C ILE E 266 6.20 -27.33 -15.31
N CYS E 267 4.94 -27.49 -15.72
CA CYS E 267 3.90 -26.61 -15.24
C CYS E 267 3.02 -27.22 -14.15
N GLY E 268 2.87 -28.54 -14.12
CA GLY E 268 2.12 -29.15 -13.06
C GLY E 268 1.64 -30.54 -13.46
N LEU E 269 0.72 -31.05 -12.66
CA LEU E 269 0.20 -32.41 -12.79
C LEU E 269 -1.20 -32.36 -13.37
N PHE E 270 -1.34 -32.82 -14.60
CA PHE E 270 -2.66 -33.00 -15.19
C PHE E 270 -3.25 -34.27 -14.61
N THR E 271 -4.28 -34.13 -13.79
CA THR E 271 -4.97 -35.27 -13.21
C THR E 271 -6.02 -35.77 -14.19
N ASN E 272 -5.94 -37.04 -14.56
CA ASN E 272 -6.88 -37.62 -15.50
C ASN E 272 -8.22 -37.90 -14.82
N SER E 273 -9.17 -38.42 -15.59
CA SER E 273 -10.49 -38.70 -15.05
C SER E 273 -10.47 -39.90 -14.10
N SER E 274 -9.51 -40.81 -14.28
CA SER E 274 -9.36 -41.94 -13.39
C SER E 274 -8.57 -41.61 -12.14
N GLY E 275 -7.98 -40.43 -12.07
CA GLY E 275 -7.09 -40.07 -10.99
C GLY E 275 -5.63 -40.24 -11.28
N THR E 276 -5.27 -40.63 -12.50
CA THR E 276 -3.88 -40.93 -12.85
C THR E 276 -3.20 -39.64 -13.27
N GLN E 277 -2.38 -39.08 -12.38
CA GLN E 277 -1.70 -37.82 -12.64
C GLN E 277 -0.56 -38.01 -13.64
N GLN E 278 -0.30 -36.95 -14.39
CA GLN E 278 0.77 -36.93 -15.38
C GLN E 278 1.12 -35.48 -15.66
N TRP E 279 2.38 -35.26 -16.03
CA TRP E 279 2.92 -33.93 -16.13
C TRP E 279 2.42 -33.22 -17.38
N ARG E 280 2.64 -31.90 -17.42
CA ARG E 280 2.63 -31.17 -18.68
C ARG E 280 3.59 -29.99 -18.58
N GLY E 281 4.50 -29.88 -19.55
CA GLY E 281 5.28 -28.68 -19.75
C GLY E 281 4.81 -27.91 -20.98
N LEU E 282 5.35 -26.71 -21.12
CA LEU E 282 5.02 -25.82 -22.23
C LEU E 282 6.30 -25.34 -22.88
N ALA E 283 6.17 -24.67 -24.01
CA ALA E 283 7.33 -24.18 -24.71
C ALA E 283 7.88 -22.93 -24.04
N ARG E 284 9.01 -22.46 -24.54
CA ARG E 284 9.70 -21.32 -23.95
C ARG E 284 10.27 -20.46 -25.07
N TYR E 285 9.82 -19.22 -25.14
CA TYR E 285 10.29 -18.29 -26.15
C TYR E 285 11.65 -17.72 -25.75
N PHE E 286 12.46 -17.37 -26.73
CA PHE E 286 13.74 -16.73 -26.48
C PHE E 286 13.90 -15.57 -27.44
N LYS E 287 14.56 -14.51 -26.96
CA LYS E 287 14.78 -13.32 -27.78
C LYS E 287 16.08 -12.70 -27.30
N ILE E 288 17.19 -13.06 -27.95
CA ILE E 288 18.52 -12.71 -27.48
C ILE E 288 19.06 -11.58 -28.34
N ARG E 289 19.51 -10.51 -27.69
CA ARG E 289 20.24 -9.46 -28.36
C ARG E 289 21.72 -9.78 -28.37
N LEU E 290 22.34 -9.69 -29.54
CA LEU E 290 23.74 -10.06 -29.72
C LEU E 290 24.49 -8.88 -30.31
N ARG E 291 25.68 -8.63 -29.81
CA ARG E 291 26.58 -7.65 -30.42
C ARG E 291 27.95 -8.29 -30.62
N LYS E 292 28.92 -7.46 -30.98
CA LYS E 292 30.25 -7.92 -31.34
C LYS E 292 31.27 -7.35 -30.37
N ARG E 293 31.89 -8.22 -29.56
CA ARG E 293 32.90 -7.79 -28.61
C ARG E 293 34.30 -8.03 -29.15
N SER E 294 35.16 -7.03 -29.02
CA SER E 294 36.57 -7.17 -29.33
C SER E 294 37.25 -7.84 -28.15
N VAL E 295 37.69 -9.08 -28.33
CA VAL E 295 38.36 -9.84 -27.28
C VAL E 295 39.78 -10.12 -27.72
N LYS E 296 40.58 -10.64 -26.79
CA LYS E 296 41.96 -11.04 -27.05
C LYS E 296 42.06 -12.55 -26.96
N ASN E 297 42.77 -13.16 -27.89
CA ASN E 297 43.22 -14.53 -27.74
C ASN E 297 44.22 -14.62 -26.60
N PRO E 298 43.92 -15.35 -25.53
CA PRO E 298 44.83 -15.37 -24.37
C PRO E 298 45.92 -16.43 -24.46
N TYR E 299 45.75 -17.44 -25.30
CA TYR E 299 46.51 -18.65 -25.56
C TYR E 299 47.70 -18.34 -26.46
N PRO E 300 48.85 -18.93 -26.21
CA PRO E 300 49.96 -18.82 -27.15
C PRO E 300 49.73 -19.70 -28.37
N ILE E 301 50.24 -19.22 -29.50
CA ILE E 301 50.04 -19.92 -30.77
C ILE E 301 50.84 -21.21 -30.83
N SER E 302 51.86 -21.37 -29.99
CA SER E 302 52.57 -22.64 -29.91
C SER E 302 51.71 -23.71 -29.24
N PHE E 303 50.77 -23.31 -28.39
CA PHE E 303 49.88 -24.25 -27.72
C PHE E 303 48.67 -24.61 -28.55
N LEU E 304 48.18 -23.68 -29.36
CA LEU E 304 46.98 -23.93 -30.16
C LEU E 304 47.28 -24.92 -31.28
N LEU E 305 48.38 -24.72 -31.99
CA LEU E 305 48.71 -25.58 -33.12
C LEU E 305 49.15 -26.96 -32.65
N SER E 306 49.97 -27.02 -31.61
CA SER E 306 50.49 -28.30 -31.12
C SER E 306 49.49 -29.09 -30.31
N ASP E 307 48.27 -28.58 -30.12
CA ASP E 307 47.22 -29.36 -29.50
C ASP E 307 46.08 -29.71 -30.44
N LEU E 308 45.82 -28.87 -31.44
CA LEU E 308 44.82 -29.20 -32.45
C LEU E 308 45.28 -30.36 -33.33
N ILE E 309 46.59 -30.43 -33.61
CA ILE E 309 47.15 -31.60 -34.28
C ILE E 309 47.03 -32.82 -33.39
N ASN E 310 47.14 -32.64 -32.07
CA ASN E 310 46.99 -33.74 -31.14
C ASN E 310 45.53 -34.21 -31.05
N ARG E 311 44.57 -33.28 -31.18
CA ARG E 311 43.16 -33.67 -31.13
C ARG E 311 42.72 -34.35 -32.41
N ARG E 312 43.20 -33.90 -33.57
CA ARG E 312 42.83 -34.52 -34.83
C ARG E 312 43.45 -35.91 -35.00
N THR E 313 44.75 -36.02 -34.78
CA THR E 313 45.43 -37.31 -34.89
C THR E 313 45.05 -38.22 -33.75
N GLN E 314 44.62 -39.44 -34.08
CA GLN E 314 44.32 -40.44 -33.09
C GLN E 314 45.58 -40.87 -32.36
N ARG E 315 45.43 -41.17 -31.07
CA ARG E 315 46.58 -41.35 -30.19
C ARG E 315 47.21 -42.72 -30.39
N VAL E 316 48.55 -42.74 -30.40
CA VAL E 316 49.31 -43.96 -30.60
C VAL E 316 49.48 -44.66 -29.25
N ASP E 317 49.05 -45.92 -29.19
CA ASP E 317 49.21 -46.75 -28.00
C ASP E 317 50.44 -47.64 -28.23
N GLY E 318 51.61 -47.03 -28.12
CA GLY E 318 52.86 -47.70 -28.38
C GLY E 318 53.51 -48.26 -27.13
N GLN E 319 54.81 -48.53 -27.24
CA GLN E 319 55.56 -49.00 -26.11
C GLN E 319 55.82 -47.85 -25.14
N PRO E 320 55.87 -48.12 -23.83
CA PRO E 320 55.97 -47.04 -22.85
C PRO E 320 57.30 -46.30 -22.83
N MET E 321 57.29 -45.05 -23.28
CA MET E 321 58.44 -44.17 -23.22
C MET E 321 58.42 -43.26 -21.99
N TYR E 322 57.62 -43.59 -20.99
CA TYR E 322 57.40 -42.71 -19.85
C TYR E 322 57.06 -43.53 -18.63
N GLY E 323 57.46 -43.02 -17.46
CA GLY E 323 57.04 -43.61 -16.20
C GLY E 323 58.02 -44.61 -15.62
N MET E 324 57.49 -45.56 -14.85
CA MET E 324 58.35 -46.55 -14.20
C MET E 324 58.85 -47.57 -15.20
N GLU E 325 57.98 -48.02 -16.11
CA GLU E 325 58.34 -48.99 -17.13
C GLU E 325 58.88 -48.34 -18.40
N SER E 326 59.44 -47.13 -18.29
CA SER E 326 59.90 -46.38 -19.44
C SER E 326 61.08 -47.05 -20.13
N GLN E 327 61.13 -46.91 -21.45
CA GLN E 327 62.19 -47.50 -22.24
C GLN E 327 63.14 -46.46 -22.81
N VAL E 328 62.91 -45.18 -22.53
CA VAL E 328 63.91 -44.16 -22.84
C VAL E 328 65.06 -44.32 -21.86
N GLU E 329 66.24 -44.62 -22.37
CA GLU E 329 67.37 -45.00 -21.54
C GLU E 329 68.18 -43.82 -21.04
N GLU E 330 68.41 -42.83 -21.90
CA GLU E 330 69.41 -41.82 -21.59
C GLU E 330 69.15 -40.59 -22.44
N VAL E 331 69.07 -39.42 -21.81
CA VAL E 331 68.84 -38.17 -22.50
C VAL E 331 69.95 -37.20 -22.09
N ARG E 332 70.60 -36.60 -23.09
CA ARG E 332 71.59 -35.57 -22.84
C ARG E 332 71.13 -34.26 -23.46
N VAL E 333 71.50 -33.15 -22.82
CA VAL E 333 71.19 -31.81 -23.30
C VAL E 333 72.47 -31.01 -23.29
N PHE E 334 72.82 -30.38 -24.41
CA PHE E 334 74.01 -29.55 -24.49
C PHE E 334 73.86 -28.42 -25.49
N ASP E 335 74.21 -27.20 -25.09
CA ASP E 335 74.19 -26.08 -26.02
C ASP E 335 75.54 -25.38 -26.20
N GLY E 336 76.20 -25.05 -25.10
CA GLY E 336 77.33 -24.15 -25.14
C GLY E 336 78.58 -24.83 -25.61
N THR E 337 79.68 -24.08 -25.60
CA THR E 337 80.98 -24.60 -26.01
C THR E 337 81.95 -24.45 -24.84
N GLU E 338 82.18 -25.55 -24.12
CA GLU E 338 83.28 -25.65 -23.19
C GLU E 338 84.44 -26.34 -23.89
N ARG E 339 85.64 -26.13 -23.36
CA ARG E 339 86.75 -26.87 -23.94
C ARG E 339 86.81 -28.25 -23.30
N LEU E 340 87.55 -29.14 -23.95
CA LEU E 340 87.37 -30.59 -23.87
C LEU E 340 87.56 -31.17 -22.48
N PRO E 341 86.54 -31.79 -21.89
CA PRO E 341 86.73 -32.47 -20.61
C PRO E 341 87.56 -33.72 -20.76
N GLY E 342 88.14 -34.17 -19.64
CA GLY E 342 88.95 -35.36 -19.66
C GLY E 342 88.19 -36.61 -19.27
N ASP E 343 86.86 -36.56 -19.38
CA ASP E 343 86.05 -37.69 -18.93
C ASP E 343 84.80 -37.77 -19.80
N PRO E 344 84.71 -38.76 -20.70
CA PRO E 344 83.46 -38.94 -21.45
C PRO E 344 82.34 -39.54 -20.61
N ASP E 345 82.64 -40.18 -19.48
CA ASP E 345 81.62 -40.73 -18.59
C ASP E 345 81.24 -39.76 -17.48
N MET E 346 81.38 -38.47 -17.73
CA MET E 346 80.94 -37.44 -16.80
C MET E 346 79.42 -37.40 -16.72
N ILE E 347 78.91 -36.98 -15.58
CA ILE E 347 77.47 -36.82 -15.37
C ILE E 347 77.23 -35.40 -14.90
N ARG E 348 76.53 -34.62 -15.72
CA ARG E 348 76.08 -33.30 -15.33
C ARG E 348 74.63 -33.36 -14.87
N TYR E 349 74.30 -32.49 -13.92
CA TYR E 349 72.92 -32.30 -13.50
C TYR E 349 72.78 -30.89 -12.96
N ILE E 350 71.57 -30.58 -12.50
CA ILE E 350 71.27 -29.27 -11.91
C ILE E 350 70.69 -29.52 -10.53
N ASP E 351 71.34 -28.96 -9.51
CA ASP E 351 70.90 -29.19 -8.13
C ASP E 351 69.66 -28.36 -7.79
N LYS E 352 69.79 -27.05 -7.79
CA LYS E 352 68.72 -26.09 -7.63
C LYS E 352 68.75 -24.99 -8.69
N GLN E 353 69.94 -24.49 -9.04
CA GLN E 353 70.08 -23.48 -10.09
C GLN E 353 71.28 -23.67 -11.00
N GLY E 354 72.33 -24.37 -10.58
CA GLY E 354 73.57 -24.41 -11.32
C GLY E 354 73.96 -25.83 -11.67
N GLN E 355 75.00 -25.94 -12.49
CA GLN E 355 75.51 -27.23 -12.94
C GLN E 355 76.42 -27.81 -11.85
N LEU E 356 75.98 -28.87 -11.21
CA LEU E 356 76.86 -29.66 -10.36
C LEU E 356 77.27 -30.89 -11.15
N GLN E 357 78.58 -31.11 -11.25
CA GLN E 357 79.10 -32.24 -12.00
C GLN E 357 79.60 -33.31 -11.06
N THR E 358 79.09 -34.53 -11.23
CA THR E 358 79.44 -35.66 -10.39
C THR E 358 79.96 -36.78 -11.26
N LYS E 359 81.09 -37.35 -10.85
CA LYS E 359 81.64 -38.52 -11.51
C LYS E 359 80.70 -39.71 -11.37
N MET E 360 80.62 -40.52 -12.42
CA MET E 360 79.79 -41.72 -12.43
C MET E 360 80.28 -42.76 -11.41
N LYS F 15 -24.10 98.92 18.82
CA LYS F 15 -23.30 98.01 18.00
C LYS F 15 -24.19 96.98 17.33
N LYS F 16 -23.58 96.14 16.49
CA LYS F 16 -24.35 95.18 15.72
C LYS F 16 -24.14 93.76 16.25
N PRO F 17 -25.10 92.86 16.05
CA PRO F 17 -24.87 91.46 16.42
C PRO F 17 -23.94 90.76 15.45
N LYS F 18 -23.70 89.48 15.73
CA LYS F 18 -22.78 88.67 14.95
C LYS F 18 -23.52 87.75 13.99
N GLU F 19 -22.76 87.16 13.07
CA GLU F 19 -23.31 86.23 12.11
C GLU F 19 -23.77 84.97 12.85
N PRO F 20 -24.92 84.41 12.49
CA PRO F 20 -25.49 83.31 13.28
C PRO F 20 -24.68 82.03 13.21
N VAL F 21 -24.98 81.13 14.15
CA VAL F 21 -24.19 79.92 14.34
C VAL F 21 -24.53 78.92 13.24
N GLN F 22 -23.50 78.27 12.71
CA GLN F 22 -23.70 77.23 11.71
C GLN F 22 -24.36 76.00 12.34
N VAL F 23 -25.58 75.69 11.92
CA VAL F 23 -26.32 74.53 12.38
C VAL F 23 -26.41 73.56 11.20
N PRO F 24 -26.70 72.27 11.39
CA PRO F 24 -26.81 71.36 10.24
C PRO F 24 -28.02 71.65 9.37
N LYS F 25 -27.80 71.60 8.06
CA LYS F 25 -28.77 72.05 7.08
C LYS F 25 -29.78 70.95 6.80
N LEU F 26 -31.03 71.18 7.20
CA LEU F 26 -32.09 70.20 6.93
C LEU F 26 -32.36 70.11 5.44
N LEU F 27 -32.47 68.89 4.94
CA LEU F 27 -32.68 68.63 3.53
C LEU F 27 -34.10 68.17 3.23
N ILE F 28 -34.62 67.22 4.01
CA ILE F 28 -36.02 66.78 3.85
C ILE F 28 -36.49 66.21 5.18
N LYS F 29 -37.73 66.54 5.55
CA LYS F 29 -38.45 65.93 6.65
C LYS F 29 -39.67 65.21 6.10
N GLY F 30 -39.93 64.01 6.60
CA GLY F 30 -41.13 63.32 6.18
C GLY F 30 -41.31 61.95 6.79
N GLY F 31 -41.67 60.97 5.97
CA GLY F 31 -41.93 59.63 6.47
C GLY F 31 -40.85 58.63 6.13
N VAL F 32 -41.23 57.37 5.92
CA VAL F 32 -40.24 56.33 5.66
C VAL F 32 -39.68 56.41 4.23
N GLU F 33 -40.43 56.95 3.28
CA GLU F 33 -39.94 57.07 1.91
C GLU F 33 -39.00 58.25 1.70
N VAL F 34 -38.65 58.94 2.79
CA VAL F 34 -37.69 60.03 2.78
C VAL F 34 -36.26 59.54 2.93
N LEU F 35 -36.07 58.32 3.46
CA LEU F 35 -34.73 57.80 3.74
C LEU F 35 -33.89 57.59 2.48
N GLU F 36 -34.54 57.42 1.33
CA GLU F 36 -33.87 57.03 0.09
C GLU F 36 -33.36 58.22 -0.71
N VAL F 37 -33.12 59.36 -0.08
CA VAL F 37 -32.52 60.49 -0.79
C VAL F 37 -31.05 60.19 -1.05
N LYS F 38 -30.63 60.35 -2.30
CA LYS F 38 -29.20 60.28 -2.62
C LYS F 38 -28.52 61.51 -2.03
N THR F 39 -27.79 61.30 -0.93
CA THR F 39 -27.08 62.37 -0.24
C THR F 39 -25.57 62.21 -0.44
N GLY F 40 -24.81 63.02 0.28
CA GLY F 40 -23.37 62.91 0.31
C GLY F 40 -22.91 61.91 1.35
N VAL F 41 -21.60 61.98 1.63
CA VAL F 41 -20.99 61.02 2.55
C VAL F 41 -21.24 61.44 4.00
N ASP F 42 -21.19 62.73 4.29
CA ASP F 42 -21.33 63.23 5.65
C ASP F 42 -22.77 63.51 6.04
N ALA F 43 -23.73 62.82 5.45
CA ALA F 43 -25.12 62.99 5.82
C ALA F 43 -25.44 62.20 7.07
N ILE F 44 -26.33 62.74 7.90
CA ILE F 44 -26.80 62.08 9.11
C ILE F 44 -28.32 62.15 9.13
N THR F 45 -28.95 61.01 9.40
CA THR F 45 -30.40 60.91 9.41
C THR F 45 -30.88 60.55 10.81
N GLU F 46 -32.10 60.97 11.13
CA GLU F 46 -32.69 60.73 12.45
C GLU F 46 -34.04 60.08 12.26
N VAL F 47 -34.12 58.79 12.51
CA VAL F 47 -35.34 58.03 12.32
C VAL F 47 -36.11 57.98 13.63
N GLU F 48 -37.40 58.28 13.59
CA GLU F 48 -38.24 58.32 14.78
C GLU F 48 -39.37 57.32 14.61
N CYS F 49 -39.57 56.45 15.59
CA CYS F 49 -40.55 55.39 15.47
C CYS F 49 -41.03 54.98 16.85
N PHE F 50 -41.99 54.05 16.88
CA PHE F 50 -42.52 53.53 18.13
C PHE F 50 -42.80 52.04 17.98
N LEU F 51 -43.07 51.39 19.11
CA LEU F 51 -43.43 49.99 19.15
C LEU F 51 -44.58 49.79 20.11
N ASN F 52 -45.65 49.20 19.63
CA ASN F 52 -46.76 48.88 20.51
C ASN F 52 -46.41 47.66 21.36
N PRO F 53 -46.78 47.66 22.63
CA PRO F 53 -46.56 46.47 23.46
C PRO F 53 -47.57 45.38 23.12
N GLU F 54 -47.07 44.17 23.00
CA GLU F 54 -47.93 43.02 22.72
C GLU F 54 -48.15 42.28 24.03
N MET F 55 -49.08 42.80 24.83
CA MET F 55 -49.38 42.27 26.15
C MET F 55 -50.35 41.11 26.12
N GLY F 56 -50.72 40.61 24.95
CA GLY F 56 -51.62 39.49 24.86
C GLY F 56 -52.91 39.83 24.17
N ASP F 57 -53.49 41.00 24.52
CA ASP F 57 -54.67 41.61 23.92
C ASP F 57 -55.87 40.68 23.87
N PRO F 58 -56.54 40.43 25.00
CA PRO F 58 -57.58 39.39 25.04
C PRO F 58 -58.82 39.70 24.23
N ASP F 59 -59.07 40.95 23.89
CA ASP F 59 -60.19 41.32 23.05
C ASP F 59 -59.72 42.25 21.94
N GLU F 60 -60.61 42.46 20.97
CA GLU F 60 -60.48 43.57 20.05
C GLU F 60 -60.94 44.87 20.68
N ASN F 61 -61.55 44.78 21.85
CA ASN F 61 -62.15 45.89 22.56
C ASN F 61 -61.26 46.40 23.68
N LEU F 62 -60.22 45.65 24.03
CA LEU F 62 -59.42 45.88 25.23
C LEU F 62 -57.94 45.71 24.88
N ARG F 63 -57.51 46.36 23.81
CA ARG F 63 -56.17 46.18 23.30
C ARG F 63 -55.17 46.99 24.12
N GLY F 64 -54.24 46.31 24.77
CA GLY F 64 -53.25 46.98 25.57
C GLY F 64 -53.07 46.33 26.92
N PHE F 65 -54.02 45.48 27.31
CA PHE F 65 -53.95 44.77 28.57
C PHE F 65 -53.59 43.32 28.28
N SER F 66 -53.64 42.48 29.31
CA SER F 66 -53.54 41.04 29.16
C SER F 66 -54.86 40.40 29.58
N LEU F 67 -54.96 39.10 29.40
CA LEU F 67 -56.06 38.36 29.97
C LEU F 67 -55.80 38.18 31.47
N LYS F 68 -56.87 37.91 32.22
CA LYS F 68 -56.77 37.79 33.68
C LYS F 68 -55.87 36.63 34.09
N LEU F 69 -55.25 36.72 35.26
CA LEU F 69 -54.17 35.83 35.62
C LEU F 69 -54.68 34.63 36.40
N SER F 70 -54.13 33.46 36.09
CA SER F 70 -54.34 32.29 36.93
C SER F 70 -53.48 32.39 38.19
N ALA F 71 -53.86 31.62 39.21
CA ALA F 71 -53.32 31.85 40.54
C ALA F 71 -52.44 30.73 41.07
N GLU F 72 -52.98 29.51 41.21
CA GLU F 72 -52.32 28.51 42.05
C GLU F 72 -52.31 27.12 41.45
N ASN F 73 -52.26 27.01 40.13
CA ASN F 73 -52.14 25.69 39.53
C ASN F 73 -50.73 25.15 39.69
N ASP F 74 -50.63 23.82 39.75
CA ASP F 74 -49.43 23.11 40.16
C ASP F 74 -48.33 23.26 39.11
N PHE F 75 -47.12 22.86 39.48
CA PHE F 75 -46.01 22.91 38.55
C PHE F 75 -46.21 21.86 37.46
N SER F 76 -46.69 20.67 37.85
CA SER F 76 -46.96 19.63 36.86
C SER F 76 -48.31 19.77 36.19
N SER F 77 -49.06 20.83 36.49
CA SER F 77 -50.38 21.05 35.91
C SER F 77 -50.56 22.50 35.52
N ASP F 78 -49.53 23.09 34.90
CA ASP F 78 -49.54 24.50 34.55
C ASP F 78 -49.65 24.62 33.04
N SER F 79 -50.72 25.27 32.58
CA SER F 79 -50.95 25.48 31.14
C SER F 79 -51.53 26.86 30.95
N PRO F 80 -50.68 27.87 30.73
CA PRO F 80 -51.18 29.21 30.42
C PRO F 80 -51.69 29.27 28.98
N GLU F 81 -52.45 30.32 28.71
CA GLU F 81 -52.89 30.64 27.37
C GLU F 81 -52.13 31.84 26.84
N ARG F 82 -52.20 32.04 25.52
CA ARG F 82 -51.42 33.08 24.87
C ARG F 82 -51.92 34.47 25.26
N LYS F 83 -53.19 34.58 25.61
CA LYS F 83 -53.79 35.88 25.88
C LYS F 83 -53.33 36.47 27.21
N MET F 84 -52.78 35.66 28.11
CA MET F 84 -52.30 36.16 29.39
C MET F 84 -50.78 36.21 29.48
N LEU F 85 -50.08 36.06 28.36
CA LEU F 85 -48.63 36.11 28.37
C LEU F 85 -48.15 37.35 27.64
N PRO F 86 -47.55 38.33 28.32
CA PRO F 86 -46.89 39.42 27.61
C PRO F 86 -45.70 38.93 26.82
N CYS F 87 -45.54 39.46 25.62
CA CYS F 87 -44.49 39.03 24.71
C CYS F 87 -43.57 40.21 24.41
N TYR F 88 -42.58 39.96 23.57
CA TYR F 88 -41.67 41.00 23.13
C TYR F 88 -42.18 41.67 21.86
N SER F 89 -41.88 42.96 21.74
CA SER F 89 -42.11 43.70 20.52
C SER F 89 -40.80 43.79 19.76
N THR F 90 -40.89 43.72 18.43
CA THR F 90 -39.70 43.83 17.60
C THR F 90 -40.11 44.43 16.27
N ALA F 91 -39.11 44.95 15.54
CA ALA F 91 -39.35 45.55 14.23
C ALA F 91 -38.03 45.63 13.47
N ARG F 92 -38.14 45.52 12.16
CA ARG F 92 -37.02 45.75 11.25
C ARG F 92 -37.33 47.01 10.46
N ILE F 93 -36.38 47.93 10.43
CA ILE F 93 -36.53 49.19 9.69
C ILE F 93 -35.66 49.08 8.44
N PRO F 94 -36.24 48.98 7.24
CA PRO F 94 -35.44 48.88 6.03
C PRO F 94 -34.72 50.19 5.73
N LEU F 95 -33.43 50.10 5.44
CA LEU F 95 -32.63 51.25 5.10
C LEU F 95 -32.16 51.16 3.65
N PRO F 96 -31.98 52.28 2.96
CA PRO F 96 -31.54 52.22 1.56
C PRO F 96 -30.08 51.85 1.44
N ASN F 97 -29.74 51.25 0.30
CA ASN F 97 -28.36 50.94 -0.01
C ASN F 97 -27.59 52.24 -0.29
N LEU F 98 -26.32 52.24 0.07
CA LEU F 98 -25.54 53.48 0.14
C LEU F 98 -24.44 53.54 -0.90
N ASN F 99 -24.15 52.44 -1.58
CA ASN F 99 -23.02 52.35 -2.51
C ASN F 99 -23.59 52.21 -3.92
N GLU F 100 -23.91 53.33 -4.53
CA GLU F 100 -24.45 53.34 -5.88
C GLU F 100 -23.67 54.33 -6.72
N ASP F 101 -23.08 55.32 -6.08
CA ASP F 101 -22.42 56.41 -6.77
C ASP F 101 -20.99 56.65 -6.31
N LEU F 102 -20.47 55.82 -5.40
CA LEU F 102 -19.10 55.98 -4.91
C LEU F 102 -18.12 55.35 -5.89
N THR F 103 -16.85 55.28 -5.50
CA THR F 103 -15.82 54.70 -6.34
C THR F 103 -15.76 53.19 -6.10
N CYS F 104 -14.72 52.55 -6.61
CA CYS F 104 -14.57 51.11 -6.52
C CYS F 104 -13.67 50.74 -5.36
N GLY F 105 -13.96 49.58 -4.75
CA GLY F 105 -13.22 49.14 -3.59
C GLY F 105 -13.46 50.02 -2.39
N ASN F 106 -14.69 50.52 -2.24
CA ASN F 106 -15.01 51.53 -1.25
C ASN F 106 -16.39 51.20 -0.69
N LEU F 107 -16.43 50.70 0.54
CA LEU F 107 -17.64 50.16 1.13
C LEU F 107 -18.03 51.02 2.32
N LEU F 108 -19.33 51.14 2.57
CA LEU F 108 -19.84 52.14 3.50
C LEU F 108 -21.22 51.73 3.96
N MET F 109 -21.41 51.58 5.27
CA MET F 109 -22.68 51.11 5.83
C MET F 109 -23.24 52.15 6.79
N TRP F 110 -24.41 51.84 7.34
CA TRP F 110 -25.03 52.69 8.34
C TRP F 110 -24.41 52.43 9.71
N GLU F 111 -24.76 53.28 10.67
CA GLU F 111 -24.20 53.18 12.01
C GLU F 111 -25.13 53.89 12.97
N ALA F 112 -25.76 53.15 13.89
CA ALA F 112 -26.55 53.77 14.93
C ALA F 112 -25.61 54.41 15.95
N VAL F 113 -25.75 55.70 16.16
CA VAL F 113 -24.86 56.44 17.04
C VAL F 113 -25.52 56.73 18.39
N THR F 114 -26.80 57.05 18.37
CA THR F 114 -27.48 57.58 19.55
C THR F 114 -28.95 57.19 19.47
N VAL F 115 -29.45 56.57 20.52
CA VAL F 115 -30.89 56.35 20.66
C VAL F 115 -31.40 57.29 21.74
N GLN F 116 -32.61 57.79 21.55
CA GLN F 116 -33.30 58.61 22.54
C GLN F 116 -34.68 57.99 22.71
N THR F 117 -34.88 57.27 23.81
CA THR F 117 -36.10 56.53 24.02
C THR F 117 -36.93 57.18 25.10
N GLU F 118 -38.19 56.75 25.18
CA GLU F 118 -39.25 57.34 25.98
C GLU F 118 -40.47 56.45 25.85
N VAL F 119 -41.27 56.38 26.91
CA VAL F 119 -42.47 55.56 26.96
C VAL F 119 -43.69 56.47 26.80
N ILE F 120 -44.55 56.16 25.83
CA ILE F 120 -45.72 56.99 25.55
C ILE F 120 -46.87 56.51 26.41
N GLY F 121 -47.59 57.45 27.01
CA GLY F 121 -48.84 57.15 27.65
C GLY F 121 -48.79 56.94 29.14
N ILE F 122 -47.79 57.52 29.82
CA ILE F 122 -47.51 57.13 31.18
C ILE F 122 -48.44 57.83 32.16
N THR F 123 -49.01 58.96 31.75
CA THR F 123 -49.92 59.68 32.62
C THR F 123 -51.32 59.10 32.60
N SER F 124 -51.57 58.07 31.80
CA SER F 124 -52.88 57.43 31.75
C SER F 124 -53.14 56.55 32.96
N MET F 125 -52.12 56.30 33.79
CA MET F 125 -52.29 55.56 35.03
C MET F 125 -53.02 56.37 36.10
N LEU F 126 -53.17 57.68 35.89
CA LEU F 126 -53.97 58.55 36.73
C LEU F 126 -55.46 58.37 36.52
N ASN F 127 -55.87 57.55 35.56
CA ASN F 127 -57.27 57.19 35.35
C ASN F 127 -57.67 56.20 36.44
N LEU F 128 -58.02 56.75 37.61
CA LEU F 128 -58.46 55.93 38.73
C LEU F 128 -59.96 55.76 38.77
N HIS F 129 -60.69 56.45 37.90
CA HIS F 129 -62.15 56.35 37.82
C HIS F 129 -62.59 55.31 36.81
N ALA F 130 -61.70 54.41 36.40
CA ALA F 130 -62.02 53.36 35.45
C ALA F 130 -62.55 52.16 36.24
N GLY F 131 -62.57 50.99 35.61
CA GLY F 131 -62.97 49.79 36.31
C GLY F 131 -61.91 49.18 37.21
N SER F 132 -61.32 49.98 38.09
CA SER F 132 -60.28 49.53 39.00
C SER F 132 -60.93 48.96 40.25
N GLN F 133 -60.13 48.55 41.23
CA GLN F 133 -60.66 48.08 42.50
C GLN F 133 -60.72 49.24 43.48
N LYS F 134 -61.81 49.27 44.23
CA LYS F 134 -62.02 50.31 45.23
C LYS F 134 -61.08 50.08 46.40
N VAL F 135 -60.32 51.13 46.76
CA VAL F 135 -59.20 50.94 47.67
C VAL F 135 -59.64 50.83 49.14
N HIS F 136 -60.61 51.62 49.58
CA HIS F 136 -61.21 51.48 50.89
C HIS F 136 -62.70 51.73 50.71
N GLU F 137 -63.42 51.99 51.82
CA GLU F 137 -64.88 51.91 51.81
C GLU F 137 -65.53 52.95 50.90
N HIS F 138 -65.04 54.17 50.92
CA HIS F 138 -65.45 55.19 49.96
C HIS F 138 -64.18 55.81 49.40
N GLY F 139 -63.59 55.17 48.40
CA GLY F 139 -62.30 55.63 47.94
C GLY F 139 -62.22 55.55 46.43
N GLY F 140 -61.09 56.01 45.90
CA GLY F 140 -60.86 55.94 44.47
C GLY F 140 -60.48 54.55 44.04
N GLY F 141 -60.11 54.45 42.76
CA GLY F 141 -59.67 53.17 42.24
C GLY F 141 -58.25 52.87 42.66
N LYS F 142 -57.93 51.60 42.71
CA LYS F 142 -56.57 51.18 42.96
C LYS F 142 -55.71 51.47 41.74
N PRO F 143 -54.58 52.15 41.90
CA PRO F 143 -53.71 52.42 40.75
C PRO F 143 -52.94 51.16 40.34
N ILE F 144 -52.22 51.29 39.24
CA ILE F 144 -51.48 50.17 38.67
C ILE F 144 -50.16 50.04 39.39
N GLN F 145 -49.92 48.88 39.98
CA GLN F 145 -48.69 48.63 40.72
C GLN F 145 -48.43 47.14 40.74
N GLY F 146 -47.16 46.79 40.67
CA GLY F 146 -46.76 45.40 40.61
C GLY F 146 -45.45 45.30 39.86
N SER F 147 -45.09 44.05 39.55
CA SER F 147 -43.82 43.76 38.89
C SER F 147 -43.83 44.32 37.48
N ASN F 148 -43.11 45.41 37.27
CA ASN F 148 -42.96 46.01 35.97
C ASN F 148 -41.67 45.50 35.31
N PHE F 149 -41.47 45.87 34.05
CA PHE F 149 -40.29 45.49 33.28
C PHE F 149 -40.16 46.42 32.10
N HIS F 150 -39.04 47.11 31.97
CA HIS F 150 -38.81 48.03 30.87
C HIS F 150 -37.52 47.67 30.17
N PHE F 151 -37.56 47.61 28.85
CA PHE F 151 -36.47 47.07 28.05
C PHE F 151 -36.52 47.69 26.67
N PHE F 152 -35.34 47.94 26.09
CA PHE F 152 -35.26 48.29 24.67
C PHE F 152 -33.89 47.88 24.15
N ALA F 153 -33.84 47.58 22.85
CA ALA F 153 -32.62 47.14 22.19
C ALA F 153 -32.56 47.75 20.81
N VAL F 154 -31.39 48.28 20.45
CA VAL F 154 -31.17 48.89 19.15
C VAL F 154 -29.93 48.24 18.54
N GLY F 155 -30.09 47.64 17.37
CA GLY F 155 -28.93 47.02 16.74
C GLY F 155 -29.12 46.82 15.27
N GLY F 156 -28.02 46.47 14.62
CA GLY F 156 -28.02 46.12 13.21
C GLY F 156 -28.34 44.68 12.92
N ASP F 157 -28.41 43.84 13.95
CA ASP F 157 -28.77 42.45 13.89
C ASP F 157 -30.01 42.21 14.73
N PRO F 158 -30.76 41.13 14.49
CA PRO F 158 -31.87 40.80 15.38
C PRO F 158 -31.37 40.47 16.77
N LEU F 159 -32.20 40.76 17.76
CA LEU F 159 -31.83 40.55 19.15
C LEU F 159 -31.77 39.07 19.44
N GLU F 160 -30.66 38.62 19.98
CA GLU F 160 -30.40 37.20 20.17
C GLU F 160 -30.70 36.86 21.62
N MET F 161 -31.58 35.88 21.81
CA MET F 161 -32.22 35.61 23.08
C MET F 161 -31.56 34.43 23.81
N GLN F 162 -32.04 34.19 25.03
CA GLN F 162 -31.60 33.10 25.87
C GLN F 162 -32.80 32.62 26.67
N GLY F 163 -33.05 31.32 26.63
CA GLY F 163 -34.26 30.79 27.24
C GLY F 163 -34.07 30.29 28.65
N VAL F 164 -34.49 31.08 29.63
CA VAL F 164 -34.50 30.68 31.03
C VAL F 164 -35.92 30.82 31.53
N LEU F 165 -36.44 29.79 32.17
CA LEU F 165 -37.80 29.84 32.70
C LEU F 165 -37.91 28.91 33.89
N MET F 166 -38.55 29.38 34.95
CA MET F 166 -38.90 28.46 36.02
C MET F 166 -40.06 27.57 35.57
N ASN F 167 -40.23 26.44 36.25
CA ASN F 167 -41.30 25.47 36.02
C ASN F 167 -41.28 24.98 34.57
N TYR F 168 -40.28 24.17 34.26
CA TYR F 168 -40.06 23.71 32.88
C TYR F 168 -41.17 22.80 32.35
N ARG F 169 -42.15 22.44 33.17
CA ARG F 169 -43.30 21.67 32.72
C ARG F 169 -44.52 22.53 32.43
N THR F 170 -44.35 23.84 32.22
CA THR F 170 -45.45 24.65 31.74
C THR F 170 -45.74 24.34 30.28
N LYS F 171 -47.00 24.13 29.97
CA LYS F 171 -47.42 23.82 28.60
C LYS F 171 -47.84 25.11 27.92
N TYR F 172 -47.09 25.51 26.91
CA TYR F 172 -47.41 26.75 26.24
C TYR F 172 -48.23 26.49 24.98
N PRO F 173 -49.09 27.44 24.58
CA PRO F 173 -49.90 27.23 23.38
C PRO F 173 -49.11 27.30 22.08
N ASP F 174 -49.81 27.12 20.96
CA ASP F 174 -49.17 27.05 19.67
C ASP F 174 -48.67 28.41 19.17
N GLY F 175 -49.29 29.51 19.62
CA GLY F 175 -48.93 30.82 19.11
C GLY F 175 -47.58 31.31 19.60
N THR F 176 -47.15 30.85 20.77
CA THR F 176 -45.91 31.30 21.38
C THR F 176 -44.78 30.34 21.05
N ILE F 177 -43.65 30.89 20.62
CA ILE F 177 -42.47 30.09 20.34
C ILE F 177 -41.52 30.24 21.53
N THR F 178 -41.71 29.36 22.49
CA THR F 178 -41.04 29.15 23.77
C THR F 178 -39.89 28.16 23.57
N PRO F 179 -38.89 28.10 24.45
CA PRO F 179 -37.71 27.28 24.14
C PRO F 179 -38.01 25.80 24.23
N LYS F 180 -37.64 25.09 23.17
CA LYS F 180 -38.06 23.71 23.00
C LYS F 180 -37.16 22.77 23.77
N ASN F 181 -37.71 21.59 24.07
CA ASN F 181 -37.13 20.53 24.91
C ASN F 181 -36.60 21.05 26.24
N PRO F 182 -37.45 21.46 27.18
CA PRO F 182 -36.94 21.93 28.46
C PRO F 182 -36.63 20.77 29.39
N THR F 183 -35.55 20.93 30.14
CA THR F 183 -35.18 20.01 31.21
C THR F 183 -35.19 20.78 32.52
N ALA F 184 -34.72 20.14 33.59
CA ALA F 184 -34.57 20.83 34.86
C ALA F 184 -33.46 21.86 34.82
N GLN F 185 -32.55 21.78 33.85
CA GLN F 185 -31.54 22.79 33.63
C GLN F 185 -32.07 24.02 32.91
N SER F 186 -33.33 24.01 32.47
CA SER F 186 -33.92 25.20 31.89
C SER F 186 -34.41 26.18 32.95
N GLN F 187 -34.48 25.75 34.20
CA GLN F 187 -34.76 26.65 35.32
C GLN F 187 -33.51 27.40 35.76
N VAL F 188 -32.38 27.09 35.15
CA VAL F 188 -31.09 27.68 35.43
C VAL F 188 -30.53 27.95 34.03
N MET F 189 -29.28 28.40 33.91
CA MET F 189 -28.69 28.62 32.60
C MET F 189 -28.53 27.31 31.82
N ASN F 190 -29.18 27.23 30.67
CA ASN F 190 -29.04 26.12 29.74
C ASN F 190 -28.61 26.69 28.40
N THR F 191 -27.51 26.16 27.87
CA THR F 191 -26.92 26.69 26.65
C THR F 191 -27.74 26.33 25.41
N ASP F 192 -28.54 25.27 25.47
CA ASP F 192 -29.29 24.80 24.31
C ASP F 192 -30.58 25.58 24.06
N HIS F 193 -30.76 26.77 24.63
CA HIS F 193 -31.97 27.54 24.36
C HIS F 193 -31.65 28.89 23.71
N LYS F 194 -30.80 28.87 22.70
CA LYS F 194 -30.52 30.08 21.92
C LYS F 194 -31.62 30.29 20.89
N ALA F 195 -31.93 31.56 20.63
CA ALA F 195 -32.89 31.92 19.59
C ALA F 195 -32.63 33.35 19.16
N TYR F 196 -33.42 33.81 18.20
CA TYR F 196 -33.46 35.19 17.75
C TYR F 196 -34.82 35.77 18.09
N LEU F 197 -34.84 37.09 18.28
CA LEU F 197 -36.11 37.79 18.44
C LEU F 197 -36.54 38.21 17.04
N ASP F 198 -37.27 37.32 16.37
CA ASP F 198 -37.57 37.47 14.95
C ASP F 198 -39.06 37.36 14.63
N LYS F 199 -39.93 37.53 15.63
CA LYS F 199 -41.36 37.52 15.38
C LYS F 199 -42.05 38.32 16.48
N ASN F 200 -42.87 39.28 16.10
CA ASN F 200 -43.63 40.06 17.06
C ASN F 200 -44.71 39.20 17.71
N ASN F 201 -44.97 39.46 19.00
CA ASN F 201 -46.07 38.89 19.77
C ASN F 201 -45.97 37.37 19.83
N ALA F 202 -44.75 36.84 19.80
CA ALA F 202 -44.54 35.40 19.82
C ALA F 202 -43.72 34.94 21.01
N TYR F 203 -42.57 35.56 21.24
CA TYR F 203 -41.67 35.18 22.30
C TYR F 203 -42.11 35.81 23.61
N PRO F 204 -42.59 35.04 24.58
CA PRO F 204 -43.09 35.64 25.82
C PRO F 204 -41.92 36.15 26.67
N VAL F 205 -42.22 37.13 27.52
CA VAL F 205 -41.16 37.75 28.30
C VAL F 205 -40.73 36.88 29.46
N GLU F 206 -41.59 35.97 29.94
CA GLU F 206 -41.25 35.15 31.09
C GLU F 206 -40.33 33.99 30.75
N CYS F 207 -40.03 33.79 29.46
CA CYS F 207 -39.22 32.68 29.02
C CYS F 207 -37.88 33.11 28.45
N TRP F 208 -37.75 34.35 28.00
CA TRP F 208 -36.61 34.76 27.19
C TRP F 208 -35.97 36.00 27.77
N VAL F 209 -34.67 35.93 28.02
CA VAL F 209 -33.87 37.09 28.36
C VAL F 209 -32.93 37.34 27.19
N PRO F 210 -32.47 38.57 26.94
CA PRO F 210 -31.46 38.79 25.91
C PRO F 210 -30.14 38.15 26.30
N ASP F 211 -29.55 37.44 25.36
CA ASP F 211 -28.38 36.61 25.61
C ASP F 211 -27.17 37.50 25.83
N PRO F 212 -26.54 37.46 27.02
CA PRO F 212 -25.45 38.40 27.30
C PRO F 212 -24.14 38.07 26.62
N SER F 213 -24.05 36.93 25.94
CA SER F 213 -22.81 36.54 25.28
C SER F 213 -22.82 36.74 23.78
N ARG F 214 -23.99 36.94 23.16
CA ARG F 214 -24.10 36.89 21.71
C ARG F 214 -24.47 38.21 21.04
N ASN F 215 -24.79 39.25 21.80
CA ASN F 215 -25.31 40.49 21.20
C ASN F 215 -24.16 41.49 21.06
N GLU F 216 -23.32 41.26 20.06
CA GLU F 216 -22.19 42.16 19.84
C GLU F 216 -22.53 43.32 18.91
N ASN F 217 -23.63 43.24 18.17
CA ASN F 217 -24.01 44.29 17.24
C ASN F 217 -25.29 45.00 17.67
N THR F 218 -25.82 44.67 18.84
CA THR F 218 -26.93 45.42 19.42
C THR F 218 -26.47 46.06 20.72
N ARG F 219 -27.33 46.92 21.25
CA ARG F 219 -27.11 47.56 22.54
C ARG F 219 -28.46 47.48 23.25
N TYR F 220 -28.57 46.66 24.28
CA TYR F 220 -29.83 46.54 24.98
C TYR F 220 -29.72 47.08 26.40
N PHE F 221 -30.82 47.64 26.88
CA PHE F 221 -30.90 48.29 28.17
C PHE F 221 -32.19 47.83 28.83
N GLY F 222 -32.09 47.28 30.03
CA GLY F 222 -33.28 46.78 30.68
C GLY F 222 -33.24 46.87 32.18
N THR F 223 -34.33 47.36 32.78
CA THR F 223 -34.46 47.49 34.22
C THR F 223 -35.80 46.91 34.62
N PHE F 224 -35.86 46.22 35.75
CA PHE F 224 -37.17 45.88 36.27
C PHE F 224 -37.14 45.82 37.79
N THR F 225 -38.29 46.11 38.39
CA THR F 225 -38.48 46.10 39.83
C THR F 225 -39.64 45.15 40.11
N GLY F 226 -39.34 43.97 40.63
CA GLY F 226 -40.36 42.96 40.79
C GLY F 226 -40.91 42.82 42.18
N GLY F 227 -42.09 43.35 42.44
CA GLY F 227 -42.66 43.27 43.76
C GLY F 227 -44.16 43.08 43.71
N GLU F 228 -44.72 42.74 44.86
CA GLU F 228 -46.17 42.63 45.00
C GLU F 228 -46.83 43.98 44.79
N ASN F 229 -46.21 45.05 45.30
CA ASN F 229 -46.73 46.40 45.13
C ASN F 229 -45.56 47.39 45.10
N VAL F 230 -45.04 47.62 43.90
CA VAL F 230 -44.02 48.65 43.71
C VAL F 230 -44.58 49.68 42.74
N PRO F 231 -44.22 50.96 42.87
CA PRO F 231 -44.75 51.96 41.97
C PRO F 231 -43.98 52.00 40.67
N PRO F 232 -44.66 52.10 39.55
CA PRO F 232 -43.96 52.44 38.31
C PRO F 232 -43.47 53.88 38.32
N VAL F 233 -42.16 54.06 38.45
CA VAL F 233 -41.53 55.37 38.41
C VAL F 233 -41.05 55.59 36.99
N LEU F 234 -41.65 56.55 36.28
CA LEU F 234 -41.40 56.74 34.86
C LEU F 234 -41.10 58.20 34.57
N HIS F 235 -39.89 58.47 34.10
CA HIS F 235 -39.50 59.80 33.65
C HIS F 235 -39.99 60.04 32.23
N VAL F 236 -40.12 61.31 31.88
CA VAL F 236 -40.49 61.71 30.53
C VAL F 236 -39.77 63.03 30.23
N THR F 237 -38.85 63.00 29.26
CA THR F 237 -37.91 64.08 29.03
C THR F 237 -37.40 63.98 27.60
N ASN F 238 -37.32 65.11 26.90
CA ASN F 238 -36.78 65.11 25.54
C ASN F 238 -35.33 65.55 25.46
N THR F 239 -34.66 65.74 26.59
CA THR F 239 -33.26 66.13 26.57
C THR F 239 -32.31 65.01 26.96
N ALA F 240 -32.82 63.83 27.28
CA ALA F 240 -31.96 62.72 27.61
C ALA F 240 -31.50 62.02 26.34
N THR F 241 -30.35 61.37 26.41
CA THR F 241 -29.66 60.87 25.23
C THR F 241 -28.76 59.70 25.62
N THR F 242 -28.95 58.57 24.96
CA THR F 242 -28.14 57.38 25.19
C THR F 242 -27.17 57.23 24.03
N VAL F 243 -25.89 57.11 24.32
CA VAL F 243 -24.86 56.92 23.31
C VAL F 243 -24.66 55.43 23.10
N LEU F 244 -24.63 55.01 21.84
CA LEU F 244 -24.58 53.60 21.50
C LEU F 244 -23.19 53.12 21.08
N LEU F 245 -22.17 53.95 21.21
CA LEU F 245 -20.86 53.60 20.70
C LEU F 245 -20.15 52.66 21.66
N ASP F 246 -19.27 51.84 21.10
CA ASP F 246 -18.52 50.85 21.87
C ASP F 246 -17.17 51.45 22.29
N GLU F 247 -16.24 50.57 22.70
CA GLU F 247 -14.90 51.01 23.09
C GLU F 247 -14.13 51.63 21.93
N GLN F 248 -14.33 51.10 20.72
CA GLN F 248 -13.58 51.58 19.56
C GLN F 248 -14.19 52.83 18.94
N GLY F 249 -15.40 53.20 19.34
CA GLY F 249 -16.05 54.36 18.78
C GLY F 249 -17.05 54.08 17.69
N VAL F 250 -17.45 52.83 17.48
CA VAL F 250 -18.43 52.49 16.47
C VAL F 250 -19.72 52.04 17.17
N GLY F 251 -20.84 52.25 16.50
CA GLY F 251 -22.11 51.84 17.05
C GLY F 251 -22.54 50.54 16.44
N PRO F 252 -23.82 50.22 16.57
CA PRO F 252 -24.37 49.10 15.81
C PRO F 252 -24.34 49.32 14.31
N LEU F 253 -23.52 48.56 13.60
CA LEU F 253 -23.48 48.62 12.15
C LEU F 253 -24.63 47.82 11.56
N CYS F 254 -25.27 48.39 10.55
CA CYS F 254 -26.37 47.72 9.87
C CYS F 254 -25.77 46.88 8.76
N LYS F 255 -25.54 45.59 9.05
CA LYS F 255 -24.92 44.63 8.15
C LYS F 255 -25.74 44.42 6.89
N ALA F 256 -26.89 43.79 7.03
CA ALA F 256 -27.93 43.99 6.04
C ALA F 256 -28.46 45.40 6.22
N ASP F 257 -28.99 45.96 5.14
CA ASP F 257 -29.51 47.33 5.20
C ASP F 257 -30.81 47.30 5.97
N SER F 258 -30.69 47.28 7.30
CA SER F 258 -31.80 47.02 8.20
C SER F 258 -31.41 47.48 9.59
N LEU F 259 -32.34 48.12 10.28
CA LEU F 259 -32.15 48.58 11.66
C LEU F 259 -33.16 47.85 12.51
N TYR F 260 -32.68 47.10 13.50
CA TYR F 260 -33.53 46.25 14.30
C TYR F 260 -33.81 46.91 15.63
N VAL F 261 -35.10 47.12 15.90
CA VAL F 261 -35.56 47.84 17.08
C VAL F 261 -36.52 46.93 17.82
N SER F 262 -36.26 46.70 19.10
CA SER F 262 -37.08 45.80 19.90
C SER F 262 -37.20 46.37 21.30
N ALA F 263 -38.31 46.02 21.96
CA ALA F 263 -38.64 46.59 23.26
C ALA F 263 -39.68 45.72 23.93
N ALA F 264 -39.82 45.90 25.25
CA ALA F 264 -40.85 45.20 26.02
C ALA F 264 -41.09 46.03 27.28
N ASP F 265 -42.27 46.65 27.38
CA ASP F 265 -42.58 47.51 28.51
C ASP F 265 -43.80 46.99 29.24
N ILE F 266 -43.59 46.23 30.30
CA ILE F 266 -44.65 45.88 31.24
C ILE F 266 -44.68 46.95 32.33
N CYS F 267 -45.86 47.49 32.61
CA CYS F 267 -45.95 48.63 33.52
C CYS F 267 -46.84 48.36 34.73
N GLY F 268 -46.98 47.10 35.12
CA GLY F 268 -47.65 46.75 36.36
C GLY F 268 -48.90 45.94 36.12
N LEU F 269 -49.68 45.80 37.19
CA LEU F 269 -50.87 44.96 37.21
C LEU F 269 -52.11 45.80 37.43
N PHE F 270 -52.97 45.89 36.42
CA PHE F 270 -54.28 46.48 36.59
C PHE F 270 -55.17 45.51 37.32
N THR F 271 -55.79 45.96 38.41
CA THR F 271 -56.68 45.13 39.20
C THR F 271 -58.13 45.52 38.92
N ASN F 272 -58.94 44.56 38.50
CA ASN F 272 -60.31 44.82 38.08
C ASN F 272 -61.20 45.07 39.29
N SER F 273 -62.51 45.23 39.03
CA SER F 273 -63.45 45.51 40.10
C SER F 273 -63.66 44.29 40.99
N SER F 274 -63.65 43.09 40.39
CA SER F 274 -63.74 41.86 41.15
C SER F 274 -62.41 41.42 41.71
N GLY F 275 -61.32 42.13 41.40
CA GLY F 275 -60.01 41.79 41.87
C GLY F 275 -59.12 41.13 40.85
N THR F 276 -59.67 40.68 39.72
CA THR F 276 -58.96 39.87 38.75
C THR F 276 -57.88 40.69 38.07
N GLN F 277 -56.62 40.41 38.41
CA GLN F 277 -55.51 41.19 37.92
C GLN F 277 -55.17 40.84 36.48
N GLN F 278 -54.59 41.82 35.79
CA GLN F 278 -54.15 41.64 34.40
C GLN F 278 -53.10 42.70 34.12
N TRP F 279 -52.22 42.38 33.17
CA TRP F 279 -51.07 43.23 32.89
C TRP F 279 -51.48 44.49 32.14
N ARG F 280 -50.55 45.43 32.02
CA ARG F 280 -50.76 46.58 31.16
C ARG F 280 -49.42 47.10 30.67
N GLY F 281 -49.32 47.31 29.37
CA GLY F 281 -48.10 47.85 28.80
C GLY F 281 -48.34 49.14 28.05
N LEU F 282 -47.25 49.84 27.73
CA LEU F 282 -47.31 51.11 27.03
C LEU F 282 -46.31 51.13 25.90
N ALA F 283 -46.58 51.93 24.89
CA ALA F 283 -45.70 52.00 23.74
C ALA F 283 -44.43 52.76 24.06
N ARG F 284 -43.40 52.51 23.26
CA ARG F 284 -42.08 53.04 23.52
C ARG F 284 -41.54 53.77 22.30
N TYR F 285 -41.17 55.02 22.50
CA TYR F 285 -40.65 55.87 21.45
C TYR F 285 -39.18 55.59 21.21
N PHE F 286 -38.76 55.72 19.95
CA PHE F 286 -37.36 55.54 19.57
C PHE F 286 -36.96 56.69 18.67
N LYS F 287 -35.77 57.23 18.89
CA LYS F 287 -35.19 58.25 18.00
C LYS F 287 -33.73 57.89 17.78
N ILE F 288 -33.44 57.23 16.67
CA ILE F 288 -32.11 56.71 16.39
C ILE F 288 -31.41 57.68 15.45
N ARG F 289 -30.20 58.08 15.81
CA ARG F 289 -29.38 58.99 15.02
C ARG F 289 -28.37 58.16 14.24
N LEU F 290 -28.53 58.08 12.93
CA LEU F 290 -27.70 57.25 12.08
C LEU F 290 -26.64 58.09 11.39
N ARG F 291 -25.58 57.42 10.92
CA ARG F 291 -24.61 58.06 10.04
C ARG F 291 -23.98 57.01 9.16
N LYS F 292 -23.10 57.44 8.27
CA LYS F 292 -22.49 56.60 7.24
C LYS F 292 -21.08 56.25 7.67
N ARG F 293 -20.90 55.02 8.13
CA ARG F 293 -19.59 54.53 8.56
C ARG F 293 -18.88 53.85 7.39
N SER F 294 -17.66 54.29 7.11
CA SER F 294 -16.85 53.63 6.10
C SER F 294 -16.21 52.39 6.68
N VAL F 295 -16.49 51.23 6.07
CA VAL F 295 -16.00 49.95 6.55
C VAL F 295 -15.22 49.28 5.42
N LYS F 296 -14.62 48.14 5.75
CA LYS F 296 -13.89 47.34 4.78
C LYS F 296 -14.78 46.20 4.29
N ASN F 297 -14.75 45.94 2.98
CA ASN F 297 -15.45 44.84 2.33
C ASN F 297 -14.92 43.52 2.88
N PRO F 298 -15.74 42.76 3.59
CA PRO F 298 -15.23 41.52 4.19
C PRO F 298 -15.17 40.37 3.20
N TYR F 299 -15.98 40.44 2.14
CA TYR F 299 -16.24 39.30 1.26
C TYR F 299 -15.90 39.69 -0.18
N PRO F 300 -14.69 39.39 -0.63
CA PRO F 300 -14.36 39.62 -2.04
C PRO F 300 -15.01 38.61 -2.97
N ILE F 301 -14.67 38.65 -4.27
CA ILE F 301 -15.26 37.72 -5.21
C ILE F 301 -14.74 36.30 -5.04
N SER F 302 -13.68 36.10 -4.25
CA SER F 302 -13.26 34.74 -3.91
C SER F 302 -14.27 34.10 -2.96
N PHE F 303 -14.78 34.87 -1.99
CA PHE F 303 -15.87 34.38 -1.16
C PHE F 303 -17.15 34.25 -1.97
N LEU F 304 -17.30 35.06 -3.00
CA LEU F 304 -18.55 35.17 -3.71
C LEU F 304 -18.68 34.11 -4.80
N LEU F 305 -17.57 33.81 -5.49
CA LEU F 305 -17.53 32.66 -6.39
C LEU F 305 -17.75 31.36 -5.65
N SER F 306 -17.14 31.22 -4.47
CA SER F 306 -17.19 29.97 -3.72
C SER F 306 -18.55 29.67 -3.14
N ASP F 307 -19.49 30.62 -3.16
CA ASP F 307 -20.86 30.33 -2.79
C ASP F 307 -21.68 29.79 -3.97
N LEU F 308 -21.23 30.04 -5.21
CA LEU F 308 -21.85 29.37 -6.35
C LEU F 308 -21.53 27.88 -6.36
N ILE F 309 -20.28 27.53 -6.09
CA ILE F 309 -19.87 26.13 -6.00
C ILE F 309 -20.55 25.46 -4.81
N ASN F 310 -20.77 26.22 -3.75
CA ASN F 310 -21.64 25.79 -2.64
C ASN F 310 -23.04 25.48 -3.11
N ARG F 311 -23.62 26.32 -3.98
CA ARG F 311 -24.98 26.10 -4.44
C ARG F 311 -25.05 25.19 -5.67
N ARG F 312 -23.99 24.44 -5.95
CA ARG F 312 -23.98 23.48 -7.04
C ARG F 312 -23.39 22.13 -6.67
N THR F 313 -22.73 22.03 -5.52
CA THR F 313 -22.14 20.77 -5.09
C THR F 313 -23.23 19.85 -4.55
N GLN F 314 -23.06 18.55 -4.80
CA GLN F 314 -23.97 17.54 -4.28
C GLN F 314 -23.92 17.50 -2.75
N ARG F 315 -25.08 17.47 -2.12
CA ARG F 315 -25.17 17.44 -0.67
C ARG F 315 -24.99 16.01 -0.20
N VAL F 316 -23.88 15.74 0.47
CA VAL F 316 -23.68 14.43 1.05
C VAL F 316 -24.25 14.42 2.47
N ASP F 317 -24.69 13.26 2.91
CA ASP F 317 -25.23 13.05 4.25
C ASP F 317 -24.42 11.91 4.87
N GLY F 318 -23.27 12.27 5.44
CA GLY F 318 -22.33 11.26 5.88
C GLY F 318 -22.18 11.14 7.37
N GLN F 319 -20.99 10.94 7.81
CA GLN F 319 -20.72 10.75 9.22
C GLN F 319 -20.41 12.08 9.89
N PRO F 320 -20.69 12.21 11.19
CA PRO F 320 -20.66 13.54 11.82
C PRO F 320 -19.28 14.13 12.00
N MET F 321 -18.81 14.92 11.04
CA MET F 321 -17.49 15.53 11.14
C MET F 321 -17.50 16.92 11.77
N TYR F 322 -18.57 17.28 12.49
CA TYR F 322 -18.64 18.55 13.19
C TYR F 322 -19.62 18.42 14.33
N GLY F 323 -19.44 19.25 15.35
CA GLY F 323 -20.40 19.33 16.44
C GLY F 323 -20.00 18.62 17.70
N MET F 324 -20.98 18.12 18.45
CA MET F 324 -20.70 17.44 19.71
C MET F 324 -20.25 16.00 19.48
N GLU F 325 -20.87 15.33 18.51
CA GLU F 325 -20.57 13.93 18.20
C GLU F 325 -19.53 13.79 17.10
N SER F 326 -18.61 14.76 16.99
CA SER F 326 -17.66 14.84 15.89
C SER F 326 -16.69 13.67 15.88
N GLN F 327 -16.18 13.36 14.69
CA GLN F 327 -15.23 12.28 14.51
C GLN F 327 -13.83 12.76 14.13
N VAL F 328 -13.63 14.07 14.00
CA VAL F 328 -12.28 14.61 13.82
C VAL F 328 -11.58 14.53 15.17
N GLU F 329 -10.50 13.76 15.24
CA GLU F 329 -9.83 13.51 16.50
C GLU F 329 -8.90 14.64 16.89
N GLU F 330 -8.22 15.24 15.91
CA GLU F 330 -7.16 16.19 16.19
C GLU F 330 -6.91 17.02 14.95
N VAL F 331 -6.69 18.32 15.15
CA VAL F 331 -6.26 19.22 14.09
C VAL F 331 -5.02 19.95 14.56
N ARG F 332 -3.92 19.77 13.82
CA ARG F 332 -2.72 20.57 14.00
C ARG F 332 -2.77 21.72 13.01
N VAL F 333 -2.25 22.88 13.40
CA VAL F 333 -2.12 24.04 12.51
C VAL F 333 -0.71 24.57 12.66
N PHE F 334 0.00 24.69 11.55
CA PHE F 334 1.37 25.16 11.53
C PHE F 334 1.45 26.47 10.77
N ASP F 335 2.32 27.38 11.20
CA ASP F 335 2.43 28.67 10.51
C ASP F 335 3.83 28.98 10.00
N GLY F 336 4.86 28.83 10.83
CA GLY F 336 6.17 29.29 10.43
C GLY F 336 7.26 28.30 10.76
N THR F 337 8.39 28.78 11.25
CA THR F 337 9.45 27.91 11.72
C THR F 337 9.67 28.12 13.21
N GLU F 338 10.34 27.15 13.83
CA GLU F 338 10.54 27.15 15.27
C GLU F 338 11.72 26.25 15.55
N ARG F 339 12.52 26.63 16.56
CA ARG F 339 13.52 25.73 17.09
C ARG F 339 12.85 24.48 17.63
N LEU F 340 13.50 23.34 17.43
CA LEU F 340 12.93 22.03 17.70
C LEU F 340 12.54 21.86 19.17
N PRO F 341 11.26 21.73 19.48
CA PRO F 341 10.86 21.60 20.88
C PRO F 341 11.18 20.23 21.42
N GLY F 342 11.55 20.19 22.69
CA GLY F 342 11.82 18.94 23.36
C GLY F 342 10.61 18.21 23.86
N ASP F 343 9.42 18.64 23.43
CA ASP F 343 8.15 18.11 23.88
C ASP F 343 7.30 17.91 22.63
N PRO F 344 7.34 16.73 22.00
CA PRO F 344 6.64 16.54 20.72
C PRO F 344 5.12 16.62 20.81
N ASP F 345 4.52 16.32 21.96
CA ASP F 345 3.16 16.72 22.25
C ASP F 345 3.21 18.03 23.03
N MET F 346 3.14 19.14 22.31
CA MET F 346 3.42 20.46 22.86
C MET F 346 2.27 20.88 23.76
N ILE F 347 2.31 20.37 24.99
CA ILE F 347 1.25 20.58 25.96
C ILE F 347 1.36 21.98 26.55
N ARG F 348 0.23 22.70 26.56
CA ARG F 348 0.20 24.10 26.96
C ARG F 348 -0.18 24.29 28.42
N TYR F 349 -1.24 23.63 28.87
CA TYR F 349 -1.70 23.80 30.23
C TYR F 349 -0.78 23.05 31.19
N ILE F 350 -0.17 23.79 32.11
CA ILE F 350 0.65 23.17 33.14
C ILE F 350 -0.23 22.40 34.14
N ASP F 351 -1.49 22.80 34.29
CA ASP F 351 -2.44 22.06 35.11
C ASP F 351 -3.83 22.33 34.56
N LYS F 352 -4.32 21.44 33.70
CA LYS F 352 -5.67 21.62 33.19
C LYS F 352 -6.71 20.94 34.05
N GLN F 353 -6.41 19.73 34.52
CA GLN F 353 -7.37 18.97 35.30
C GLN F 353 -7.45 19.44 36.75
N GLY F 354 -6.40 20.09 37.25
CA GLY F 354 -6.32 20.46 38.64
C GLY F 354 -5.47 19.54 39.48
N GLN F 355 -4.80 18.56 38.84
CA GLN F 355 -3.98 17.61 39.57
C GLN F 355 -2.72 18.28 40.11
N LEU F 356 -2.10 17.62 41.08
CA LEU F 356 -0.92 18.11 41.81
C LEU F 356 -1.10 19.52 42.38
N GLN F 357 -2.32 19.81 42.85
CA GLN F 357 -2.56 20.98 43.68
C GLN F 357 -2.89 20.54 45.11
N THR F 358 -2.63 21.44 46.04
CA THR F 358 -2.80 21.17 47.46
C THR F 358 -4.28 21.18 47.83
N LYS F 359 -4.71 20.15 48.56
CA LYS F 359 -6.03 20.16 49.16
C LYS F 359 -5.91 20.26 50.68
N THR G 288 -27.88 57.23 30.38
CA THR G 288 -28.27 58.33 29.50
C THR G 288 -27.51 59.61 29.85
N ALA G 289 -27.67 60.64 29.02
CA ALA G 289 -26.86 61.84 29.11
C ALA G 289 -27.69 63.01 28.57
N PRO G 290 -27.42 64.24 29.04
CA PRO G 290 -28.13 65.40 28.48
C PRO G 290 -27.75 65.73 27.05
N GLN G 291 -28.64 66.41 26.32
CA GLN G 291 -28.37 66.72 24.92
C GLN G 291 -27.31 67.80 24.74
N TRP G 292 -27.12 68.68 25.72
CA TRP G 292 -26.24 69.82 25.49
C TRP G 292 -24.76 69.45 25.55
N MET G 293 -24.42 68.29 26.09
CA MET G 293 -23.03 67.82 26.13
C MET G 293 -22.73 66.78 25.05
N LEU G 294 -23.60 66.65 24.07
CA LEU G 294 -23.48 65.63 23.03
C LEU G 294 -22.35 65.85 22.01
N PRO G 295 -22.01 67.08 21.56
CA PRO G 295 -20.78 67.17 20.74
C PRO G 295 -19.50 66.96 21.53
N LEU G 296 -19.54 67.14 22.85
CA LEU G 296 -18.36 66.88 23.67
C LEU G 296 -18.09 65.39 23.80
N LEU G 297 -19.15 64.58 23.91
CA LEU G 297 -18.97 63.15 24.09
C LEU G 297 -18.53 62.47 22.81
N LEU G 298 -19.11 62.87 21.67
CA LEU G 298 -18.75 62.27 20.40
C LEU G 298 -17.41 62.77 19.89
N GLY G 299 -16.94 63.90 20.41
CA GLY G 299 -15.74 64.55 19.88
C GLY G 299 -14.43 63.89 20.24
N LEU G 300 -14.44 63.04 21.27
CA LEU G 300 -13.20 62.45 21.76
C LEU G 300 -12.73 61.28 20.89
N TYR G 301 -13.58 60.86 19.96
CA TYR G 301 -13.24 59.73 19.10
C TYR G 301 -12.51 60.21 17.86
C1 SIA H . -28.94 -29.54 -18.32
C2 SIA H . -30.25 -29.68 -17.56
C3 SIA H . -30.37 -31.06 -16.94
C4 SIA H . -29.34 -31.30 -15.83
C5 SIA H . -29.25 -30.13 -14.81
C6 SIA H . -29.36 -28.75 -15.46
C7 SIA H . -29.72 -27.69 -14.42
C8 SIA H . -29.41 -26.25 -14.82
C9 SIA H . -30.12 -25.74 -16.07
C10 SIA H . -27.92 -30.50 -12.77
C11 SIA H . -26.54 -30.62 -12.20
N5 SIA H . -27.99 -30.28 -14.09
O1A SIA H . -28.37 -28.44 -18.35
O1B SIA H . -28.47 -30.54 -18.91
O4 SIA H . -29.70 -32.47 -15.09
O6 SIA H . -30.37 -28.74 -16.48
O7 SIA H . -31.12 -27.73 -14.10
O8 SIA H . -29.86 -25.44 -13.72
O9 SIA H . -29.26 -25.89 -17.20
O10 SIA H . -28.93 -30.56 -12.06
C1 SIA H . -27.71 -25.29 -12.63
C2 SIA H . -28.89 -24.52 -13.19
C3 SIA H . -29.62 -23.69 -12.12
C4 SIA H . -28.80 -22.48 -11.65
C5 SIA H . -28.36 -21.63 -12.83
C6 SIA H . -27.64 -22.53 -13.83
C7 SIA H . -27.20 -21.83 -15.10
C8 SIA H . -26.54 -22.85 -16.03
C9 SIA H . -25.89 -22.20 -17.24
C10 SIA H . -27.72 -19.28 -12.43
C11 SIA H . -26.62 -18.39 -11.92
N5 SIA H . -27.45 -20.58 -12.40
O1A SIA H . -27.81 -25.78 -11.48
O1B SIA H . -26.68 -25.43 -13.33
O4 SIA H . -29.60 -21.70 -10.74
O6 SIA H . -28.47 -23.62 -14.22
O7 SIA H . -28.33 -21.23 -15.74
O8 SIA H . -25.59 -23.62 -15.27
O9 SIA H . -25.38 -23.24 -18.10
O10 SIA H . -28.80 -18.83 -12.80
C1 SIA I . -33.55 -17.05 12.23
C2 SIA I . -33.85 -17.78 13.53
C3 SIA I . -34.25 -19.23 13.24
C4 SIA I . -33.08 -20.05 12.67
C5 SIA I . -31.77 -19.89 13.45
C6 SIA I . -31.51 -18.45 13.91
C7 SIA I . -30.46 -18.42 15.03
C8 SIA I . -29.78 -17.06 15.26
C9 SIA I . -30.71 -15.92 15.63
C10 SIA I . -29.91 -21.41 12.90
C11 SIA I . -28.86 -21.77 11.88
N5 SIA I . -30.67 -20.37 12.58
O1A SIA I . -32.66 -16.17 12.21
O1B SIA I . -34.21 -17.32 11.20
O4 SIA I . -33.43 -21.44 12.71
O6 SIA I . -32.70 -17.84 14.40
O7 SIA I . -31.04 -18.80 16.29
O8 SIA I . -28.89 -17.26 16.36
O9 SIA I . -31.05 -15.17 14.46
O10 SIA I . -30.04 -22.04 13.94
C1 SIA I . -26.93 -17.71 15.02
C2 SIA I . -27.52 -16.86 16.13
C3 SIA I . -26.79 -17.06 17.47
C4 SIA I . -25.40 -16.43 17.48
C5 SIA I . -25.46 -14.96 17.07
C6 SIA I . -26.19 -14.87 15.74
C7 SIA I . -26.40 -13.46 15.24
C8 SIA I . -27.19 -13.51 13.91
C9 SIA I . -27.27 -12.15 13.23
C10 SIA I . -23.60 -13.47 17.70
C11 SIA I . -22.20 -13.06 17.33
N5 SIA I . -24.13 -14.41 16.91
O1A SIA I . -26.51 -18.85 15.28
O1B SIA I . -26.89 -17.23 13.85
O4 SIA I . -24.83 -16.55 18.79
O6 SIA I . -27.49 -15.48 15.82
O7 SIA I . -27.12 -12.70 16.21
O8 SIA I . -26.59 -14.50 13.05
O9 SIA I . -28.11 -12.27 12.07
O10 SIA I . -24.19 -12.99 18.65
C1 SIA J . -9.46 -29.11 32.12
C2 SIA J . -9.17 -30.56 32.50
C3 SIA J . -10.35 -31.45 32.12
C4 SIA J . -10.52 -31.56 30.60
C5 SIA J . -9.22 -31.84 29.83
C6 SIA J . -8.02 -31.09 30.40
C7 SIA J . -6.71 -31.72 29.91
C8 SIA J . -5.47 -30.82 30.00
C9 SIA J . -5.11 -30.33 31.40
C10 SIA J . -9.39 -32.41 27.44
C11 SIA J . -9.66 -31.89 26.06
N5 SIA J . -9.45 -31.51 28.42
O1A SIA J . -8.52 -28.38 31.75
O1B SIA J . -10.64 -28.68 32.20
O4 SIA J . -11.43 -32.63 30.31
O6 SIA J . -8.02 -31.09 31.82
O7 SIA J . -6.40 -32.90 30.67
O8 SIA J . -4.36 -31.63 29.56
O9 SIA J . -5.66 -29.02 31.60
O10 SIA J . -9.11 -33.58 27.65
C1 SIA J . -4.42 -30.85 27.27
C2 SIA J . -3.57 -31.06 28.51
C3 SIA J . -2.40 -32.03 28.27
C4 SIA J . -1.31 -31.45 27.38
C5 SIA J . -0.83 -30.11 27.92
C6 SIA J . -2.05 -29.21 28.11
C7 SIA J . -1.73 -27.85 28.71
C8 SIA J . -3.04 -27.06 28.90
C9 SIA J . -2.81 -25.62 29.31
C10 SIA J . 1.38 -29.26 27.21
C11 SIA J . 2.11 -28.58 26.09
N5 SIA J . 0.08 -29.47 26.98
O1A SIA J . -4.91 -29.72 27.04
O1B SIA J . -4.64 -31.83 26.52
O4 SIA J . -0.22 -32.37 27.30
O6 SIA J . -3.01 -29.83 28.97
O7 SIA J . -1.07 -28.03 29.97
O8 SIA J . -3.81 -27.14 27.68
O9 SIA J . -4.08 -25.00 29.56
O10 SIA J . 1.93 -29.61 28.25
C1 SIA K . 10.06 -49.11 13.64
C2 SIA K . 9.70 -50.40 12.91
C3 SIA K . 8.34 -50.90 13.36
C4 SIA K . 7.20 -49.97 12.94
C5 SIA K . 7.27 -49.53 11.47
C6 SIA K . 8.69 -49.25 10.98
C7 SIA K . 8.76 -49.26 9.45
C8 SIA K . 9.98 -48.54 8.85
C9 SIA K . 11.34 -49.10 9.25
C10 SIA K . 5.33 -48.34 10.53
C11 SIA K . 4.56 -47.04 10.50
N5 SIA K . 6.41 -48.35 11.31
O1A SIA K . 9.69 -48.97 14.84
O1B SIA K . 10.73 -48.24 13.05
O4 SIA K . 5.95 -50.64 13.13
O6 SIA K . 9.62 -50.22 11.48
O7 SIA K . 8.79 -50.61 8.96
O8 SIA K . 9.86 -48.73 7.43
O9 SIA K . 11.86 -48.34 10.34
O10 SIA K . 4.99 -49.31 9.86
C1 SIA K . 8.75 -46.62 7.01
C2 SIA K . 9.92 -47.52 6.64
C3 SIA K . 9.89 -47.96 5.17
C4 SIA K . 10.23 -46.83 4.21
C5 SIA K . 11.55 -46.17 4.57
C6 SIA K . 11.48 -45.75 6.04
C7 SIA K . 12.76 -45.15 6.57
C8 SIA K . 12.58 -44.83 8.07
C9 SIA K . 13.74 -44.03 8.64
C10 SIA K . 12.75 -44.87 2.85
C11 SIA K . 12.79 -43.53 2.14
N5 SIA K . 11.79 -44.98 3.77
O1A SIA K . 8.95 -45.68 7.83
O1B SIA K . 7.64 -46.84 6.49
O4 SIA K . 10.29 -47.34 2.86
O6 SIA K . 11.17 -46.88 6.87
O7 SIA K . 13.85 -46.07 6.39
O8 SIA K . 11.33 -44.13 8.24
O9 SIA K . 13.53 -43.87 10.06
O10 SIA K . 13.54 -45.77 2.60
C1 SIA L . -1.98 -49.34 -17.58
C2 SIA L . -3.33 -49.82 -18.08
C3 SIA L . -4.04 -50.64 -17.00
C4 SIA L . -4.44 -49.77 -15.79
C5 SIA L . -5.13 -48.45 -16.17
C6 SIA L . -4.52 -47.78 -17.40
C7 SIA L . -5.48 -46.74 -17.99
C8 SIA L . -4.84 -45.69 -18.90
C9 SIA L . -4.14 -46.23 -20.13
C10 SIA L . -6.15 -47.14 -14.36
C11 SIA L . -5.90 -46.25 -13.17
N5 SIA L . -5.07 -47.57 -15.00
O1A SIA L . -1.32 -50.08 -16.80
O1B SIA L . -1.53 -48.23 -17.96
O4 SIA L . -5.36 -50.51 -14.97
O6 SIA L . -4.20 -48.73 -18.43
O7 SIA L . -6.51 -47.38 -18.76
O8 SIA L . -5.93 -44.88 -19.36
O9 SIA L . -2.73 -46.36 -19.87
O10 SIA L . -7.29 -47.42 -14.71
C1 SIA L . -5.68 -43.16 -17.68
C2 SIA L . -5.76 -43.45 -19.18
C3 SIA L . -6.98 -42.79 -19.84
C4 SIA L . -6.82 -41.27 -19.96
C5 SIA L . -5.51 -40.91 -20.65
C6 SIA L . -4.38 -41.61 -19.91
C7 SIA L . -3.01 -41.40 -20.55
C8 SIA L . -1.96 -42.19 -19.74
C9 SIA L . -0.53 -41.88 -20.17
C10 SIA L . -5.29 -38.68 -21.68
C11 SIA L . -5.02 -37.22 -21.38
N5 SIA L . -5.28 -39.47 -20.61
O1A SIA L . -4.54 -43.01 -17.15
O1B SIA L . -6.73 -43.08 -17.03
O4 SIA L . -7.94 -40.73 -20.69
O6 SIA L . -4.60 -43.02 -19.86
O7 SIA L . -3.03 -41.83 -21.90
O8 SIA L . -2.15 -41.93 -18.34
O9 SIA L . 0.35 -42.74 -19.44
O10 SIA L . -5.51 -39.08 -22.81
C1 SIA M . -64.15 33.63 33.39
C2 SIA M . -65.59 34.06 33.60
C3 SIA M . -66.16 33.39 34.85
C4 SIA M . -65.48 33.90 36.14
C5 SIA M . -65.36 35.43 36.22
C6 SIA M . -65.00 36.09 34.89
C7 SIA M . -65.33 37.58 34.91
C8 SIA M . -64.61 38.42 33.85
C9 SIA M . -64.89 38.03 32.40
C10 SIA M . -64.65 36.41 38.37
C11 SIA M . -63.50 36.63 39.31
N5 SIA M . -64.36 35.74 37.24
O1A SIA M . -63.80 32.47 33.70
O1B SIA M . -63.34 34.45 32.89
O4 SIA M . -66.25 33.47 37.27
O6 SIA M . -65.72 35.49 33.80
O7 SIA M . -66.74 37.80 34.72
O8 SIA M . -65.11 39.77 34.02
O9 SIA M . -63.86 37.17 31.92
O10 SIA M . -65.77 36.84 38.60
C1 SIA M . -63.29 40.50 35.44
C2 SIA M . -64.10 40.78 34.18
C3 SIA M . -64.84 42.11 34.24
C4 SIA M . -63.89 43.32 34.13
C5 SIA M . -63.01 43.21 32.90
C6 SIA M . -62.32 41.86 32.93
C7 SIA M . -61.45 41.57 31.71
C8 SIA M . -60.84 40.16 31.85
C9 SIA M . -59.81 39.87 30.79
C10 SIA M . -61.95 45.26 32.00
C11 SIA M . -60.82 46.22 32.20
N5 SIA M . -62.01 44.26 32.88
O1A SIA M . -63.75 40.85 36.54
O1B SIA M . -62.18 39.90 35.33
O4 SIA M . -64.67 44.52 34.08
O6 SIA M . -63.27 40.79 33.02
O7 SIA M . -62.24 41.67 30.53
O8 SIA M . -60.29 40.02 33.17
O9 SIA M . -59.38 38.50 30.93
O10 SIA M . -62.79 45.39 31.10
CA CA N . 9.68 -10.08 -33.11
CA CA O . -11.77 11.12 -16.67
CA CA P . -1.80 13.15 16.14
CA CA Q . 26.16 -6.70 19.47
CA CA R . -19.57 37.97 23.10
CA CA S . 33.13 -20.71 -10.76
#